data_1NFA
#
_entry.id   1NFA
#
_cell.length_a   1.000
_cell.length_b   1.000
_cell.length_c   1.000
_cell.angle_alpha   90.00
_cell.angle_beta   90.00
_cell.angle_gamma   90.00
#
_symmetry.space_group_name_H-M   'P 1'
#
_entity_poly.entity_id   1
_entity_poly.type   'polypeptide(L)'
_entity_poly.pdbx_seq_one_letter_code
;MKDWQLPSHSGPYELRIEVQPKSHHRAHYETEGSRGAVKASAGGHPIVQLHGYLENEPLMLQLFIGTADDRLLRPHAFYQ
VHRITGKTVSTTSHEAILSNTKVLEIPLLPENSMRAVIDCAGILKLRNSDIELRKGETDIGRKNTRVRLVFRVHVPQPSG
RTLSLQVASNPIECSQRS
;
_entity_poly.pdbx_strand_id   A
#
# COMPACT_ATOMS: atom_id res chain seq x y z
N MET A 1 -30.20 -21.71 4.58
CA MET A 1 -29.59 -20.36 4.44
C MET A 1 -28.74 -20.32 3.17
N LYS A 2 -29.21 -19.62 2.16
CA LYS A 2 -28.44 -19.54 0.88
C LYS A 2 -28.82 -18.26 0.15
N ASP A 3 -28.68 -18.23 -1.14
CA ASP A 3 -29.04 -17.01 -1.92
C ASP A 3 -30.06 -17.36 -3.00
N TRP A 4 -31.18 -17.90 -2.61
CA TRP A 4 -32.22 -18.27 -3.62
C TRP A 4 -32.80 -16.99 -4.23
N GLN A 5 -33.00 -15.98 -3.43
CA GLN A 5 -33.55 -14.70 -3.97
C GLN A 5 -33.81 -13.73 -2.82
N LEU A 6 -32.78 -13.10 -2.32
CA LEU A 6 -32.96 -12.15 -1.19
C LEU A 6 -32.53 -10.75 -1.64
N PRO A 7 -33.45 -10.04 -2.27
CA PRO A 7 -33.19 -8.68 -2.75
C PRO A 7 -33.25 -7.67 -1.61
N SER A 8 -32.19 -7.58 -0.84
CA SER A 8 -32.17 -6.63 0.29
C SER A 8 -30.72 -6.27 0.62
N HIS A 9 -29.91 -6.07 -0.38
CA HIS A 9 -28.48 -5.72 -0.12
C HIS A 9 -28.03 -4.66 -1.12
N SER A 10 -26.85 -4.13 -0.94
CA SER A 10 -26.34 -3.09 -1.88
C SER A 10 -24.85 -2.89 -1.66
N GLY A 11 -24.08 -3.94 -1.74
CA GLY A 11 -22.61 -3.82 -1.52
C GLY A 11 -21.88 -4.81 -2.44
N PRO A 12 -21.43 -4.31 -3.57
CA PRO A 12 -20.70 -5.13 -4.56
C PRO A 12 -19.25 -5.36 -4.09
N TYR A 13 -18.39 -5.77 -4.98
CA TYR A 13 -16.97 -6.01 -4.59
C TYR A 13 -16.29 -4.67 -4.28
N GLU A 14 -15.55 -4.60 -3.20
CA GLU A 14 -14.87 -3.31 -2.87
C GLU A 14 -13.91 -3.52 -1.70
N LEU A 15 -12.67 -3.14 -1.85
CA LEU A 15 -11.69 -3.31 -0.74
C LEU A 15 -11.36 -1.93 -0.16
N ARG A 16 -12.12 -1.48 0.80
CA ARG A 16 -11.85 -0.15 1.40
C ARG A 16 -11.14 -0.33 2.75
N ILE A 17 -10.30 0.60 3.12
CA ILE A 17 -9.58 0.50 4.42
C ILE A 17 -10.59 0.70 5.56
N GLU A 18 -10.45 -0.04 6.63
CA GLU A 18 -11.40 0.12 7.76
C GLU A 18 -11.06 1.38 8.55
N VAL A 19 -9.82 1.74 8.62
CA VAL A 19 -9.44 2.96 9.38
C VAL A 19 -8.30 3.69 8.66
N GLN A 20 -8.42 4.98 8.51
CA GLN A 20 -7.36 5.76 7.81
C GLN A 20 -6.82 6.84 8.76
N PRO A 21 -5.68 6.57 9.37
CA PRO A 21 -5.06 7.52 10.31
C PRO A 21 -4.37 8.66 9.54
N LYS A 22 -3.75 9.57 10.25
CA LYS A 22 -3.06 10.71 9.56
C LYS A 22 -2.28 10.18 8.36
N SER A 23 -1.92 11.05 7.45
CA SER A 23 -1.17 10.59 6.25
C SER A 23 0.19 11.27 6.19
N HIS A 24 0.93 11.23 7.27
CA HIS A 24 2.28 11.87 7.26
C HIS A 24 3.32 10.86 7.77
N HIS A 25 4.56 11.17 7.57
CA HIS A 25 5.64 10.26 8.04
C HIS A 25 6.99 10.95 7.91
N ARG A 26 7.68 11.13 9.01
CA ARG A 26 9.00 11.81 8.95
C ARG A 26 10.06 10.79 8.51
N ALA A 27 10.11 10.48 7.24
CA ALA A 27 11.11 9.51 6.74
C ALA A 27 12.45 10.20 6.49
N HIS A 28 13.10 10.63 7.53
CA HIS A 28 14.42 11.31 7.36
C HIS A 28 15.16 11.32 8.68
N TYR A 29 15.35 10.18 9.23
CA TYR A 29 16.08 10.09 10.52
C TYR A 29 16.16 8.62 10.97
N GLU A 30 17.35 8.08 11.02
CA GLU A 30 17.50 6.66 11.45
C GLU A 30 18.96 6.22 11.28
N THR A 31 19.82 6.66 12.14
CA THR A 31 21.26 6.27 12.02
C THR A 31 21.85 6.15 13.43
N GLU A 32 21.05 5.74 14.37
CA GLU A 32 21.56 5.60 15.77
C GLU A 32 21.80 4.13 16.08
N GLY A 33 20.76 3.36 16.24
CA GLY A 33 20.95 1.91 16.55
C GLY A 33 21.65 1.23 15.36
N SER A 34 20.89 0.69 14.45
CA SER A 34 21.50 0.01 13.27
C SER A 34 20.53 0.04 12.10
N ARG A 35 19.26 -0.14 12.36
CA ARG A 35 18.26 -0.12 11.26
C ARG A 35 16.86 0.11 11.84
N GLY A 36 16.74 1.00 12.78
CA GLY A 36 15.39 1.26 13.38
C GLY A 36 14.38 1.50 12.27
N ALA A 37 13.14 1.75 12.61
CA ALA A 37 12.12 1.98 11.55
C ALA A 37 11.38 3.29 11.79
N VAL A 38 10.52 3.60 10.89
CA VAL A 38 9.71 4.80 11.00
C VAL A 38 8.26 4.41 10.67
N LYS A 39 7.35 4.63 11.59
CA LYS A 39 5.93 4.26 11.34
C LYS A 39 5.03 5.12 12.21
N ALA A 40 4.21 5.92 11.59
CA ALA A 40 3.30 6.81 12.36
C ALA A 40 2.15 5.99 12.95
N SER A 41 1.02 6.62 13.17
CA SER A 41 -0.15 5.89 13.75
C SER A 41 -0.42 4.61 12.94
N ALA A 42 -1.08 3.65 13.53
CA ALA A 42 -1.38 2.39 12.82
C ALA A 42 -0.14 1.93 12.04
N GLY A 43 1.00 1.94 12.68
CA GLY A 43 2.24 1.51 11.98
C GLY A 43 2.28 2.14 10.58
N GLY A 44 2.10 3.44 10.50
CA GLY A 44 2.13 4.10 9.17
C GLY A 44 0.97 3.60 8.31
N HIS A 45 1.17 2.53 7.59
CA HIS A 45 0.09 1.99 6.74
C HIS A 45 -1.20 1.84 7.56
N PRO A 46 -2.32 2.08 6.92
CA PRO A 46 -3.65 1.96 7.57
C PRO A 46 -4.08 0.51 7.64
N ILE A 47 -5.32 0.29 7.97
CA ILE A 47 -5.83 -1.11 8.07
C ILE A 47 -6.44 -1.50 6.72
N VAL A 48 -6.57 -2.77 6.44
CA VAL A 48 -7.13 -3.17 5.12
C VAL A 48 -8.12 -4.32 5.31
N GLN A 49 -9.28 -4.22 4.71
CA GLN A 49 -10.29 -5.31 4.83
C GLN A 49 -11.05 -5.42 3.51
N LEU A 50 -11.01 -6.56 2.88
CA LEU A 50 -11.73 -6.72 1.59
C LEU A 50 -13.18 -7.13 1.84
N HIS A 51 -14.12 -6.38 1.34
CA HIS A 51 -15.55 -6.72 1.55
C HIS A 51 -16.31 -6.42 0.25
N GLY A 52 -17.13 -7.33 -0.20
CA GLY A 52 -17.88 -7.08 -1.45
C GLY A 52 -17.89 -8.32 -2.34
N TYR A 53 -17.22 -9.36 -1.94
CA TYR A 53 -17.19 -10.59 -2.77
C TYR A 53 -17.56 -11.81 -1.90
N LEU A 54 -18.64 -12.47 -2.22
CA LEU A 54 -19.04 -13.66 -1.41
C LEU A 54 -18.60 -14.94 -2.13
N GLU A 55 -17.49 -14.91 -2.79
CA GLU A 55 -17.02 -16.12 -3.51
C GLU A 55 -16.36 -17.09 -2.52
N ASN A 56 -16.53 -18.37 -2.71
CA ASN A 56 -15.92 -19.36 -1.78
C ASN A 56 -14.49 -19.70 -2.23
N GLU A 57 -13.80 -18.74 -2.78
CA GLU A 57 -12.40 -19.01 -3.23
C GLU A 57 -11.49 -17.87 -2.76
N PRO A 58 -10.27 -18.21 -2.41
CA PRO A 58 -9.28 -17.24 -1.93
C PRO A 58 -8.67 -16.48 -3.11
N LEU A 59 -8.57 -15.18 -2.99
CA LEU A 59 -7.97 -14.38 -4.09
C LEU A 59 -6.68 -13.72 -3.59
N MET A 60 -5.87 -13.24 -4.47
CA MET A 60 -4.59 -12.61 -4.02
C MET A 60 -4.69 -11.09 -4.15
N LEU A 61 -4.69 -10.40 -3.04
CA LEU A 61 -4.77 -8.91 -3.07
C LEU A 61 -3.46 -8.34 -3.63
N GLN A 62 -3.54 -7.30 -4.40
CA GLN A 62 -2.29 -6.69 -4.97
C GLN A 62 -1.92 -5.47 -4.12
N LEU A 63 -1.02 -5.65 -3.19
CA LEU A 63 -0.63 -4.50 -2.32
C LEU A 63 0.87 -4.21 -2.49
N PHE A 64 1.22 -2.96 -2.68
CA PHE A 64 2.65 -2.61 -2.83
C PHE A 64 2.80 -1.09 -2.67
N ILE A 65 4.00 -0.60 -2.48
CA ILE A 65 4.19 0.86 -2.32
C ILE A 65 4.79 1.45 -3.61
N GLY A 66 4.10 2.36 -4.23
CA GLY A 66 4.63 2.96 -5.48
C GLY A 66 4.55 4.48 -5.40
N THR A 67 5.46 5.16 -6.05
CA THR A 67 5.43 6.66 -6.03
C THR A 67 4.45 7.16 -7.09
N ALA A 68 3.92 8.33 -6.91
CA ALA A 68 2.96 8.87 -7.92
C ALA A 68 2.85 10.39 -7.77
N ASP A 69 3.22 11.12 -8.79
CA ASP A 69 3.13 12.61 -8.70
C ASP A 69 1.90 13.08 -9.47
N ASP A 70 1.32 12.22 -10.26
CA ASP A 70 0.10 12.62 -11.04
C ASP A 70 -0.88 11.45 -11.09
N ARG A 71 -0.43 10.31 -11.56
CA ARG A 71 -1.33 9.12 -11.63
C ARG A 71 -0.54 7.89 -12.08
N LEU A 72 0.43 8.08 -12.94
CA LEU A 72 1.23 6.92 -13.42
C LEU A 72 2.04 6.34 -12.26
N LEU A 73 1.46 5.45 -11.51
CA LEU A 73 2.20 4.85 -10.37
C LEU A 73 3.57 4.37 -10.83
N ARG A 74 4.52 4.29 -9.94
CA ARG A 74 5.88 3.82 -10.32
C ARG A 74 6.46 3.01 -9.16
N PRO A 75 7.48 2.24 -9.45
CA PRO A 75 8.15 1.40 -8.45
C PRO A 75 9.05 2.27 -7.56
N HIS A 76 8.81 2.26 -6.28
CA HIS A 76 9.64 3.09 -5.36
C HIS A 76 11.11 2.70 -5.49
N ALA A 77 11.99 3.53 -5.01
CA ALA A 77 13.45 3.20 -5.10
C ALA A 77 13.76 2.01 -4.21
N PHE A 78 13.83 2.22 -2.92
CA PHE A 78 14.14 1.09 -2.00
C PHE A 78 13.04 0.99 -0.92
N TYR A 79 11.89 1.52 -1.19
CA TYR A 79 10.78 1.44 -0.20
C TYR A 79 10.13 0.05 -0.27
N GLN A 80 10.77 -0.95 0.26
CA GLN A 80 10.18 -2.31 0.20
C GLN A 80 10.39 -3.05 1.53
N VAL A 81 10.94 -2.39 2.51
CA VAL A 81 11.15 -3.06 3.83
C VAL A 81 9.83 -3.10 4.59
N HIS A 82 9.59 -4.13 5.32
CA HIS A 82 8.32 -4.20 6.07
C HIS A 82 8.29 -5.47 6.94
N ARG A 83 9.23 -5.58 7.83
CA ARG A 83 9.26 -6.78 8.72
C ARG A 83 8.28 -6.57 9.88
N ILE A 84 7.58 -7.59 10.27
CA ILE A 84 6.62 -7.44 11.40
C ILE A 84 7.16 -8.12 12.65
N THR A 85 7.07 -7.46 13.77
CA THR A 85 7.58 -8.06 15.03
C THR A 85 6.68 -7.62 16.19
N GLY A 86 7.23 -7.47 17.36
CA GLY A 86 6.42 -7.04 18.53
C GLY A 86 5.08 -7.77 18.53
N LYS A 87 4.07 -7.17 17.98
CA LYS A 87 2.73 -7.83 17.95
C LYS A 87 2.73 -8.96 16.93
N THR A 88 1.97 -10.00 17.18
CA THR A 88 1.93 -11.14 16.21
C THR A 88 0.66 -11.04 15.37
N VAL A 89 0.81 -10.91 14.08
CA VAL A 89 -0.40 -10.81 13.21
C VAL A 89 -0.53 -12.10 12.38
N SER A 90 -1.72 -12.59 12.22
CA SER A 90 -1.91 -13.85 11.43
C SER A 90 -2.06 -13.50 9.95
N THR A 91 -1.69 -12.30 9.58
CA THR A 91 -1.81 -11.90 8.14
C THR A 91 -0.77 -12.68 7.31
N THR A 92 -1.21 -13.35 6.28
CA THR A 92 -0.26 -14.12 5.43
C THR A 92 0.17 -13.25 4.24
N SER A 93 1.24 -12.52 4.39
CA SER A 93 1.69 -11.64 3.27
C SER A 93 2.89 -12.28 2.57
N HIS A 94 3.33 -11.70 1.49
CA HIS A 94 4.49 -12.26 0.74
C HIS A 94 5.30 -11.12 0.13
N GLU A 95 6.53 -11.37 -0.23
CA GLU A 95 7.36 -10.29 -0.83
C GLU A 95 7.97 -10.77 -2.15
N ALA A 96 7.68 -10.09 -3.22
CA ALA A 96 8.25 -10.50 -4.54
C ALA A 96 9.20 -9.40 -5.04
N ILE A 97 10.42 -9.74 -5.32
CA ILE A 97 11.39 -8.70 -5.79
C ILE A 97 11.99 -9.12 -7.13
N LEU A 98 11.91 -8.27 -8.12
CA LEU A 98 12.48 -8.62 -9.45
C LEU A 98 13.45 -7.52 -9.90
N SER A 99 14.47 -7.28 -9.13
CA SER A 99 15.45 -6.22 -9.50
C SER A 99 14.86 -4.85 -9.19
N ASN A 100 15.31 -4.24 -8.12
CA ASN A 100 14.80 -2.89 -7.74
C ASN A 100 13.29 -2.83 -7.92
N THR A 101 12.58 -3.85 -7.49
CA THR A 101 11.10 -3.83 -7.64
C THR A 101 10.48 -4.83 -6.67
N LYS A 102 10.20 -4.42 -5.47
CA LYS A 102 9.58 -5.34 -4.48
C LYS A 102 8.07 -5.11 -4.46
N VAL A 103 7.31 -6.12 -4.11
CA VAL A 103 5.83 -5.96 -4.07
C VAL A 103 5.26 -6.82 -2.94
N LEU A 104 4.00 -6.65 -2.63
CA LEU A 104 3.40 -7.45 -1.53
C LEU A 104 2.23 -8.27 -2.09
N GLU A 105 2.22 -9.55 -1.84
CA GLU A 105 1.11 -10.40 -2.34
C GLU A 105 0.48 -11.13 -1.15
N ILE A 106 -0.70 -10.73 -0.75
CA ILE A 106 -1.35 -11.38 0.41
C ILE A 106 -2.70 -12.00 -0.03
N PRO A 107 -2.81 -13.31 0.04
CA PRO A 107 -4.04 -14.01 -0.34
C PRO A 107 -5.09 -13.83 0.77
N LEU A 108 -6.20 -13.23 0.46
CA LEU A 108 -7.24 -13.02 1.51
C LEU A 108 -8.50 -13.80 1.17
N LEU A 109 -9.37 -13.95 2.14
CA LEU A 109 -10.64 -14.70 1.92
C LEU A 109 -11.77 -13.70 1.61
N PRO A 110 -12.47 -13.89 0.51
CA PRO A 110 -13.55 -12.99 0.09
C PRO A 110 -14.86 -13.28 0.85
N GLU A 111 -15.09 -14.51 1.24
CA GLU A 111 -16.37 -14.81 1.95
C GLU A 111 -16.12 -15.78 3.11
N ASN A 112 -15.41 -15.35 4.11
CA ASN A 112 -15.14 -16.25 5.27
C ASN A 112 -14.61 -15.43 6.44
N SER A 113 -13.44 -14.87 6.33
CA SER A 113 -12.89 -14.06 7.45
C SER A 113 -11.39 -13.85 7.24
N MET A 114 -10.99 -12.66 6.89
CA MET A 114 -9.54 -12.41 6.66
C MET A 114 -9.22 -10.93 6.89
N ARG A 115 -9.65 -10.38 7.99
CA ARG A 115 -9.36 -8.94 8.26
C ARG A 115 -7.88 -8.82 8.67
N ALA A 116 -7.18 -7.86 8.13
CA ALA A 116 -5.74 -7.73 8.48
C ALA A 116 -5.38 -6.26 8.68
N VAL A 117 -4.39 -5.99 9.47
CA VAL A 117 -3.96 -4.58 9.71
C VAL A 117 -2.46 -4.46 9.42
N ILE A 118 -2.08 -3.55 8.57
CA ILE A 118 -0.64 -3.40 8.25
C ILE A 118 -0.05 -2.24 9.06
N ASP A 119 0.70 -2.56 10.10
CA ASP A 119 1.30 -1.48 10.93
C ASP A 119 2.62 -1.98 11.51
N CYS A 120 3.40 -2.69 10.74
CA CYS A 120 4.70 -3.20 11.25
C CYS A 120 5.73 -3.20 10.11
N ALA A 121 5.98 -2.06 9.53
CA ALA A 121 6.97 -1.98 8.41
C ALA A 121 7.73 -0.67 8.53
N GLY A 122 8.59 -0.40 7.58
CA GLY A 122 9.37 0.87 7.63
C GLY A 122 9.80 1.26 6.22
N ILE A 123 10.28 2.46 6.05
CA ILE A 123 10.72 2.90 4.70
C ILE A 123 12.23 3.12 4.71
N LEU A 124 12.87 3.02 3.58
CA LEU A 124 14.35 3.22 3.53
C LEU A 124 14.67 4.40 2.63
N LYS A 125 15.12 5.49 3.19
CA LYS A 125 15.46 6.68 2.36
C LYS A 125 16.96 6.73 2.15
N LEU A 126 17.40 6.49 0.95
CA LEU A 126 18.87 6.53 0.66
C LEU A 126 19.11 7.15 -0.71
N ARG A 127 18.19 7.94 -1.18
CA ARG A 127 18.35 8.58 -2.51
C ARG A 127 19.71 9.30 -2.58
N ASN A 128 20.16 9.64 -3.75
CA ASN A 128 21.46 10.35 -3.87
C ASN A 128 21.63 10.87 -5.30
N SER A 129 20.54 11.15 -5.97
CA SER A 129 20.64 11.65 -7.36
C SER A 129 21.48 10.69 -8.20
N ASP A 130 21.34 9.41 -7.96
CA ASP A 130 22.14 8.41 -8.74
C ASP A 130 22.12 7.07 -8.02
N ILE A 131 20.98 6.43 -7.96
CA ILE A 131 20.90 5.11 -7.28
C ILE A 131 21.72 4.07 -8.05
N GLU A 132 22.76 3.55 -7.44
CA GLU A 132 23.60 2.55 -8.14
C GLU A 132 24.16 1.55 -7.12
N LEU A 133 24.62 0.42 -7.58
CA LEU A 133 25.18 -0.59 -6.63
C LEU A 133 26.54 -0.12 -6.13
N ARG A 134 26.56 0.72 -5.12
CA ARG A 134 27.86 1.21 -4.59
C ARG A 134 27.63 1.92 -3.25
N LYS A 135 26.85 2.96 -3.24
CA LYS A 135 26.59 3.68 -1.96
C LYS A 135 25.99 5.05 -2.26
N GLY A 136 25.06 5.50 -1.46
CA GLY A 136 24.44 6.83 -1.71
C GLY A 136 24.92 7.82 -0.65
N GLU A 137 25.91 8.61 -0.96
CA GLU A 137 26.42 9.59 0.03
C GLU A 137 26.45 10.99 -0.59
N THR A 138 25.70 11.90 -0.06
CA THR A 138 25.68 13.28 -0.62
C THR A 138 25.34 14.28 0.47
N ASP A 139 24.31 14.02 1.23
CA ASP A 139 23.93 14.96 2.32
C ASP A 139 22.53 14.62 2.82
N ILE A 140 21.52 14.89 2.03
CA ILE A 140 20.12 14.59 2.46
C ILE A 140 19.30 14.16 1.24
N GLY A 141 19.47 14.83 0.13
CA GLY A 141 18.68 14.46 -1.08
C GLY A 141 18.25 15.73 -1.82
N ARG A 142 18.06 15.64 -3.12
CA ARG A 142 17.64 16.84 -3.89
C ARG A 142 16.63 16.41 -4.96
N LYS A 143 15.59 15.72 -4.57
CA LYS A 143 14.57 15.28 -5.55
C LYS A 143 13.25 15.00 -4.84
N ASN A 144 12.15 15.11 -5.54
CA ASN A 144 10.83 14.85 -4.89
C ASN A 144 10.91 13.55 -4.11
N THR A 145 9.96 13.32 -3.23
CA THR A 145 9.97 12.07 -2.43
C THR A 145 8.55 11.73 -1.99
N ARG A 146 7.63 11.70 -2.91
CA ARG A 146 6.22 11.38 -2.56
C ARG A 146 6.00 9.87 -2.64
N VAL A 147 4.93 9.39 -2.07
CA VAL A 147 4.64 7.93 -2.12
C VAL A 147 3.15 7.71 -2.32
N ARG A 148 2.75 6.53 -2.71
CA ARG A 148 1.31 6.26 -2.93
C ARG A 148 1.02 4.77 -2.76
N LEU A 149 0.30 4.39 -1.75
CA LEU A 149 -0.01 2.94 -1.55
C LEU A 149 -1.15 2.54 -2.48
N VAL A 150 -0.92 1.58 -3.32
CA VAL A 150 -1.99 1.14 -4.27
C VAL A 150 -2.71 -0.07 -3.69
N PHE A 151 -4.00 0.01 -3.54
CA PHE A 151 -4.78 -1.13 -2.99
C PHE A 151 -5.82 -1.57 -4.01
N ARG A 152 -5.49 -2.51 -4.85
CA ARG A 152 -6.47 -2.97 -5.89
C ARG A 152 -6.41 -4.49 -6.03
N VAL A 153 -7.55 -5.13 -6.14
CA VAL A 153 -7.56 -6.60 -6.31
C VAL A 153 -8.15 -6.92 -7.68
N HIS A 154 -7.47 -7.72 -8.47
CA HIS A 154 -7.99 -8.05 -9.81
C HIS A 154 -8.04 -9.57 -9.97
N VAL A 155 -9.21 -10.12 -10.14
CA VAL A 155 -9.31 -11.60 -10.30
C VAL A 155 -9.44 -11.94 -11.79
N PRO A 156 -8.80 -13.00 -12.20
CA PRO A 156 -8.83 -13.45 -13.60
C PRO A 156 -10.15 -14.15 -13.92
N GLN A 157 -10.90 -13.63 -14.85
CA GLN A 157 -12.20 -14.26 -15.21
C GLN A 157 -12.63 -13.78 -16.60
N PRO A 158 -13.68 -14.37 -17.11
CA PRO A 158 -14.23 -14.02 -18.43
C PRO A 158 -15.03 -12.72 -18.35
N SER A 159 -16.14 -12.73 -17.67
CA SER A 159 -16.96 -11.51 -17.56
C SER A 159 -16.18 -10.43 -16.80
N GLY A 160 -15.75 -9.40 -17.48
CA GLY A 160 -14.97 -8.33 -16.80
C GLY A 160 -15.70 -7.90 -15.53
N ARG A 161 -16.99 -7.98 -15.53
CA ARG A 161 -17.77 -7.58 -14.33
C ARG A 161 -17.71 -8.74 -13.33
N THR A 162 -16.62 -8.84 -12.62
CA THR A 162 -16.47 -9.95 -11.65
C THR A 162 -15.87 -9.39 -10.34
N LEU A 163 -14.59 -9.18 -10.31
CA LEU A 163 -13.95 -8.63 -9.07
C LEU A 163 -12.73 -7.81 -9.49
N SER A 164 -12.83 -6.51 -9.41
CA SER A 164 -11.67 -5.67 -9.82
C SER A 164 -11.87 -4.25 -9.28
N LEU A 165 -11.13 -3.88 -8.27
CA LEU A 165 -11.29 -2.51 -7.71
C LEU A 165 -9.90 -1.89 -7.49
N GLN A 166 -9.81 -0.59 -7.56
CA GLN A 166 -8.50 0.09 -7.36
C GLN A 166 -8.62 1.11 -6.23
N VAL A 167 -7.63 1.20 -5.38
CA VAL A 167 -7.70 2.16 -4.25
C VAL A 167 -6.31 2.78 -4.01
N ALA A 168 -5.86 3.61 -4.89
CA ALA A 168 -4.52 4.24 -4.70
C ALA A 168 -4.69 5.59 -4.01
N SER A 169 -4.29 5.68 -2.77
CA SER A 169 -4.44 6.98 -2.04
C SER A 169 -3.30 7.12 -1.02
N ASN A 170 -2.74 8.29 -0.91
CA ASN A 170 -1.64 8.51 0.06
C ASN A 170 -1.02 9.89 -0.16
N PRO A 171 -1.53 10.87 0.56
CA PRO A 171 -1.03 12.25 0.46
C PRO A 171 0.29 12.42 1.22
N ILE A 172 1.36 11.86 0.69
CA ILE A 172 2.68 12.00 1.37
C ILE A 172 3.63 12.81 0.48
N GLU A 173 3.48 14.11 0.48
CA GLU A 173 4.37 14.96 -0.35
C GLU A 173 5.61 15.36 0.44
N CYS A 174 6.76 15.30 -0.16
CA CYS A 174 8.01 15.67 0.56
C CYS A 174 8.48 17.04 0.06
N SER A 175 9.60 17.52 0.54
CA SER A 175 10.10 18.84 0.10
C SER A 175 11.55 19.03 0.56
N GLN A 176 12.13 20.15 0.27
CA GLN A 176 13.55 20.40 0.70
C GLN A 176 13.66 20.25 2.22
N ARG A 177 14.77 19.77 2.69
CA ARG A 177 14.95 19.60 4.17
C ARG A 177 13.66 19.03 4.78
N SER A 178 12.99 18.17 4.07
CA SER A 178 11.73 17.59 4.61
C SER A 178 11.50 16.21 3.99
N MET A 1 -36.18 -8.09 17.52
CA MET A 1 -35.57 -7.60 16.25
C MET A 1 -36.69 -7.13 15.30
N LYS A 2 -36.50 -6.02 14.67
CA LYS A 2 -37.55 -5.51 13.73
C LYS A 2 -36.89 -5.09 12.41
N ASP A 3 -36.31 -6.02 11.70
CA ASP A 3 -35.66 -5.68 10.41
C ASP A 3 -36.61 -6.03 9.26
N TRP A 4 -37.59 -5.21 9.03
CA TRP A 4 -38.54 -5.48 7.92
C TRP A 4 -37.82 -5.36 6.58
N GLN A 5 -36.85 -4.50 6.50
CA GLN A 5 -36.09 -4.34 5.22
C GLN A 5 -35.18 -3.12 5.32
N LEU A 6 -34.05 -3.27 5.97
CA LEU A 6 -33.11 -2.12 6.10
C LEU A 6 -31.67 -2.62 6.09
N PRO A 7 -31.25 -3.16 4.97
CA PRO A 7 -29.89 -3.69 4.81
C PRO A 7 -28.89 -2.56 4.60
N SER A 8 -28.24 -2.14 5.65
CA SER A 8 -27.25 -1.03 5.51
C SER A 8 -25.87 -1.53 5.94
N HIS A 9 -25.52 -2.72 5.57
CA HIS A 9 -24.19 -3.28 5.96
C HIS A 9 -23.58 -4.04 4.79
N SER A 10 -22.61 -3.47 4.13
CA SER A 10 -21.99 -4.17 2.98
C SER A 10 -23.01 -4.32 1.85
N GLY A 11 -22.66 -5.00 0.79
CA GLY A 11 -23.62 -5.18 -0.33
C GLY A 11 -22.85 -5.57 -1.60
N PRO A 12 -22.48 -4.56 -2.38
CA PRO A 12 -21.75 -4.77 -3.63
C PRO A 12 -20.26 -5.03 -3.34
N TYR A 13 -19.50 -5.35 -4.35
CA TYR A 13 -18.05 -5.63 -4.12
C TYR A 13 -17.30 -4.29 -4.03
N GLU A 14 -16.60 -4.08 -2.95
CA GLU A 14 -15.85 -2.80 -2.80
C GLU A 14 -14.63 -3.02 -1.90
N LEU A 15 -13.47 -2.60 -2.33
CA LEU A 15 -12.26 -2.78 -1.50
C LEU A 15 -11.83 -1.42 -0.92
N ARG A 16 -12.42 -1.02 0.16
CA ARG A 16 -12.06 0.30 0.76
C ARG A 16 -11.41 0.09 2.13
N ILE A 17 -10.63 1.04 2.58
CA ILE A 17 -9.98 0.91 3.91
C ILE A 17 -11.00 1.26 5.00
N GLU A 18 -10.93 0.58 6.11
CA GLU A 18 -11.90 0.87 7.21
C GLU A 18 -11.42 2.10 7.99
N VAL A 19 -10.28 2.02 8.62
CA VAL A 19 -9.76 3.18 9.38
C VAL A 19 -8.84 4.00 8.47
N GLN A 20 -9.09 5.27 8.34
CA GLN A 20 -8.23 6.12 7.47
C GLN A 20 -7.80 7.37 8.23
N PRO A 21 -7.06 7.17 9.29
CA PRO A 21 -6.56 8.29 10.13
C PRO A 21 -5.36 8.96 9.46
N LYS A 22 -4.78 9.94 10.11
CA LYS A 22 -3.61 10.65 9.52
C LYS A 22 -2.58 9.62 9.06
N SER A 23 -1.69 10.00 8.21
CA SER A 23 -0.65 9.03 7.72
C SER A 23 0.60 9.78 7.27
N HIS A 24 1.20 10.55 8.13
CA HIS A 24 2.42 11.30 7.74
C HIS A 24 3.65 10.60 8.32
N HIS A 25 4.81 10.95 7.84
CA HIS A 25 6.05 10.32 8.37
C HIS A 25 7.27 11.16 7.97
N ARG A 26 7.93 11.75 8.93
CA ARG A 26 9.13 12.57 8.62
C ARG A 26 10.37 11.68 8.64
N ALA A 27 10.56 10.90 7.62
CA ALA A 27 11.74 9.99 7.58
C ALA A 27 13.03 10.81 7.74
N HIS A 28 14.12 10.17 8.02
CA HIS A 28 15.40 10.91 8.19
C HIS A 28 16.17 10.90 6.86
N TYR A 29 16.29 12.04 6.24
CA TYR A 29 17.03 12.10 4.94
C TYR A 29 18.54 12.16 5.21
N GLU A 30 18.92 12.46 6.41
CA GLU A 30 20.38 12.54 6.73
C GLU A 30 20.75 11.42 7.71
N THR A 31 21.71 11.65 8.56
CA THR A 31 22.12 10.60 9.54
C THR A 31 21.94 11.14 10.97
N GLU A 32 20.90 11.89 11.19
CA GLU A 32 20.65 12.44 12.55
C GLU A 32 19.19 12.26 12.94
N GLY A 33 18.68 11.06 12.81
CA GLY A 33 17.24 10.84 13.16
C GLY A 33 17.16 9.88 14.36
N SER A 34 18.25 9.24 14.68
CA SER A 34 18.24 8.29 15.84
C SER A 34 17.23 7.17 15.57
N ARG A 35 16.01 7.34 15.98
CA ARG A 35 14.99 6.28 15.75
C ARG A 35 13.65 6.92 15.39
N GLY A 36 13.35 7.02 14.12
CA GLY A 36 12.05 7.64 13.72
C GLY A 36 11.36 6.73 12.70
N ALA A 37 10.67 5.73 13.15
CA ALA A 37 9.97 4.81 12.20
C ALA A 37 8.54 5.31 11.98
N VAL A 38 7.88 4.81 10.97
CA VAL A 38 6.48 5.25 10.71
C VAL A 38 5.64 5.05 11.97
N LYS A 39 5.31 6.12 12.64
CA LYS A 39 4.48 6.00 13.87
C LYS A 39 3.35 7.03 13.84
N ALA A 40 2.17 6.62 13.46
CA ALA A 40 1.03 7.59 13.41
C ALA A 40 -0.29 6.81 13.47
N SER A 41 -0.85 6.69 14.64
CA SER A 41 -2.14 5.95 14.77
C SER A 41 -1.95 4.51 14.31
N ALA A 42 -2.62 3.58 14.94
CA ALA A 42 -2.47 2.15 14.54
C ALA A 42 -0.99 1.78 14.51
N GLY A 43 -0.36 1.94 13.38
CA GLY A 43 1.09 1.61 13.27
C GLY A 43 1.64 2.15 11.96
N GLY A 44 1.16 3.28 11.53
CA GLY A 44 1.67 3.87 10.25
C GLY A 44 0.58 3.79 9.18
N HIS A 45 0.49 2.67 8.51
CA HIS A 45 -0.55 2.52 7.46
C HIS A 45 -1.91 2.26 8.11
N PRO A 46 -2.96 2.51 7.37
CA PRO A 46 -4.35 2.31 7.85
C PRO A 46 -4.71 0.83 7.83
N ILE A 47 -5.94 0.53 8.17
CA ILE A 47 -6.38 -0.90 8.18
C ILE A 47 -7.03 -1.23 6.84
N VAL A 48 -7.11 -2.48 6.50
CA VAL A 48 -7.73 -2.86 5.20
C VAL A 48 -8.72 -4.00 5.41
N GLN A 49 -9.89 -3.91 4.81
CA GLN A 49 -10.89 -4.99 4.96
C GLN A 49 -11.76 -5.05 3.70
N LEU A 50 -12.14 -6.24 3.29
CA LEU A 50 -12.97 -6.35 2.06
C LEU A 50 -14.37 -6.86 2.42
N HIS A 51 -15.39 -6.32 1.81
CA HIS A 51 -16.77 -6.78 2.11
C HIS A 51 -17.57 -6.86 0.81
N GLY A 52 -17.43 -7.93 0.07
CA GLY A 52 -18.17 -8.06 -1.21
C GLY A 52 -18.32 -9.53 -1.58
N TYR A 53 -17.45 -10.01 -2.44
CA TYR A 53 -17.51 -11.43 -2.88
C TYR A 53 -17.85 -12.34 -1.68
N LEU A 54 -18.83 -13.19 -1.85
CA LEU A 54 -19.22 -14.10 -0.74
C LEU A 54 -18.64 -15.49 -1.00
N GLU A 55 -17.87 -15.65 -2.05
CA GLU A 55 -17.28 -16.99 -2.34
C GLU A 55 -16.06 -17.21 -1.46
N ASN A 56 -15.89 -18.40 -0.93
CA ASN A 56 -14.73 -18.67 -0.06
C ASN A 56 -13.53 -19.07 -0.92
N GLU A 57 -13.14 -18.24 -1.84
CA GLU A 57 -11.97 -18.58 -2.71
C GLU A 57 -10.77 -17.74 -2.29
N PRO A 58 -9.60 -18.33 -2.33
CA PRO A 58 -8.35 -17.66 -1.96
C PRO A 58 -7.87 -16.74 -3.09
N LEU A 59 -7.76 -15.47 -2.82
CA LEU A 59 -7.30 -14.52 -3.87
C LEU A 59 -6.01 -13.84 -3.42
N MET A 60 -5.30 -13.21 -4.31
CA MET A 60 -4.04 -12.54 -3.91
C MET A 60 -4.20 -11.03 -4.03
N LEU A 61 -3.80 -10.29 -3.02
CA LEU A 61 -3.93 -8.82 -3.07
C LEU A 61 -2.70 -8.22 -3.75
N GLN A 62 -2.90 -7.50 -4.82
CA GLN A 62 -1.75 -6.88 -5.53
C GLN A 62 -1.52 -5.48 -4.98
N LEU A 63 -0.95 -5.38 -3.82
CA LEU A 63 -0.70 -4.04 -3.22
C LEU A 63 0.81 -3.81 -3.07
N PHE A 64 1.22 -2.57 -3.04
CA PHE A 64 2.66 -2.27 -2.89
C PHE A 64 2.82 -0.79 -2.52
N ILE A 65 4.03 -0.33 -2.36
CA ILE A 65 4.24 1.10 -2.02
C ILE A 65 4.91 1.81 -3.20
N GLY A 66 4.15 2.52 -3.99
CA GLY A 66 4.75 3.22 -5.16
C GLY A 66 4.54 4.72 -5.03
N THR A 67 5.43 5.50 -5.56
CA THR A 67 5.30 6.98 -5.48
C THR A 67 4.28 7.45 -6.53
N ALA A 68 3.54 8.48 -6.22
CA ALA A 68 2.52 8.97 -7.20
C ALA A 68 2.29 10.47 -6.99
N ASP A 69 2.62 11.27 -7.96
CA ASP A 69 2.41 12.73 -7.83
C ASP A 69 0.97 13.09 -8.21
N ASP A 70 0.37 12.28 -9.04
CA ASP A 70 -1.04 12.56 -9.46
C ASP A 70 -1.86 11.28 -9.36
N ARG A 71 -1.38 10.20 -9.90
CA ARG A 71 -2.14 8.92 -9.82
C ARG A 71 -1.30 7.79 -10.43
N LEU A 72 -0.59 8.07 -11.49
CA LEU A 72 0.24 7.01 -12.13
C LEU A 72 1.20 6.43 -11.10
N LEU A 73 0.79 5.41 -10.40
CA LEU A 73 1.68 4.80 -9.37
C LEU A 73 3.04 4.47 -10.00
N ARG A 74 3.99 4.07 -9.20
CA ARG A 74 5.33 3.73 -9.74
C ARG A 74 6.16 3.04 -8.66
N PRO A 75 7.22 2.39 -9.08
CA PRO A 75 8.11 1.68 -8.14
C PRO A 75 9.04 2.67 -7.43
N HIS A 76 8.82 2.89 -6.17
CA HIS A 76 9.68 3.85 -5.41
C HIS A 76 11.15 3.65 -5.79
N ALA A 77 11.98 4.62 -5.51
CA ALA A 77 13.42 4.49 -5.85
C ALA A 77 13.94 3.15 -5.34
N PHE A 78 14.14 3.02 -4.06
CA PHE A 78 14.65 1.73 -3.51
C PHE A 78 13.85 1.37 -2.25
N TYR A 79 12.66 1.89 -2.13
CA TYR A 79 11.84 1.59 -0.93
C TYR A 79 11.17 0.23 -1.11
N GLN A 80 11.46 -0.72 -0.26
CA GLN A 80 10.84 -2.06 -0.39
C GLN A 80 11.00 -2.84 0.92
N VAL A 81 11.17 -2.15 2.01
CA VAL A 81 11.32 -2.87 3.31
C VAL A 81 9.94 -3.15 3.89
N HIS A 82 9.80 -4.21 4.66
CA HIS A 82 8.49 -4.54 5.25
C HIS A 82 8.64 -5.75 6.18
N ARG A 83 9.19 -5.53 7.35
CA ARG A 83 9.36 -6.67 8.30
C ARG A 83 8.41 -6.50 9.47
N ILE A 84 7.68 -7.54 9.81
CA ILE A 84 6.73 -7.44 10.95
C ILE A 84 7.30 -8.17 12.16
N THR A 85 7.23 -7.58 13.32
CA THR A 85 7.76 -8.24 14.54
C THR A 85 6.82 -7.98 15.71
N GLY A 86 7.29 -8.19 16.91
CA GLY A 86 6.44 -7.95 18.11
C GLY A 86 5.03 -8.47 17.86
N LYS A 87 4.12 -7.61 17.46
CA LYS A 87 2.73 -8.05 17.22
C LYS A 87 2.66 -8.83 15.90
N THR A 88 2.41 -10.11 15.98
CA THR A 88 2.33 -10.92 14.73
C THR A 88 0.88 -10.95 14.24
N VAL A 89 0.69 -10.93 12.95
CA VAL A 89 -0.70 -10.95 12.41
C VAL A 89 -1.01 -12.35 11.86
N SER A 90 -2.26 -12.72 11.81
CA SER A 90 -2.63 -14.06 11.29
C SER A 90 -2.76 -13.99 9.77
N THR A 91 -2.33 -12.92 9.17
CA THR A 91 -2.44 -12.79 7.69
C THR A 91 -1.08 -13.05 7.05
N THR A 92 -0.90 -14.21 6.45
CA THR A 92 0.40 -14.51 5.81
C THR A 92 0.75 -13.40 4.82
N SER A 93 2.01 -13.27 4.48
CA SER A 93 2.42 -12.20 3.53
C SER A 93 3.44 -12.76 2.54
N HIS A 94 3.79 -11.99 1.54
CA HIS A 94 4.77 -12.48 0.53
C HIS A 94 5.47 -11.27 -0.12
N GLU A 95 6.69 -11.46 -0.56
CA GLU A 95 7.42 -10.33 -1.20
C GLU A 95 7.90 -10.76 -2.59
N ALA A 96 7.68 -9.96 -3.59
CA ALA A 96 8.13 -10.32 -4.96
C ALA A 96 9.02 -9.23 -5.53
N ILE A 97 10.24 -9.56 -5.87
CA ILE A 97 11.16 -8.54 -6.43
C ILE A 97 11.70 -9.04 -7.79
N LEU A 98 11.69 -8.19 -8.78
CA LEU A 98 12.20 -8.61 -10.12
C LEU A 98 13.14 -7.55 -10.67
N SER A 99 14.10 -7.14 -9.88
CA SER A 99 15.07 -6.10 -10.36
C SER A 99 14.40 -4.72 -10.31
N ASN A 100 14.89 -3.85 -9.47
CA ASN A 100 14.31 -2.48 -9.36
C ASN A 100 12.77 -2.55 -9.37
N THR A 101 12.20 -3.56 -8.78
CA THR A 101 10.72 -3.66 -8.76
C THR A 101 10.27 -4.53 -7.60
N LYS A 102 9.80 -3.92 -6.53
CA LYS A 102 9.34 -4.72 -5.36
C LYS A 102 7.83 -4.58 -5.20
N VAL A 103 7.19 -5.54 -4.61
CA VAL A 103 5.71 -5.46 -4.45
C VAL A 103 5.29 -6.40 -3.31
N LEU A 104 4.06 -6.29 -2.87
CA LEU A 104 3.60 -7.17 -1.77
C LEU A 104 2.47 -8.07 -2.26
N GLU A 105 2.51 -9.34 -1.94
CA GLU A 105 1.44 -10.26 -2.39
C GLU A 105 0.88 -11.01 -1.18
N ILE A 106 -0.35 -10.75 -0.81
CA ILE A 106 -0.94 -11.44 0.37
C ILE A 106 -2.21 -12.20 -0.07
N PRO A 107 -2.12 -13.50 -0.13
CA PRO A 107 -3.26 -14.35 -0.53
C PRO A 107 -4.27 -14.44 0.62
N LEU A 108 -5.37 -13.75 0.52
CA LEU A 108 -6.37 -13.80 1.61
C LEU A 108 -7.76 -14.10 1.03
N LEU A 109 -8.69 -14.49 1.84
CA LEU A 109 -10.05 -14.81 1.34
C LEU A 109 -11.09 -14.06 2.21
N PRO A 110 -11.11 -12.76 2.08
CA PRO A 110 -12.04 -11.90 2.84
C PRO A 110 -13.43 -11.88 2.17
N GLU A 111 -13.94 -13.01 1.78
CA GLU A 111 -15.28 -13.04 1.14
C GLU A 111 -16.34 -13.41 2.17
N ASN A 112 -15.94 -13.85 3.33
CA ASN A 112 -16.93 -14.22 4.38
C ASN A 112 -16.92 -13.17 5.49
N SER A 113 -15.78 -12.93 6.07
CA SER A 113 -15.70 -11.91 7.16
C SER A 113 -14.33 -12.00 7.84
N MET A 114 -13.45 -11.08 7.53
CA MET A 114 -12.10 -11.11 8.16
C MET A 114 -11.40 -9.76 7.95
N ARG A 115 -11.02 -9.12 9.01
CA ARG A 115 -10.33 -7.80 8.87
C ARG A 115 -8.83 -7.98 9.06
N ALA A 116 -8.04 -7.36 8.23
CA ALA A 116 -6.56 -7.49 8.37
C ALA A 116 -5.94 -6.11 8.58
N VAL A 117 -4.97 -6.01 9.45
CA VAL A 117 -4.32 -4.69 9.70
C VAL A 117 -2.86 -4.74 9.25
N ILE A 118 -2.46 -3.81 8.42
CA ILE A 118 -1.04 -3.81 7.95
C ILE A 118 -0.33 -2.57 8.51
N ASP A 119 0.44 -2.73 9.54
CA ASP A 119 1.17 -1.57 10.12
C ASP A 119 2.43 -2.05 10.82
N CYS A 120 3.23 -2.84 10.15
CA CYS A 120 4.48 -3.33 10.79
C CYS A 120 5.63 -3.27 9.78
N ALA A 121 5.73 -2.19 9.05
CA ALA A 121 6.82 -2.05 8.05
C ALA A 121 7.51 -0.70 8.24
N GLY A 122 8.59 -0.46 7.57
CA GLY A 122 9.31 0.84 7.74
C GLY A 122 9.92 1.27 6.41
N ILE A 123 10.81 2.23 6.45
CA ILE A 123 11.45 2.71 5.19
C ILE A 123 12.97 2.62 5.34
N LEU A 124 13.69 2.54 4.25
CA LEU A 124 15.17 2.46 4.35
C LEU A 124 15.82 3.32 3.25
N LYS A 125 16.96 3.89 3.53
CA LYS A 125 17.63 4.73 2.51
C LYS A 125 18.92 4.04 2.05
N LEU A 126 18.99 3.67 0.80
CA LEU A 126 20.22 2.98 0.31
C LEU A 126 21.32 4.02 0.02
N ARG A 127 20.94 5.27 -0.07
CA ARG A 127 21.96 6.33 -0.35
C ARG A 127 22.59 6.08 -1.73
N ASN A 128 23.63 5.29 -1.79
CA ASN A 128 24.29 5.01 -3.10
C ASN A 128 23.23 4.80 -4.18
N SER A 129 23.08 5.74 -5.07
CA SER A 129 22.06 5.61 -6.15
C SER A 129 22.04 6.89 -6.97
N ASP A 130 22.15 8.02 -6.31
CA ASP A 130 22.14 9.34 -7.03
C ASP A 130 20.71 9.78 -7.28
N ILE A 131 19.90 9.85 -6.25
CA ILE A 131 18.50 10.27 -6.43
C ILE A 131 18.13 11.27 -5.33
N GLU A 132 18.82 12.36 -5.27
CA GLU A 132 18.53 13.39 -4.22
C GLU A 132 19.55 14.53 -4.33
N LEU A 133 19.18 15.60 -4.99
CA LEU A 133 20.12 16.74 -5.12
C LEU A 133 19.34 18.04 -5.31
N ARG A 134 19.67 19.07 -4.57
CA ARG A 134 18.94 20.35 -4.70
C ARG A 134 19.86 21.40 -5.35
N LYS A 135 21.15 21.17 -5.32
CA LYS A 135 22.09 22.14 -5.93
C LYS A 135 22.22 21.85 -7.44
N GLY A 136 21.25 22.25 -8.21
CA GLY A 136 21.31 22.00 -9.67
C GLY A 136 22.53 22.71 -10.26
N GLU A 137 22.31 23.67 -11.13
CA GLU A 137 23.45 24.41 -11.77
C GLU A 137 23.99 23.62 -12.95
N THR A 138 24.14 22.33 -12.81
CA THR A 138 24.67 21.52 -13.95
C THR A 138 23.84 20.25 -14.09
N ASP A 139 22.56 20.38 -14.27
CA ASP A 139 21.69 19.18 -14.42
C ASP A 139 20.23 19.62 -14.60
N ILE A 140 19.32 18.68 -14.64
CA ILE A 140 17.88 19.05 -14.81
C ILE A 140 17.26 19.34 -13.44
N GLY A 141 17.92 18.95 -12.39
CA GLY A 141 17.37 19.19 -11.03
C GLY A 141 16.10 18.37 -10.83
N ARG A 142 16.00 17.68 -9.73
CA ARG A 142 14.78 16.86 -9.48
C ARG A 142 14.48 16.83 -7.98
N LYS A 143 13.36 17.35 -7.58
CA LYS A 143 13.00 17.36 -6.13
C LYS A 143 11.66 16.67 -5.93
N ASN A 144 11.66 15.47 -5.44
CA ASN A 144 10.38 14.75 -5.21
C ASN A 144 10.63 13.49 -4.39
N THR A 145 9.79 13.22 -3.42
CA THR A 145 9.98 12.01 -2.57
C THR A 145 8.66 11.65 -1.89
N ARG A 146 7.61 11.50 -2.65
CA ARG A 146 6.30 11.14 -2.04
C ARG A 146 6.08 9.64 -2.18
N VAL A 147 5.02 9.14 -1.60
CA VAL A 147 4.72 7.68 -1.69
C VAL A 147 3.23 7.47 -1.93
N ARG A 148 2.84 6.27 -2.28
CA ARG A 148 1.39 6.01 -2.54
C ARG A 148 1.10 4.51 -2.33
N LEU A 149 0.37 4.18 -1.30
CA LEU A 149 0.06 2.75 -1.06
C LEU A 149 -1.11 2.33 -1.95
N VAL A 150 -0.86 1.47 -2.90
CA VAL A 150 -1.94 1.04 -3.83
C VAL A 150 -2.61 -0.24 -3.30
N PHE A 151 -3.90 -0.35 -3.49
CA PHE A 151 -4.63 -1.57 -3.03
C PHE A 151 -5.55 -2.04 -4.15
N ARG A 152 -5.28 -3.19 -4.71
CA ARG A 152 -6.16 -3.66 -5.82
C ARG A 152 -6.30 -5.19 -5.77
N VAL A 153 -7.43 -5.69 -5.37
CA VAL A 153 -7.63 -7.16 -5.34
C VAL A 153 -8.26 -7.58 -6.66
N HIS A 154 -7.69 -8.56 -7.31
CA HIS A 154 -8.25 -8.99 -8.62
C HIS A 154 -8.64 -10.46 -8.58
N VAL A 155 -9.90 -10.75 -8.75
CA VAL A 155 -10.36 -12.17 -8.72
C VAL A 155 -10.52 -12.65 -10.17
N PRO A 156 -10.15 -13.88 -10.41
CA PRO A 156 -10.24 -14.49 -11.76
C PRO A 156 -11.70 -14.85 -12.07
N GLN A 157 -12.26 -14.20 -13.05
CA GLN A 157 -13.68 -14.48 -13.42
C GLN A 157 -13.79 -14.56 -14.95
N PRO A 158 -14.92 -15.02 -15.43
CA PRO A 158 -15.17 -15.15 -16.87
C PRO A 158 -15.49 -13.78 -17.47
N SER A 159 -16.58 -13.18 -17.09
CA SER A 159 -16.93 -11.83 -17.64
C SER A 159 -15.76 -10.88 -17.42
N GLY A 160 -15.68 -10.28 -16.27
CA GLY A 160 -14.55 -9.34 -15.99
C GLY A 160 -15.00 -8.31 -14.96
N ARG A 161 -16.18 -7.79 -15.12
CA ARG A 161 -16.69 -6.79 -14.15
C ARG A 161 -17.18 -7.53 -12.91
N THR A 162 -16.27 -7.91 -12.07
CA THR A 162 -16.66 -8.67 -10.84
C THR A 162 -15.95 -8.06 -9.62
N LEU A 163 -14.77 -8.53 -9.29
CA LEU A 163 -14.06 -7.97 -8.11
C LEU A 163 -12.68 -7.50 -8.54
N SER A 164 -12.52 -6.24 -8.82
CA SER A 164 -11.19 -5.73 -9.25
C SER A 164 -11.17 -4.20 -9.11
N LEU A 165 -10.29 -3.67 -8.30
CA LEU A 165 -10.24 -2.19 -8.12
C LEU A 165 -8.80 -1.72 -7.98
N GLN A 166 -8.60 -0.42 -7.91
CA GLN A 166 -7.23 0.13 -7.76
C GLN A 166 -7.27 1.35 -6.84
N VAL A 167 -7.50 1.14 -5.57
CA VAL A 167 -7.58 2.28 -4.62
C VAL A 167 -6.17 2.61 -4.09
N ALA A 168 -5.59 3.68 -4.55
CA ALA A 168 -4.24 4.07 -4.06
C ALA A 168 -4.38 5.36 -3.24
N SER A 169 -4.14 5.29 -1.95
CA SER A 169 -4.28 6.52 -1.12
C SER A 169 -3.11 6.62 -0.13
N ASN A 170 -2.61 7.81 0.08
CA ASN A 170 -1.48 8.00 1.03
C ASN A 170 -1.04 9.47 1.00
N PRO A 171 -1.52 10.24 1.94
CA PRO A 171 -1.21 11.68 2.04
C PRO A 171 0.21 11.87 2.60
N ILE A 172 1.21 11.61 1.80
CA ILE A 172 2.61 11.79 2.29
C ILE A 172 3.45 12.43 1.17
N GLU A 173 4.11 13.51 1.47
CA GLU A 173 4.95 14.17 0.43
C GLU A 173 6.24 14.69 1.06
N CYS A 174 7.32 14.64 0.34
CA CYS A 174 8.61 15.13 0.90
C CYS A 174 9.07 16.37 0.11
N SER A 175 10.27 16.82 0.36
CA SER A 175 10.78 18.01 -0.37
C SER A 175 12.18 18.37 0.14
N GLN A 176 12.96 17.38 0.49
CA GLN A 176 14.33 17.65 0.99
C GLN A 176 14.25 18.60 2.20
N ARG A 177 15.33 18.74 2.92
CA ARG A 177 15.31 19.65 4.11
C ARG A 177 16.74 20.12 4.40
N SER A 178 17.70 19.26 4.25
CA SER A 178 19.11 19.67 4.53
C SER A 178 19.26 20.06 6.00
N MET A 1 -34.33 4.12 -13.51
CA MET A 1 -33.58 3.95 -12.23
C MET A 1 -32.13 3.56 -12.54
N LYS A 2 -31.69 3.79 -13.74
CA LYS A 2 -30.29 3.44 -14.12
C LYS A 2 -29.49 4.72 -14.37
N ASP A 3 -28.36 4.85 -13.75
CA ASP A 3 -27.53 6.09 -13.97
C ASP A 3 -27.23 6.25 -15.46
N TRP A 4 -26.52 7.28 -15.82
CA TRP A 4 -26.20 7.50 -17.25
C TRP A 4 -25.25 6.39 -17.74
N GLN A 5 -24.34 5.97 -16.89
CA GLN A 5 -23.40 4.89 -17.31
C GLN A 5 -22.47 4.56 -16.14
N LEU A 6 -22.94 3.78 -15.20
CA LEU A 6 -22.09 3.41 -14.03
C LEU A 6 -22.53 2.03 -13.51
N PRO A 7 -21.61 1.08 -13.49
CA PRO A 7 -21.90 -0.28 -13.01
C PRO A 7 -21.92 -0.32 -11.48
N SER A 8 -23.08 -0.17 -10.89
CA SER A 8 -23.16 -0.20 -9.40
C SER A 8 -24.45 -0.91 -8.97
N HIS A 9 -24.80 -1.96 -9.64
CA HIS A 9 -26.05 -2.69 -9.29
C HIS A 9 -25.80 -4.20 -9.39
N SER A 10 -26.42 -4.98 -8.55
CA SER A 10 -26.23 -6.45 -8.61
C SER A 10 -24.80 -6.80 -8.18
N GLY A 11 -24.66 -7.64 -7.20
CA GLY A 11 -23.30 -8.02 -6.74
C GLY A 11 -22.42 -6.77 -6.59
N PRO A 12 -22.82 -5.90 -5.69
CA PRO A 12 -22.10 -4.64 -5.43
C PRO A 12 -20.87 -4.92 -4.57
N TYR A 13 -19.69 -4.66 -5.08
CA TYR A 13 -18.46 -4.90 -4.28
C TYR A 13 -17.92 -3.59 -3.73
N GLU A 14 -16.96 -3.64 -2.84
CA GLU A 14 -16.40 -2.39 -2.28
C GLU A 14 -15.03 -2.68 -1.65
N LEU A 15 -14.04 -1.90 -1.98
CA LEU A 15 -12.69 -2.13 -1.41
C LEU A 15 -12.18 -0.83 -0.77
N ARG A 16 -12.56 -0.58 0.46
CA ARG A 16 -12.10 0.67 1.13
C ARG A 16 -11.46 0.32 2.47
N ILE A 17 -10.58 1.15 2.95
CA ILE A 17 -9.92 0.88 4.26
C ILE A 17 -10.98 0.97 5.37
N GLU A 18 -10.81 0.21 6.42
CA GLU A 18 -11.80 0.24 7.53
C GLU A 18 -11.66 1.57 8.29
N VAL A 19 -10.47 2.08 8.41
CA VAL A 19 -10.27 3.35 9.13
C VAL A 19 -8.96 4.00 8.68
N GLN A 20 -8.98 5.29 8.42
CA GLN A 20 -7.74 5.98 7.97
C GLN A 20 -7.29 6.99 9.03
N PRO A 21 -6.63 6.50 10.05
CA PRO A 21 -6.15 7.35 11.15
C PRO A 21 -4.86 8.07 10.73
N LYS A 22 -4.31 8.87 11.59
CA LYS A 22 -3.06 9.59 11.24
C LYS A 22 -2.09 8.63 10.56
N SER A 23 -1.89 8.78 9.28
CA SER A 23 -0.96 7.86 8.56
C SER A 23 0.03 8.66 7.71
N HIS A 24 0.50 9.76 8.23
CA HIS A 24 1.47 10.58 7.44
C HIS A 24 2.89 10.29 7.93
N HIS A 25 3.87 10.70 7.19
CA HIS A 25 5.27 10.45 7.60
C HIS A 25 6.11 11.71 7.40
N ARG A 26 6.43 12.39 8.47
CA ARG A 26 7.24 13.64 8.35
C ARG A 26 8.72 13.28 8.51
N ALA A 27 9.27 12.62 7.53
CA ALA A 27 10.70 12.23 7.61
C ALA A 27 11.58 13.49 7.53
N HIS A 28 12.42 13.70 8.51
CA HIS A 28 13.29 14.91 8.50
C HIS A 28 14.00 15.00 7.15
N TYR A 29 14.69 16.08 6.90
CA TYR A 29 15.39 16.24 5.60
C TYR A 29 16.79 16.81 5.84
N GLU A 30 16.86 17.93 6.52
CA GLU A 30 18.21 18.54 6.80
C GLU A 30 18.60 18.27 8.26
N THR A 31 18.20 19.14 9.15
CA THR A 31 18.55 18.93 10.59
C THR A 31 17.39 19.42 11.47
N GLU A 32 16.29 18.74 11.43
CA GLU A 32 15.12 19.16 12.26
C GLU A 32 14.48 17.93 12.91
N GLY A 33 15.25 17.15 13.61
CA GLY A 33 14.68 15.93 14.27
C GLY A 33 15.78 14.89 14.48
N SER A 34 15.46 13.79 15.08
CA SER A 34 16.49 12.74 15.30
C SER A 34 15.89 11.36 15.01
N ARG A 35 16.41 10.67 14.03
CA ARG A 35 15.88 9.32 13.68
C ARG A 35 14.35 9.32 13.76
N GLY A 36 13.80 8.94 14.88
CA GLY A 36 12.32 8.92 15.01
C GLY A 36 11.72 7.96 13.98
N ALA A 37 11.96 6.68 14.14
CA ALA A 37 11.40 5.70 13.17
C ALA A 37 9.93 6.02 12.89
N VAL A 38 9.34 5.34 11.94
CA VAL A 38 7.90 5.60 11.63
C VAL A 38 7.07 5.44 12.90
N LYS A 39 6.48 6.50 13.38
CA LYS A 39 5.66 6.41 14.61
C LYS A 39 4.38 7.23 14.43
N ALA A 40 3.30 6.58 14.11
CA ALA A 40 2.01 7.32 13.92
C ALA A 40 0.94 6.74 14.86
N SER A 41 -0.30 6.87 14.50
CA SER A 41 -1.39 6.33 15.36
C SER A 41 -1.36 4.80 15.33
N ALA A 42 -1.77 4.21 14.23
CA ALA A 42 -1.76 2.72 14.13
C ALA A 42 -0.49 2.26 13.44
N GLY A 43 0.65 2.42 14.07
CA GLY A 43 1.92 1.99 13.43
C GLY A 43 2.31 3.00 12.36
N GLY A 44 1.75 2.88 11.18
CA GLY A 44 2.09 3.83 10.09
C GLY A 44 1.06 3.71 8.96
N HIS A 45 0.61 2.50 8.69
CA HIS A 45 -0.38 2.33 7.59
C HIS A 45 -1.79 2.18 8.19
N PRO A 46 -2.78 2.42 7.37
CA PRO A 46 -4.19 2.32 7.78
C PRO A 46 -4.64 0.86 7.83
N ILE A 47 -5.89 0.62 8.11
CA ILE A 47 -6.39 -0.78 8.17
C ILE A 47 -6.99 -1.13 6.80
N VAL A 48 -7.08 -2.40 6.49
CA VAL A 48 -7.65 -2.78 5.16
C VAL A 48 -8.66 -3.92 5.32
N GLN A 49 -9.77 -3.81 4.65
CA GLN A 49 -10.81 -4.89 4.74
C GLN A 49 -11.60 -4.92 3.43
N LEU A 50 -12.01 -6.08 2.99
CA LEU A 50 -12.78 -6.15 1.71
C LEU A 50 -14.21 -6.61 1.99
N HIS A 51 -15.17 -6.01 1.34
CA HIS A 51 -16.59 -6.41 1.57
C HIS A 51 -17.33 -6.41 0.24
N GLY A 52 -17.14 -7.42 -0.58
CA GLY A 52 -17.83 -7.45 -1.89
C GLY A 52 -17.51 -8.77 -2.61
N TYR A 53 -18.23 -9.82 -2.32
CA TYR A 53 -17.97 -11.11 -3.01
C TYR A 53 -18.89 -12.18 -2.44
N LEU A 54 -19.53 -12.94 -3.29
CA LEU A 54 -20.45 -14.01 -2.81
C LEU A 54 -19.77 -15.36 -2.97
N GLU A 55 -18.68 -15.42 -3.67
CA GLU A 55 -17.96 -16.71 -3.87
C GLU A 55 -16.95 -16.92 -2.74
N ASN A 56 -16.76 -18.14 -2.32
CA ASN A 56 -15.80 -18.42 -1.22
C ASN A 56 -14.51 -19.00 -1.81
N GLU A 57 -13.89 -18.31 -2.73
CA GLU A 57 -12.63 -18.84 -3.34
C GLU A 57 -11.45 -17.99 -2.86
N PRO A 58 -10.28 -18.58 -2.91
CA PRO A 58 -9.04 -17.91 -2.48
C PRO A 58 -8.55 -16.95 -3.58
N LEU A 59 -8.23 -15.74 -3.23
CA LEU A 59 -7.74 -14.76 -4.23
C LEU A 59 -6.44 -14.13 -3.74
N MET A 60 -5.70 -13.52 -4.62
CA MET A 60 -4.43 -12.89 -4.21
C MET A 60 -4.59 -11.37 -4.17
N LEU A 61 -4.18 -10.74 -3.11
CA LEU A 61 -4.31 -9.27 -3.01
C LEU A 61 -3.06 -8.60 -3.57
N GLN A 62 -3.21 -7.51 -4.27
CA GLN A 62 -2.02 -6.82 -4.86
C GLN A 62 -1.71 -5.57 -4.04
N LEU A 63 -1.09 -5.72 -2.90
CA LEU A 63 -0.75 -4.53 -2.06
C LEU A 63 0.72 -4.19 -2.27
N PHE A 64 1.03 -2.94 -2.44
CA PHE A 64 2.45 -2.53 -2.64
C PHE A 64 2.57 -1.01 -2.45
N ILE A 65 3.74 -0.52 -2.18
CA ILE A 65 3.92 0.94 -2.00
C ILE A 65 4.72 1.51 -3.17
N GLY A 66 4.20 2.50 -3.84
CA GLY A 66 4.93 3.07 -5.00
C GLY A 66 4.68 4.58 -5.06
N THR A 67 5.69 5.32 -5.42
CA THR A 67 5.52 6.79 -5.50
C THR A 67 4.55 7.14 -6.64
N ALA A 68 4.29 8.41 -6.83
CA ALA A 68 3.37 8.83 -7.92
C ALA A 68 3.43 10.35 -8.07
N ASP A 69 3.71 10.84 -9.25
CA ASP A 69 3.79 12.30 -9.46
C ASP A 69 2.37 12.85 -9.71
N ASP A 70 1.56 12.13 -10.43
CA ASP A 70 0.18 12.61 -10.72
C ASP A 70 -0.81 11.44 -10.64
N ARG A 71 -0.57 10.41 -11.40
CA ARG A 71 -1.50 9.23 -11.38
C ARG A 71 -0.73 7.97 -11.77
N LEU A 72 0.03 8.03 -12.83
CA LEU A 72 0.80 6.83 -13.26
C LEU A 72 1.63 6.29 -12.09
N LEU A 73 1.07 5.41 -11.31
CA LEU A 73 1.82 4.87 -10.15
C LEU A 73 3.22 4.43 -10.59
N ARG A 74 4.06 4.08 -9.66
CA ARG A 74 5.44 3.65 -10.01
C ARG A 74 6.10 3.04 -8.77
N PRO A 75 7.21 2.37 -8.97
CA PRO A 75 7.95 1.74 -7.87
C PRO A 75 8.67 2.81 -7.04
N HIS A 76 8.73 2.63 -5.75
CA HIS A 76 9.39 3.64 -4.88
C HIS A 76 10.79 3.95 -5.43
N ALA A 77 11.24 5.16 -5.28
CA ALA A 77 12.58 5.53 -5.79
C ALA A 77 13.64 4.69 -5.07
N PHE A 78 13.72 4.79 -3.77
CA PHE A 78 14.73 4.00 -3.02
C PHE A 78 14.09 3.39 -1.76
N TYR A 79 12.81 3.57 -1.58
CA TYR A 79 12.15 2.99 -0.38
C TYR A 79 11.46 1.68 -0.77
N GLN A 80 12.03 0.56 -0.41
CA GLN A 80 11.41 -0.74 -0.77
C GLN A 80 11.53 -1.71 0.40
N VAL A 81 12.00 -1.24 1.52
CA VAL A 81 12.14 -2.14 2.71
C VAL A 81 10.77 -2.63 3.14
N HIS A 82 10.72 -3.73 3.84
CA HIS A 82 9.40 -4.27 4.30
C HIS A 82 9.64 -5.50 5.17
N ARG A 83 9.79 -5.32 6.45
CA ARG A 83 10.02 -6.49 7.35
C ARG A 83 8.94 -6.55 8.41
N ILE A 84 8.53 -7.73 8.80
CA ILE A 84 7.47 -7.87 9.83
C ILE A 84 8.08 -8.42 11.12
N THR A 85 7.91 -7.74 12.22
CA THR A 85 8.48 -8.24 13.50
C THR A 85 7.44 -8.07 14.62
N GLY A 86 7.52 -6.99 15.36
CA GLY A 86 6.56 -6.78 16.47
C GLY A 86 5.15 -7.18 16.02
N LYS A 87 4.56 -6.45 15.12
CA LYS A 87 3.20 -6.80 14.65
C LYS A 87 3.28 -8.02 13.72
N THR A 88 2.62 -9.09 14.07
CA THR A 88 2.68 -10.31 13.21
C THR A 88 1.29 -10.64 12.70
N VAL A 89 1.16 -10.97 11.44
CA VAL A 89 -0.18 -11.31 10.88
C VAL A 89 -0.21 -12.81 10.56
N SER A 90 -1.12 -13.54 11.15
CA SER A 90 -1.20 -15.00 10.87
C SER A 90 -2.12 -15.25 9.68
N THR A 91 -2.18 -14.34 8.76
CA THR A 91 -3.06 -14.53 7.58
C THR A 91 -2.27 -15.19 6.46
N THR A 92 -1.66 -14.43 5.60
CA THR A 92 -0.85 -15.01 4.49
C THR A 92 -0.14 -13.90 3.73
N SER A 93 0.97 -13.45 4.22
CA SER A 93 1.70 -12.36 3.52
C SER A 93 2.88 -12.94 2.73
N HIS A 94 3.38 -12.20 1.79
CA HIS A 94 4.53 -12.68 0.98
C HIS A 94 5.29 -11.49 0.41
N GLU A 95 6.51 -11.67 0.00
CA GLU A 95 7.28 -10.53 -0.57
C GLU A 95 7.96 -10.95 -1.87
N ALA A 96 8.17 -10.03 -2.76
CA ALA A 96 8.83 -10.37 -4.06
C ALA A 96 9.51 -9.12 -4.61
N ILE A 97 10.79 -9.21 -4.87
CA ILE A 97 11.52 -8.02 -5.42
C ILE A 97 12.11 -8.36 -6.78
N LEU A 98 11.90 -7.51 -7.75
CA LEU A 98 12.46 -7.77 -9.11
C LEU A 98 13.28 -6.57 -9.57
N SER A 99 14.40 -6.34 -8.94
CA SER A 99 15.25 -5.18 -9.32
C SER A 99 14.63 -3.89 -8.77
N ASN A 100 15.05 -3.47 -7.62
CA ASN A 100 14.50 -2.23 -7.00
C ASN A 100 12.99 -2.19 -7.19
N THR A 101 12.30 -3.21 -6.74
CA THR A 101 10.82 -3.23 -6.89
C THR A 101 10.22 -4.23 -5.90
N LYS A 102 10.06 -3.82 -4.67
CA LYS A 102 9.49 -4.75 -3.65
C LYS A 102 7.96 -4.67 -3.70
N VAL A 103 7.30 -5.79 -3.76
CA VAL A 103 5.80 -5.77 -3.80
C VAL A 103 5.25 -6.70 -2.73
N LEU A 104 3.99 -6.61 -2.43
CA LEU A 104 3.40 -7.50 -1.39
C LEU A 104 2.27 -8.33 -2.02
N GLU A 105 2.16 -9.58 -1.62
CA GLU A 105 1.09 -10.44 -2.18
C GLU A 105 0.46 -11.26 -1.05
N ILE A 106 -0.80 -11.06 -0.79
CA ILE A 106 -1.46 -11.83 0.32
C ILE A 106 -2.59 -12.69 -0.26
N PRO A 107 -2.31 -13.95 -0.47
CA PRO A 107 -3.30 -14.90 -1.01
C PRO A 107 -4.30 -15.31 0.09
N LEU A 108 -5.44 -14.69 0.12
CA LEU A 108 -6.45 -15.03 1.15
C LEU A 108 -7.86 -14.91 0.56
N LEU A 109 -8.85 -15.45 1.23
CA LEU A 109 -10.23 -15.36 0.71
C LEU A 109 -11.09 -14.54 1.67
N PRO A 110 -11.01 -13.23 1.55
CA PRO A 110 -11.78 -12.30 2.40
C PRO A 110 -13.21 -12.14 1.86
N GLU A 111 -13.83 -13.22 1.47
CA GLU A 111 -15.22 -13.13 0.94
C GLU A 111 -16.21 -13.52 2.04
N ASN A 112 -15.86 -13.32 3.27
CA ASN A 112 -16.79 -13.69 4.38
C ASN A 112 -16.78 -12.59 5.44
N SER A 113 -15.70 -12.45 6.16
CA SER A 113 -15.62 -11.39 7.21
C SER A 113 -14.28 -11.50 7.92
N MET A 114 -13.36 -10.64 7.58
CA MET A 114 -12.02 -10.68 8.24
C MET A 114 -11.27 -9.38 7.97
N ARG A 115 -10.73 -8.77 9.00
CA ARG A 115 -9.99 -7.49 8.81
C ARG A 115 -8.49 -7.75 8.95
N ALA A 116 -7.71 -7.27 8.04
CA ALA A 116 -6.23 -7.49 8.12
C ALA A 116 -5.53 -6.14 8.29
N VAL A 117 -5.12 -5.83 9.49
CA VAL A 117 -4.43 -4.53 9.72
C VAL A 117 -2.96 -4.65 9.32
N ILE A 118 -2.49 -3.77 8.48
CA ILE A 118 -1.06 -3.85 8.06
C ILE A 118 -0.28 -2.70 8.71
N ASP A 119 0.65 -3.03 9.57
CA ASP A 119 1.46 -1.98 10.24
C ASP A 119 2.78 -2.58 10.70
N CYS A 120 3.50 -3.19 9.81
CA CYS A 120 4.80 -3.81 10.18
C CYS A 120 5.82 -3.60 9.06
N ALA A 121 6.06 -2.39 8.67
CA ALA A 121 7.04 -2.12 7.58
C ALA A 121 7.86 -0.88 7.94
N GLY A 122 8.94 -0.64 7.23
CA GLY A 122 9.78 0.55 7.54
C GLY A 122 10.20 1.23 6.24
N ILE A 123 11.01 2.26 6.34
CA ILE A 123 11.47 2.97 5.11
C ILE A 123 12.99 2.81 4.98
N LEU A 124 13.55 3.22 3.88
CA LEU A 124 15.02 3.09 3.69
C LEU A 124 15.61 4.44 3.28
N LYS A 125 16.89 4.63 3.50
CA LYS A 125 17.53 5.92 3.10
C LYS A 125 18.53 5.65 1.98
N LEU A 126 18.82 6.64 1.18
CA LEU A 126 19.79 6.44 0.06
C LEU A 126 21.01 7.35 0.28
N ARG A 127 21.00 8.52 -0.30
CA ARG A 127 22.17 9.45 -0.13
C ARG A 127 22.01 10.62 -1.09
N ASN A 128 22.32 10.42 -2.35
CA ASN A 128 22.19 11.52 -3.33
C ASN A 128 21.28 11.08 -4.47
N SER A 129 20.12 11.68 -4.60
CA SER A 129 19.19 11.27 -5.70
C SER A 129 19.61 11.96 -7.00
N ASP A 130 19.81 11.19 -8.03
CA ASP A 130 20.22 11.80 -9.33
C ASP A 130 20.01 10.77 -10.46
N ILE A 131 18.81 10.28 -10.61
CA ILE A 131 18.55 9.28 -11.67
C ILE A 131 17.45 9.82 -12.62
N GLU A 132 17.77 10.82 -13.40
CA GLU A 132 16.75 11.39 -14.32
C GLU A 132 16.81 10.65 -15.67
N LEU A 133 15.75 10.01 -16.06
CA LEU A 133 15.74 9.29 -17.35
C LEU A 133 15.67 10.28 -18.50
N ARG A 134 14.77 11.24 -18.41
CA ARG A 134 14.66 12.25 -19.50
C ARG A 134 13.49 13.19 -19.20
N LYS A 135 13.61 14.43 -19.55
CA LYS A 135 12.51 15.40 -19.29
C LYS A 135 12.66 16.60 -20.21
N GLY A 136 11.63 16.92 -20.96
CA GLY A 136 11.71 18.09 -21.88
C GLY A 136 11.18 19.35 -21.17
N GLU A 137 10.70 19.20 -19.96
CA GLU A 137 10.16 20.38 -19.23
C GLU A 137 9.72 19.94 -17.82
N THR A 138 9.68 20.86 -16.89
CA THR A 138 9.26 20.50 -15.51
C THR A 138 8.68 21.73 -14.82
N ASP A 139 9.32 22.86 -14.94
CA ASP A 139 8.80 24.09 -14.29
C ASP A 139 8.86 23.92 -12.76
N ILE A 140 9.52 22.89 -12.30
CA ILE A 140 9.62 22.68 -10.83
C ILE A 140 10.80 21.75 -10.53
N GLY A 141 10.67 20.49 -10.83
CA GLY A 141 11.79 19.54 -10.57
C GLY A 141 11.51 18.77 -9.28
N ARG A 142 11.60 19.42 -8.15
CA ARG A 142 11.35 18.73 -6.86
C ARG A 142 12.43 17.67 -6.64
N LYS A 143 12.48 17.09 -5.47
CA LYS A 143 13.51 16.05 -5.19
C LYS A 143 12.82 14.78 -4.69
N ASN A 144 11.92 14.24 -5.47
CA ASN A 144 11.20 13.00 -5.04
C ASN A 144 10.87 13.06 -3.55
N THR A 145 9.69 13.51 -3.21
CA THR A 145 9.32 13.60 -1.77
C THR A 145 7.83 13.25 -1.61
N ARG A 146 7.40 12.20 -2.22
CA ARG A 146 5.97 11.80 -2.09
C ARG A 146 5.84 10.29 -2.35
N VAL A 147 4.82 9.68 -1.81
CA VAL A 147 4.63 8.22 -2.01
C VAL A 147 3.15 7.93 -2.24
N ARG A 148 2.83 6.78 -2.77
CA ARG A 148 1.40 6.45 -3.02
C ARG A 148 1.16 4.97 -2.72
N LEU A 149 0.40 4.69 -1.70
CA LEU A 149 0.12 3.27 -1.36
C LEU A 149 -0.96 2.73 -2.29
N VAL A 150 -0.69 1.66 -2.99
CA VAL A 150 -1.70 1.11 -3.93
C VAL A 150 -2.50 0.00 -3.23
N PHE A 151 -3.75 -0.13 -3.55
CA PHE A 151 -4.59 -1.18 -2.91
C PHE A 151 -5.65 -1.66 -3.92
N ARG A 152 -5.42 -2.76 -4.56
CA ARG A 152 -6.43 -3.26 -5.56
C ARG A 152 -6.39 -4.78 -5.64
N VAL A 153 -7.53 -5.41 -5.67
CA VAL A 153 -7.57 -6.88 -5.78
C VAL A 153 -8.21 -7.27 -7.11
N HIS A 154 -7.58 -8.11 -7.87
CA HIS A 154 -8.16 -8.49 -9.19
C HIS A 154 -8.25 -10.01 -9.30
N VAL A 155 -9.44 -10.54 -9.44
CA VAL A 155 -9.59 -12.01 -9.55
C VAL A 155 -9.74 -12.37 -11.04
N PRO A 156 -9.13 -13.46 -11.43
CA PRO A 156 -9.19 -13.93 -12.82
C PRO A 156 -10.56 -14.56 -13.12
N GLN A 157 -11.30 -13.95 -14.00
CA GLN A 157 -12.65 -14.49 -14.34
C GLN A 157 -12.85 -14.44 -15.85
N PRO A 158 -13.87 -15.11 -16.33
CA PRO A 158 -14.19 -15.16 -17.76
C PRO A 158 -14.87 -13.85 -18.19
N SER A 159 -16.03 -13.59 -17.66
CA SER A 159 -16.74 -12.33 -18.04
C SER A 159 -15.83 -11.13 -17.78
N GLY A 160 -15.68 -10.75 -16.53
CA GLY A 160 -14.80 -9.58 -16.21
C GLY A 160 -15.42 -8.78 -15.09
N ARG A 161 -16.70 -8.56 -15.15
CA ARG A 161 -17.38 -7.80 -14.08
C ARG A 161 -17.60 -8.73 -12.90
N THR A 162 -16.58 -8.93 -12.11
CA THR A 162 -16.70 -9.86 -10.97
C THR A 162 -16.05 -9.22 -9.72
N LEU A 163 -14.74 -9.25 -9.64
CA LEU A 163 -14.07 -8.66 -8.45
C LEU A 163 -12.79 -7.95 -8.91
N SER A 164 -12.83 -6.66 -9.04
CA SER A 164 -11.61 -5.93 -9.47
C SER A 164 -11.74 -4.45 -9.12
N LEU A 165 -11.17 -4.03 -8.03
CA LEU A 165 -11.26 -2.59 -7.62
C LEU A 165 -9.86 -2.03 -7.38
N GLN A 166 -9.69 -0.75 -7.58
CA GLN A 166 -8.35 -0.14 -7.36
C GLN A 166 -8.45 0.91 -6.25
N VAL A 167 -7.41 1.05 -5.46
CA VAL A 167 -7.44 2.06 -4.36
C VAL A 167 -6.02 2.53 -4.04
N ALA A 168 -5.59 3.60 -4.66
CA ALA A 168 -4.21 4.12 -4.38
C ALA A 168 -4.30 5.46 -3.64
N SER A 169 -3.94 5.49 -2.39
CA SER A 169 -4.01 6.77 -1.63
C SER A 169 -3.09 6.70 -0.42
N ASN A 170 -2.37 7.77 -0.16
CA ASN A 170 -1.44 7.77 1.01
C ASN A 170 -0.65 9.09 1.02
N PRO A 171 -1.10 10.03 1.83
CA PRO A 171 -0.45 11.35 1.94
C PRO A 171 0.83 11.27 2.75
N ILE A 172 1.95 11.13 2.10
CA ILE A 172 3.25 11.05 2.84
C ILE A 172 4.36 11.61 1.95
N GLU A 173 5.48 11.97 2.53
CA GLU A 173 6.59 12.53 1.72
C GLU A 173 7.83 11.63 1.83
N CYS A 174 8.84 11.91 1.07
CA CYS A 174 10.07 11.07 1.12
C CYS A 174 11.23 11.93 1.65
N SER A 175 12.20 11.31 2.26
CA SER A 175 13.36 12.07 2.79
C SER A 175 14.51 11.12 3.12
N GLN A 176 15.69 11.65 3.34
CA GLN A 176 16.84 10.76 3.67
C GLN A 176 17.09 10.79 5.17
N ARG A 177 18.12 10.13 5.62
CA ARG A 177 18.42 10.12 7.08
C ARG A 177 19.59 11.07 7.37
N SER A 178 20.79 10.61 7.20
CA SER A 178 21.97 11.48 7.47
C SER A 178 21.92 11.98 8.92
N MET A 1 -22.70 0.26 -14.24
CA MET A 1 -22.96 1.71 -14.48
C MET A 1 -24.46 1.94 -14.66
N LYS A 2 -24.85 3.16 -14.88
CA LYS A 2 -26.31 3.44 -15.06
C LYS A 2 -26.47 4.69 -15.94
N ASP A 3 -27.37 4.65 -16.89
CA ASP A 3 -27.57 5.82 -17.77
C ASP A 3 -28.57 5.48 -18.88
N TRP A 4 -28.19 4.60 -19.77
CA TRP A 4 -29.11 4.20 -20.87
C TRP A 4 -30.14 3.20 -20.34
N GLN A 5 -29.69 2.21 -19.61
CA GLN A 5 -30.65 1.20 -19.06
C GLN A 5 -29.88 0.17 -18.25
N LEU A 6 -29.58 0.49 -17.01
CA LEU A 6 -28.82 -0.47 -16.16
C LEU A 6 -28.89 -0.02 -14.69
N PRO A 7 -30.09 0.01 -14.16
CA PRO A 7 -30.32 0.43 -12.76
C PRO A 7 -29.96 -0.72 -11.81
N SER A 8 -28.76 -0.71 -11.30
CA SER A 8 -28.34 -1.80 -10.36
C SER A 8 -27.22 -1.30 -9.46
N HIS A 9 -27.37 -0.12 -8.90
CA HIS A 9 -26.32 0.43 -8.01
C HIS A 9 -26.81 0.42 -6.57
N SER A 10 -26.20 -0.36 -5.73
CA SER A 10 -26.64 -0.41 -4.30
C SER A 10 -25.48 -0.86 -3.42
N GLY A 11 -24.34 -0.21 -3.53
CA GLY A 11 -23.17 -0.60 -2.71
C GLY A 11 -22.73 -2.03 -3.06
N PRO A 12 -22.12 -2.16 -4.22
CA PRO A 12 -21.64 -3.47 -4.71
C PRO A 12 -20.33 -3.85 -4.01
N TYR A 13 -19.60 -4.78 -4.56
CA TYR A 13 -18.32 -5.20 -3.92
C TYR A 13 -17.42 -3.97 -3.76
N GLU A 14 -16.65 -3.91 -2.71
CA GLU A 14 -15.75 -2.73 -2.52
C GLU A 14 -14.58 -3.10 -1.61
N LEU A 15 -13.38 -2.89 -2.09
CA LEU A 15 -12.18 -3.21 -1.26
C LEU A 15 -11.53 -1.90 -0.79
N ARG A 16 -12.06 -1.31 0.25
CA ARG A 16 -11.47 -0.02 0.74
C ARG A 16 -10.91 -0.23 2.14
N ILE A 17 -9.99 0.62 2.53
CA ILE A 17 -9.40 0.51 3.89
C ILE A 17 -10.51 0.73 4.93
N GLU A 18 -10.39 0.12 6.08
CA GLU A 18 -11.44 0.30 7.13
C GLU A 18 -11.45 1.76 7.58
N VAL A 19 -10.28 2.33 7.77
CA VAL A 19 -10.22 3.75 8.20
C VAL A 19 -8.91 4.37 7.69
N GLN A 20 -9.00 5.47 7.00
CA GLN A 20 -7.76 6.11 6.49
C GLN A 20 -7.57 7.48 7.15
N PRO A 21 -7.07 7.46 8.37
CA PRO A 21 -6.84 8.69 9.13
C PRO A 21 -5.56 9.39 8.65
N LYS A 22 -5.21 10.49 9.25
CA LYS A 22 -3.97 11.21 8.83
C LYS A 22 -2.75 10.36 9.18
N SER A 23 -2.04 9.88 8.21
CA SER A 23 -0.85 9.04 8.49
C SER A 23 0.30 9.41 7.54
N HIS A 24 0.90 10.55 7.74
CA HIS A 24 2.02 10.95 6.85
C HIS A 24 3.34 10.66 7.54
N HIS A 25 4.41 10.71 6.81
CA HIS A 25 5.74 10.45 7.42
C HIS A 25 6.74 11.49 6.90
N ARG A 26 7.07 12.44 7.73
CA ARG A 26 8.04 13.49 7.31
C ARG A 26 9.46 12.93 7.41
N ALA A 27 9.85 12.12 6.45
CA ALA A 27 11.22 11.53 6.49
C ALA A 27 12.27 12.65 6.47
N HIS A 28 12.71 13.08 7.63
CA HIS A 28 13.73 14.17 7.68
C HIS A 28 14.01 14.52 9.15
N TYR A 29 13.96 13.56 10.01
CA TYR A 29 14.22 13.84 11.46
C TYR A 29 15.69 13.54 11.78
N GLU A 30 16.04 13.52 13.03
CA GLU A 30 17.45 13.24 13.42
C GLU A 30 17.77 11.77 13.12
N THR A 31 18.99 11.49 12.73
CA THR A 31 19.37 10.08 12.44
C THR A 31 20.82 9.85 12.85
N GLU A 32 21.25 10.42 13.94
CA GLU A 32 22.66 10.24 14.39
C GLU A 32 22.67 9.53 15.74
N GLY A 33 21.61 8.85 16.08
CA GLY A 33 21.56 8.15 17.39
C GLY A 33 20.24 7.38 17.52
N SER A 34 19.14 8.03 17.28
CA SER A 34 17.83 7.34 17.38
C SER A 34 17.35 6.92 15.99
N ARG A 35 16.61 5.86 15.90
CA ARG A 35 16.11 5.40 14.56
C ARG A 35 14.78 6.08 14.25
N GLY A 36 13.69 5.48 14.64
CA GLY A 36 12.36 6.10 14.36
C GLY A 36 11.62 5.27 13.31
N ALA A 37 10.40 5.62 13.00
CA ALA A 37 9.64 4.85 11.98
C ALA A 37 8.30 5.53 11.73
N VAL A 38 7.59 5.11 10.73
CA VAL A 38 6.27 5.73 10.41
C VAL A 38 5.36 5.62 11.64
N LYS A 39 4.87 6.73 12.13
CA LYS A 39 3.98 6.70 13.32
C LYS A 39 3.08 7.93 13.32
N ALA A 40 1.80 7.74 13.07
CA ALA A 40 0.87 8.90 13.05
C ALA A 40 -0.42 8.55 13.80
N SER A 41 -1.40 8.05 13.11
CA SER A 41 -2.68 7.69 13.80
C SER A 41 -2.74 6.18 13.99
N ALA A 42 -3.14 5.74 15.16
CA ALA A 42 -3.24 4.27 15.42
C ALA A 42 -1.83 3.67 15.43
N GLY A 43 -0.82 4.50 15.42
CA GLY A 43 0.58 3.98 15.43
C GLY A 43 1.15 4.03 14.00
N GLY A 44 0.47 4.70 13.11
CA GLY A 44 0.98 4.79 11.72
C GLY A 44 0.70 3.48 10.98
N HIS A 45 -0.48 3.31 10.46
CA HIS A 45 -0.79 2.05 9.73
C HIS A 45 -2.24 2.09 9.20
N PRO A 46 -2.40 1.93 7.90
CA PRO A 46 -3.74 1.93 7.29
C PRO A 46 -4.40 0.55 7.50
N ILE A 47 -5.69 0.52 7.65
CA ILE A 47 -6.36 -0.81 7.87
C ILE A 47 -6.91 -1.31 6.53
N VAL A 48 -6.70 -2.56 6.23
CA VAL A 48 -7.21 -3.11 4.95
C VAL A 48 -8.22 -4.23 5.23
N GLN A 49 -9.36 -4.18 4.59
CA GLN A 49 -10.38 -5.24 4.81
C GLN A 49 -11.40 -5.22 3.66
N LEU A 50 -11.49 -6.29 2.92
CA LEU A 50 -12.46 -6.32 1.78
C LEU A 50 -13.87 -6.56 2.35
N HIS A 51 -14.84 -5.84 1.85
CA HIS A 51 -16.23 -6.03 2.37
C HIS A 51 -17.21 -5.93 1.21
N GLY A 52 -17.47 -7.02 0.54
CA GLY A 52 -18.42 -6.97 -0.61
C GLY A 52 -18.27 -8.23 -1.47
N TYR A 53 -18.58 -9.38 -0.93
CA TYR A 53 -18.45 -10.63 -1.72
C TYR A 53 -18.78 -11.84 -0.84
N LEU A 54 -19.76 -12.61 -1.20
CA LEU A 54 -20.10 -13.81 -0.39
C LEU A 54 -19.57 -15.07 -1.08
N GLU A 55 -18.59 -14.93 -1.92
CA GLU A 55 -18.04 -16.12 -2.63
C GLU A 55 -16.94 -16.76 -1.77
N ASN A 56 -16.83 -18.06 -1.81
CA ASN A 56 -15.79 -18.75 -1.00
C ASN A 56 -14.51 -18.89 -1.82
N GLU A 57 -14.09 -17.83 -2.47
CA GLU A 57 -12.85 -17.91 -3.29
C GLU A 57 -11.85 -16.83 -2.81
N PRO A 58 -10.64 -17.23 -2.50
CA PRO A 58 -9.60 -16.30 -2.03
C PRO A 58 -8.99 -15.53 -3.20
N LEU A 59 -8.53 -14.33 -2.96
CA LEU A 59 -7.91 -13.54 -4.06
C LEU A 59 -6.54 -13.04 -3.60
N MET A 60 -5.58 -13.02 -4.48
CA MET A 60 -4.23 -12.54 -4.08
C MET A 60 -4.22 -11.01 -4.05
N LEU A 61 -4.29 -10.44 -2.88
CA LEU A 61 -4.29 -8.96 -2.76
C LEU A 61 -2.99 -8.40 -3.36
N GLN A 62 -3.08 -7.36 -4.14
CA GLN A 62 -1.86 -6.76 -4.75
C GLN A 62 -1.49 -5.49 -3.98
N LEU A 63 -0.58 -5.60 -3.05
CA LEU A 63 -0.19 -4.40 -2.25
C LEU A 63 1.32 -4.17 -2.38
N PHE A 64 1.72 -2.94 -2.52
CA PHE A 64 3.17 -2.63 -2.65
C PHE A 64 3.40 -1.15 -2.28
N ILE A 65 4.54 -0.63 -2.65
CA ILE A 65 4.83 0.80 -2.35
C ILE A 65 5.20 1.52 -3.65
N GLY A 66 4.41 2.46 -4.08
CA GLY A 66 4.73 3.17 -5.34
C GLY A 66 4.54 4.68 -5.16
N THR A 67 5.32 5.46 -5.85
CA THR A 67 5.20 6.94 -5.72
C THR A 67 4.10 7.43 -6.66
N ALA A 68 3.52 8.57 -6.37
CA ALA A 68 2.43 9.09 -7.24
C ALA A 68 2.28 10.59 -7.03
N ASP A 69 2.46 11.36 -8.07
CA ASP A 69 2.31 12.85 -7.93
C ASP A 69 0.84 13.23 -8.08
N ASP A 70 0.01 12.31 -8.49
CA ASP A 70 -1.44 12.62 -8.65
C ASP A 70 -2.22 11.32 -8.82
N ARG A 71 -1.72 10.41 -9.63
CA ARG A 71 -2.44 9.13 -9.84
C ARG A 71 -1.54 8.15 -10.59
N LEU A 72 -0.74 8.63 -11.49
CA LEU A 72 0.16 7.73 -12.26
C LEU A 72 1.01 6.91 -11.27
N LEU A 73 0.52 5.76 -10.87
CA LEU A 73 1.29 4.92 -9.92
C LEU A 73 2.69 4.67 -10.48
N ARG A 74 3.57 4.13 -9.68
CA ARG A 74 4.95 3.86 -10.16
C ARG A 74 5.75 3.12 -9.08
N PRO A 75 6.74 2.38 -9.50
CA PRO A 75 7.60 1.60 -8.58
C PRO A 75 8.61 2.53 -7.88
N HIS A 76 8.52 2.66 -6.59
CA HIS A 76 9.48 3.54 -5.86
C HIS A 76 10.91 3.16 -6.21
N ALA A 77 11.82 4.08 -6.10
CA ALA A 77 13.25 3.78 -6.42
C ALA A 77 13.71 2.56 -5.63
N PHE A 78 13.90 2.71 -4.34
CA PHE A 78 14.37 1.56 -3.52
C PHE A 78 13.49 1.42 -2.28
N TYR A 79 12.38 2.11 -2.23
CA TYR A 79 11.48 2.02 -1.04
C TYR A 79 10.64 0.74 -1.16
N GLN A 80 10.81 -0.18 -0.24
CA GLN A 80 10.02 -1.44 -0.30
C GLN A 80 10.29 -2.29 0.95
N VAL A 81 10.49 -1.65 2.07
CA VAL A 81 10.75 -2.44 3.31
C VAL A 81 9.43 -2.68 4.04
N HIS A 82 9.27 -3.85 4.59
CA HIS A 82 8.01 -4.17 5.33
C HIS A 82 8.15 -5.55 5.96
N ARG A 83 8.23 -5.62 7.27
CA ARG A 83 8.36 -6.95 7.93
C ARG A 83 7.60 -6.96 9.26
N ILE A 84 6.87 -8.01 9.50
CA ILE A 84 6.10 -8.10 10.78
C ILE A 84 6.87 -8.97 11.77
N THR A 85 7.08 -8.49 12.97
CA THR A 85 7.82 -9.30 13.98
C THR A 85 6.82 -9.94 14.94
N GLY A 86 7.25 -10.25 16.13
CA GLY A 86 6.35 -10.87 17.12
C GLY A 86 5.48 -11.94 16.45
N LYS A 87 4.31 -12.18 16.97
CA LYS A 87 3.42 -13.20 16.35
C LYS A 87 1.97 -12.90 16.70
N THR A 88 1.43 -11.83 16.16
CA THR A 88 0.01 -11.49 16.46
C THR A 88 -0.74 -11.20 15.17
N VAL A 89 -0.49 -11.96 14.15
CA VAL A 89 -1.20 -11.72 12.86
C VAL A 89 -1.39 -13.07 12.13
N SER A 90 -2.55 -13.31 11.59
CA SER A 90 -2.78 -14.60 10.89
C SER A 90 -2.72 -14.36 9.37
N THR A 91 -2.78 -13.12 8.95
CA THR A 91 -2.74 -12.83 7.49
C THR A 91 -1.37 -13.24 6.92
N THR A 92 -1.36 -14.20 6.05
CA THR A 92 -0.06 -14.65 5.46
C THR A 92 0.36 -13.66 4.37
N SER A 93 1.64 -13.48 4.18
CA SER A 93 2.10 -12.52 3.14
C SER A 93 3.27 -13.12 2.36
N HIS A 94 3.71 -12.43 1.33
CA HIS A 94 4.84 -12.95 0.51
C HIS A 94 5.57 -11.76 -0.12
N GLU A 95 6.79 -11.95 -0.53
CA GLU A 95 7.56 -10.83 -1.14
C GLU A 95 8.12 -11.27 -2.49
N ALA A 96 8.23 -10.35 -3.42
CA ALA A 96 8.77 -10.70 -4.77
C ALA A 96 9.44 -9.47 -5.38
N ILE A 97 10.69 -9.57 -5.70
CA ILE A 97 11.41 -8.40 -6.31
C ILE A 97 11.72 -8.70 -7.77
N LEU A 98 11.61 -7.71 -8.62
CA LEU A 98 11.91 -7.93 -10.06
C LEU A 98 12.86 -6.83 -10.56
N SER A 99 13.94 -6.61 -9.85
CA SER A 99 14.92 -5.57 -10.27
C SER A 99 14.36 -4.17 -10.00
N ASN A 100 14.93 -3.46 -9.08
CA ASN A 100 14.47 -2.07 -8.75
C ASN A 100 12.95 -2.02 -8.70
N THR A 101 12.30 -3.08 -8.29
CA THR A 101 10.82 -3.07 -8.24
C THR A 101 10.32 -4.17 -7.29
N LYS A 102 10.20 -3.87 -6.03
CA LYS A 102 9.70 -4.90 -5.07
C LYS A 102 8.19 -4.78 -4.95
N VAL A 103 7.52 -5.88 -4.73
CA VAL A 103 6.03 -5.84 -4.60
C VAL A 103 5.61 -6.73 -3.42
N LEU A 104 4.37 -6.63 -3.00
CA LEU A 104 3.90 -7.46 -1.86
C LEU A 104 2.71 -8.30 -2.31
N GLU A 105 2.80 -9.60 -2.14
CA GLU A 105 1.66 -10.48 -2.54
C GLU A 105 1.08 -11.15 -1.30
N ILE A 106 -0.19 -10.93 -1.04
CA ILE A 106 -0.80 -11.55 0.17
C ILE A 106 -2.15 -12.18 -0.21
N PRO A 107 -2.21 -13.49 -0.23
CA PRO A 107 -3.45 -14.22 -0.57
C PRO A 107 -4.42 -14.16 0.61
N LEU A 108 -5.55 -13.52 0.43
CA LEU A 108 -6.53 -13.41 1.55
C LEU A 108 -7.88 -13.98 1.14
N LEU A 109 -8.73 -14.22 2.10
CA LEU A 109 -10.09 -14.75 1.79
C LEU A 109 -11.11 -14.04 2.68
N PRO A 110 -11.18 -12.75 2.55
CA PRO A 110 -12.12 -11.92 3.34
C PRO A 110 -13.53 -12.04 2.79
N GLU A 111 -13.71 -12.75 1.71
CA GLU A 111 -15.07 -12.89 1.13
C GLU A 111 -16.07 -13.17 2.25
N ASN A 112 -15.65 -13.89 3.25
CA ASN A 112 -16.56 -14.20 4.39
C ASN A 112 -16.31 -13.18 5.51
N SER A 113 -15.08 -12.91 5.80
CA SER A 113 -14.77 -11.92 6.88
C SER A 113 -13.30 -12.06 7.28
N MET A 114 -12.49 -11.11 6.91
CA MET A 114 -11.04 -11.18 7.27
C MET A 114 -10.45 -9.77 7.31
N ARG A 115 -10.42 -9.17 8.46
CA ARG A 115 -9.85 -7.80 8.57
C ARG A 115 -8.39 -7.88 9.00
N ALA A 116 -7.52 -7.21 8.29
CA ALA A 116 -6.07 -7.27 8.66
C ALA A 116 -5.48 -5.86 8.60
N VAL A 117 -4.71 -5.49 9.59
CA VAL A 117 -4.10 -4.13 9.59
C VAL A 117 -2.60 -4.26 9.28
N ILE A 118 -2.05 -3.30 8.59
CA ILE A 118 -0.60 -3.38 8.26
C ILE A 118 0.15 -2.26 9.00
N ASP A 119 0.68 -2.58 10.15
CA ASP A 119 1.43 -1.54 10.94
C ASP A 119 2.80 -2.11 11.31
N CYS A 120 3.31 -3.02 10.54
CA CYS A 120 4.65 -3.61 10.85
C CYS A 120 5.61 -3.39 9.69
N ALA A 121 5.63 -2.21 9.13
CA ALA A 121 6.56 -1.94 8.00
C ALA A 121 7.34 -0.67 8.29
N GLY A 122 8.25 -0.30 7.42
CA GLY A 122 9.04 0.94 7.65
C GLY A 122 9.56 1.47 6.31
N ILE A 123 10.44 2.43 6.34
CA ILE A 123 10.99 2.99 5.07
C ILE A 123 12.52 2.92 5.10
N LEU A 124 13.15 3.24 4.01
CA LEU A 124 14.64 3.20 3.97
C LEU A 124 15.16 4.41 3.18
N LYS A 125 16.39 4.78 3.39
CA LYS A 125 16.95 5.95 2.66
C LYS A 125 18.31 5.57 2.06
N LEU A 126 18.58 5.98 0.86
CA LEU A 126 19.89 5.65 0.22
C LEU A 126 20.67 6.94 -0.03
N ARG A 127 21.76 6.86 -0.75
CA ARG A 127 22.57 8.08 -1.02
C ARG A 127 22.33 8.54 -2.46
N ASN A 128 22.61 7.68 -3.42
CA ASN A 128 22.40 8.07 -4.84
C ASN A 128 22.39 6.81 -5.71
N SER A 129 21.30 6.55 -6.38
CA SER A 129 21.23 5.34 -7.25
C SER A 129 21.44 5.75 -8.71
N ASP A 130 21.11 6.96 -9.05
CA ASP A 130 21.28 7.45 -10.45
C ASP A 130 20.08 7.01 -11.30
N ILE A 131 18.90 7.42 -10.92
CA ILE A 131 17.69 7.04 -11.71
C ILE A 131 17.23 8.22 -12.55
N GLU A 132 16.93 8.00 -13.80
CA GLU A 132 16.46 9.11 -14.68
C GLU A 132 14.96 9.33 -14.48
N LEU A 133 14.59 10.44 -13.90
CA LEU A 133 13.14 10.70 -13.68
C LEU A 133 12.95 12.14 -13.20
N ARG A 134 13.57 12.50 -12.11
CA ARG A 134 13.44 13.90 -11.59
C ARG A 134 13.85 14.88 -12.69
N LYS A 135 14.83 14.53 -13.48
CA LYS A 135 15.27 15.45 -14.56
C LYS A 135 14.31 15.35 -15.75
N GLY A 136 14.23 16.36 -16.55
CA GLY A 136 13.31 16.32 -17.72
C GLY A 136 13.38 17.64 -18.49
N GLU A 137 12.61 18.61 -18.09
CA GLU A 137 12.64 19.92 -18.79
C GLU A 137 12.98 21.03 -17.78
N THR A 138 12.13 21.26 -16.83
CA THR A 138 12.40 22.32 -15.81
C THR A 138 12.20 21.75 -14.41
N ASP A 139 12.94 22.24 -13.45
CA ASP A 139 12.78 21.72 -12.06
C ASP A 139 11.35 21.95 -11.58
N ILE A 140 10.88 21.17 -10.64
CA ILE A 140 9.50 21.33 -10.14
C ILE A 140 9.55 21.67 -8.65
N GLY A 141 9.94 20.73 -7.83
CA GLY A 141 10.00 20.98 -6.37
C GLY A 141 11.46 20.90 -5.90
N ARG A 142 11.67 20.47 -4.69
CA ARG A 142 13.07 20.36 -4.18
C ARG A 142 13.29 18.97 -3.58
N LYS A 143 12.95 18.77 -2.35
CA LYS A 143 13.14 17.43 -1.72
C LYS A 143 11.92 16.56 -1.98
N ASN A 144 11.74 16.10 -3.19
CA ASN A 144 10.56 15.24 -3.50
C ASN A 144 10.60 13.99 -2.63
N THR A 145 9.53 13.69 -1.95
CA THR A 145 9.51 12.48 -1.08
C THR A 145 8.06 12.07 -0.81
N ARG A 146 7.27 11.89 -1.82
CA ARG A 146 5.86 11.48 -1.60
C ARG A 146 5.71 9.98 -1.88
N VAL A 147 4.70 9.38 -1.34
CA VAL A 147 4.48 7.92 -1.57
C VAL A 147 2.98 7.65 -1.74
N ARG A 148 2.62 6.50 -2.23
CA ARG A 148 1.16 6.20 -2.40
C ARG A 148 0.93 4.70 -2.26
N LEU A 149 0.14 4.31 -1.29
CA LEU A 149 -0.14 2.85 -1.09
C LEU A 149 -1.21 2.41 -2.09
N VAL A 150 -0.89 1.46 -2.93
CA VAL A 150 -1.87 0.98 -3.94
C VAL A 150 -2.58 -0.27 -3.40
N PHE A 151 -3.87 -0.26 -3.37
CA PHE A 151 -4.62 -1.46 -2.87
C PHE A 151 -5.67 -1.87 -3.92
N ARG A 152 -5.56 -3.05 -4.46
CA ARG A 152 -6.55 -3.49 -5.47
C ARG A 152 -6.72 -5.00 -5.41
N VAL A 153 -7.92 -5.49 -5.57
CA VAL A 153 -8.16 -6.95 -5.54
C VAL A 153 -8.69 -7.39 -6.91
N HIS A 154 -8.10 -8.39 -7.50
CA HIS A 154 -8.56 -8.84 -8.84
C HIS A 154 -8.97 -10.31 -8.78
N VAL A 155 -10.23 -10.60 -8.99
CA VAL A 155 -10.69 -12.01 -8.96
C VAL A 155 -10.82 -12.51 -10.40
N PRO A 156 -10.46 -13.76 -10.61
CA PRO A 156 -10.53 -14.38 -11.94
C PRO A 156 -11.98 -14.70 -12.31
N GLN A 157 -12.50 -14.05 -13.31
CA GLN A 157 -13.91 -14.31 -13.72
C GLN A 157 -13.97 -14.46 -15.25
N PRO A 158 -15.09 -14.92 -15.73
CA PRO A 158 -15.30 -15.13 -17.18
C PRO A 158 -15.56 -13.79 -17.87
N SER A 159 -16.64 -13.15 -17.54
CA SER A 159 -16.94 -11.83 -18.18
C SER A 159 -15.83 -10.83 -17.82
N GLY A 160 -15.62 -10.60 -16.56
CA GLY A 160 -14.56 -9.65 -16.14
C GLY A 160 -15.16 -8.57 -15.24
N ARG A 161 -16.36 -8.17 -15.53
CA ARG A 161 -17.01 -7.12 -14.69
C ARG A 161 -17.54 -7.79 -13.42
N THR A 162 -16.67 -8.02 -12.48
CA THR A 162 -17.09 -8.69 -11.23
C THR A 162 -16.38 -8.02 -10.04
N LEU A 163 -15.11 -8.28 -9.87
CA LEU A 163 -14.37 -7.66 -8.73
C LEU A 163 -12.97 -7.30 -9.21
N SER A 164 -12.75 -6.08 -9.58
CA SER A 164 -11.39 -5.67 -10.04
C SER A 164 -11.29 -4.14 -10.01
N LEU A 165 -10.91 -3.58 -8.90
CA LEU A 165 -10.80 -2.09 -8.82
C LEU A 165 -9.48 -1.70 -8.17
N GLN A 166 -9.14 -0.45 -8.19
CA GLN A 166 -7.86 0.00 -7.58
C GLN A 166 -8.15 0.95 -6.42
N VAL A 167 -7.23 1.09 -5.51
CA VAL A 167 -7.46 2.00 -4.35
C VAL A 167 -6.13 2.59 -3.88
N ALA A 168 -5.65 3.61 -4.53
CA ALA A 168 -4.35 4.22 -4.11
C ALA A 168 -4.62 5.33 -3.10
N SER A 169 -4.38 5.07 -1.84
CA SER A 169 -4.62 6.12 -0.81
C SER A 169 -3.32 6.43 -0.08
N ASN A 170 -3.04 7.68 0.16
CA ASN A 170 -1.78 8.05 0.86
C ASN A 170 -1.49 9.55 0.64
N PRO A 171 -2.08 10.38 1.47
CA PRO A 171 -1.90 11.84 1.37
C PRO A 171 -0.56 12.25 1.97
N ILE A 172 0.51 11.96 1.29
CA ILE A 172 1.86 12.34 1.82
C ILE A 172 2.62 13.15 0.75
N GLU A 173 3.23 14.23 1.12
CA GLU A 173 3.97 15.05 0.12
C GLU A 173 5.05 15.87 0.82
N CYS A 174 6.28 15.75 0.40
CA CYS A 174 7.37 16.53 1.05
C CYS A 174 7.63 17.81 0.26
N SER A 175 8.64 18.55 0.62
CA SER A 175 8.94 19.81 -0.12
C SER A 175 7.77 20.79 0.05
N GLN A 176 8.02 22.05 -0.16
CA GLN A 176 6.93 23.06 -0.03
C GLN A 176 6.39 23.04 1.41
N ARG A 177 7.26 23.03 2.38
CA ARG A 177 6.80 23.01 3.80
C ARG A 177 5.72 21.93 3.97
N SER A 178 5.16 21.83 5.14
CA SER A 178 4.11 20.80 5.37
C SER A 178 2.76 21.33 4.86
N MET A 1 -29.06 5.61 3.75
CA MET A 1 -28.43 4.48 4.47
C MET A 1 -27.65 5.02 5.67
N LYS A 2 -26.81 6.00 5.46
CA LYS A 2 -26.03 6.56 6.59
C LYS A 2 -25.52 7.96 6.21
N ASP A 3 -25.34 8.82 7.17
CA ASP A 3 -24.84 10.19 6.87
C ASP A 3 -25.97 11.01 6.24
N TRP A 4 -25.64 12.09 5.59
CA TRP A 4 -26.69 12.94 4.97
C TRP A 4 -26.68 12.70 3.45
N GLN A 5 -25.53 12.71 2.85
CA GLN A 5 -25.47 12.49 1.37
C GLN A 5 -24.03 12.72 0.89
N LEU A 6 -23.20 11.71 0.96
CA LEU A 6 -21.79 11.87 0.50
C LEU A 6 -21.41 10.68 -0.38
N PRO A 7 -22.12 10.52 -1.47
CA PRO A 7 -21.88 9.41 -2.42
C PRO A 7 -20.66 9.74 -3.30
N SER A 8 -19.55 9.08 -3.07
CA SER A 8 -18.34 9.34 -3.89
C SER A 8 -17.65 8.02 -4.21
N HIS A 9 -18.40 7.00 -4.52
CA HIS A 9 -17.79 5.69 -4.85
C HIS A 9 -18.54 5.05 -6.02
N SER A 10 -17.83 4.55 -6.99
CA SER A 10 -18.51 3.91 -8.15
C SER A 10 -18.05 2.46 -8.27
N GLY A 11 -18.98 1.54 -8.37
CA GLY A 11 -18.59 0.11 -8.48
C GLY A 11 -19.19 -0.68 -7.32
N PRO A 12 -19.56 -1.92 -7.59
CA PRO A 12 -20.16 -2.81 -6.58
C PRO A 12 -19.07 -3.34 -5.64
N TYR A 13 -18.52 -4.49 -5.95
CA TYR A 13 -17.46 -5.06 -5.07
C TYR A 13 -16.30 -4.06 -4.96
N GLU A 14 -15.67 -3.99 -3.81
CA GLU A 14 -14.55 -3.03 -3.65
C GLU A 14 -14.00 -3.14 -2.23
N LEU A 15 -12.72 -3.02 -2.07
CA LEU A 15 -12.12 -3.12 -0.71
C LEU A 15 -11.87 -1.71 -0.16
N ARG A 16 -12.53 -1.36 0.90
CA ARG A 16 -12.35 0.00 1.48
C ARG A 16 -11.62 -0.10 2.82
N ILE A 17 -10.62 0.71 3.03
CA ILE A 17 -9.88 0.68 4.31
C ILE A 17 -10.86 1.01 5.45
N GLU A 18 -10.71 0.38 6.58
CA GLU A 18 -11.64 0.66 7.72
C GLU A 18 -11.35 2.04 8.30
N VAL A 19 -10.12 2.29 8.67
CA VAL A 19 -9.78 3.61 9.25
C VAL A 19 -8.71 4.29 8.37
N GLN A 20 -8.89 5.54 8.07
CA GLN A 20 -7.89 6.26 7.23
C GLN A 20 -7.46 7.54 7.93
N PRO A 21 -6.63 7.40 8.94
CA PRO A 21 -6.11 8.54 9.72
C PRO A 21 -5.01 9.27 8.96
N LYS A 22 -4.41 10.26 9.56
CA LYS A 22 -3.33 11.01 8.88
C LYS A 22 -2.40 10.02 8.16
N SER A 23 -2.11 10.27 6.91
CA SER A 23 -1.22 9.36 6.15
C SER A 23 0.09 10.05 5.82
N HIS A 24 0.63 10.81 6.74
CA HIS A 24 1.91 11.51 6.46
C HIS A 24 3.05 10.78 7.18
N HIS A 25 4.26 11.08 6.82
CA HIS A 25 5.42 10.42 7.47
C HIS A 25 6.65 11.32 7.39
N ARG A 26 6.83 12.16 8.38
CA ARG A 26 8.02 13.07 8.36
C ARG A 26 9.24 12.32 8.91
N ALA A 27 9.76 11.41 8.15
CA ALA A 27 10.93 10.62 8.62
C ALA A 27 12.18 11.52 8.64
N HIS A 28 13.08 11.26 9.54
CA HIS A 28 14.31 12.09 9.61
C HIS A 28 15.19 11.82 8.39
N TYR A 29 15.90 12.81 7.91
CA TYR A 29 16.76 12.59 6.72
C TYR A 29 18.15 13.19 6.99
N GLU A 30 19.02 12.43 7.60
CA GLU A 30 20.38 12.96 7.88
C GLU A 30 21.11 11.99 8.81
N THR A 31 22.11 12.46 9.51
CA THR A 31 22.86 11.58 10.44
C THR A 31 22.80 12.13 11.85
N GLU A 32 21.70 12.73 12.21
CA GLU A 32 21.57 13.31 13.59
C GLU A 32 20.35 12.69 14.29
N GLY A 33 19.37 12.27 13.54
CA GLY A 33 18.16 11.67 14.17
C GLY A 33 18.52 10.32 14.79
N SER A 34 18.10 10.08 15.99
CA SER A 34 18.41 8.78 16.65
C SER A 34 17.20 7.85 16.57
N ARG A 35 16.14 8.19 17.26
CA ARG A 35 14.92 7.33 17.21
C ARG A 35 14.18 7.56 15.90
N GLY A 36 14.53 6.83 14.88
CA GLY A 36 13.84 7.00 13.56
C GLY A 36 12.98 5.78 13.27
N ALA A 37 11.71 5.96 13.07
CA ALA A 37 10.82 4.80 12.78
C ALA A 37 9.42 5.30 12.43
N VAL A 38 8.55 4.41 12.05
CA VAL A 38 7.16 4.81 11.70
C VAL A 38 6.29 4.76 12.95
N LYS A 39 5.74 5.88 13.34
CA LYS A 39 4.88 5.89 14.55
C LYS A 39 3.88 7.05 14.48
N ALA A 40 2.64 6.76 14.20
CA ALA A 40 1.62 7.85 14.10
C ALA A 40 0.42 7.51 14.98
N SER A 41 -0.53 6.80 14.45
CA SER A 41 -1.73 6.44 15.27
C SER A 41 -1.78 4.93 15.46
N ALA A 42 -2.47 4.23 14.59
CA ALA A 42 -2.56 2.75 14.74
C ALA A 42 -1.14 2.16 14.84
N GLY A 43 -0.40 2.20 13.77
CA GLY A 43 0.98 1.64 13.80
C GLY A 43 1.75 2.09 12.55
N GLY A 44 1.37 3.20 11.98
CA GLY A 44 2.07 3.69 10.77
C GLY A 44 1.13 3.61 9.56
N HIS A 45 0.65 2.44 9.26
CA HIS A 45 -0.28 2.31 8.09
C HIS A 45 -1.72 2.13 8.60
N PRO A 46 -2.67 2.38 7.74
CA PRO A 46 -4.10 2.26 8.08
C PRO A 46 -4.53 0.79 8.06
N ILE A 47 -5.78 0.53 8.34
CA ILE A 47 -6.26 -0.87 8.34
C ILE A 47 -6.86 -1.20 6.97
N VAL A 48 -6.91 -2.46 6.62
CA VAL A 48 -7.46 -2.83 5.28
C VAL A 48 -8.51 -3.93 5.44
N GLN A 49 -9.57 -3.86 4.68
CA GLN A 49 -10.64 -4.89 4.77
C GLN A 49 -11.46 -4.85 3.48
N LEU A 50 -11.97 -5.97 3.04
CA LEU A 50 -12.77 -5.97 1.78
C LEU A 50 -14.19 -5.46 2.08
N HIS A 51 -14.79 -4.80 1.12
CA HIS A 51 -16.15 -4.26 1.33
C HIS A 51 -16.98 -4.45 0.07
N GLY A 52 -17.45 -5.64 -0.18
CA GLY A 52 -18.25 -5.87 -1.40
C GLY A 52 -18.38 -7.36 -1.70
N TYR A 53 -17.73 -7.82 -2.73
CA TYR A 53 -17.78 -9.27 -3.11
C TYR A 53 -17.76 -10.13 -1.86
N LEU A 54 -18.52 -11.20 -1.85
CA LEU A 54 -18.54 -12.09 -0.66
C LEU A 54 -18.51 -13.56 -1.12
N GLU A 55 -17.62 -13.88 -2.03
CA GLU A 55 -17.54 -15.28 -2.52
C GLU A 55 -16.59 -16.07 -1.62
N ASN A 56 -16.87 -17.33 -1.40
CA ASN A 56 -15.99 -18.15 -0.52
C ASN A 56 -14.82 -18.71 -1.34
N GLU A 57 -14.14 -17.88 -2.08
CA GLU A 57 -12.99 -18.37 -2.89
C GLU A 57 -11.73 -17.60 -2.49
N PRO A 58 -10.59 -18.23 -2.69
CA PRO A 58 -9.28 -17.63 -2.37
C PRO A 58 -8.88 -16.64 -3.45
N LEU A 59 -8.47 -15.46 -3.07
CA LEU A 59 -8.05 -14.45 -4.08
C LEU A 59 -6.67 -13.91 -3.71
N MET A 60 -6.00 -13.28 -4.64
CA MET A 60 -4.65 -12.74 -4.34
C MET A 60 -4.70 -11.21 -4.32
N LEU A 61 -4.03 -10.61 -3.38
CA LEU A 61 -4.02 -9.12 -3.30
C LEU A 61 -2.83 -8.56 -4.09
N GLN A 62 -2.99 -7.41 -4.68
CA GLN A 62 -1.88 -6.82 -5.47
C GLN A 62 -1.58 -5.42 -4.92
N LEU A 63 -0.90 -5.34 -3.81
CA LEU A 63 -0.59 -4.00 -3.24
C LEU A 63 0.92 -3.87 -3.02
N PHE A 64 1.41 -2.66 -2.97
CA PHE A 64 2.87 -2.44 -2.74
C PHE A 64 3.08 -0.96 -2.39
N ILE A 65 4.29 -0.48 -2.45
CA ILE A 65 4.53 0.95 -2.14
C ILE A 65 5.10 1.63 -3.39
N GLY A 66 4.34 2.52 -3.99
CA GLY A 66 4.83 3.20 -5.23
C GLY A 66 4.74 4.71 -5.05
N THR A 67 5.64 5.43 -5.65
CA THR A 67 5.62 6.90 -5.54
C THR A 67 4.64 7.48 -6.56
N ALA A 68 3.81 8.40 -6.16
CA ALA A 68 2.83 8.99 -7.11
C ALA A 68 2.33 10.33 -6.56
N ASP A 69 2.52 11.39 -7.29
CA ASP A 69 2.07 12.73 -6.82
C ASP A 69 0.59 12.92 -7.18
N ASP A 70 0.13 12.27 -8.22
CA ASP A 70 -1.29 12.42 -8.61
C ASP A 70 -1.84 11.07 -9.11
N ARG A 71 -1.04 10.33 -9.83
CA ARG A 71 -1.52 9.02 -10.35
C ARG A 71 -0.34 8.22 -10.92
N LEU A 72 0.60 8.89 -11.53
CA LEU A 72 1.77 8.18 -12.10
C LEU A 72 2.28 7.14 -11.11
N LEU A 73 1.84 5.91 -11.24
CA LEU A 73 2.30 4.85 -10.31
C LEU A 73 3.68 4.35 -10.73
N ARG A 74 4.57 4.17 -9.80
CA ARG A 74 5.94 3.68 -10.14
C ARG A 74 6.56 3.04 -8.90
N PRO A 75 7.65 2.32 -9.11
CA PRO A 75 8.37 1.65 -8.01
C PRO A 75 9.16 2.67 -7.20
N HIS A 76 9.14 2.56 -5.90
CA HIS A 76 9.88 3.51 -5.05
C HIS A 76 11.39 3.36 -5.28
N ALA A 77 12.15 4.38 -4.99
CA ALA A 77 13.62 4.30 -5.19
C ALA A 77 14.26 3.58 -4.01
N PHE A 78 14.09 4.10 -2.82
CA PHE A 78 14.70 3.44 -1.63
C PHE A 78 13.63 3.23 -0.55
N TYR A 79 12.40 3.58 -0.85
CA TYR A 79 11.32 3.39 0.16
C TYR A 79 10.53 2.13 -0.17
N GLN A 80 11.06 0.97 0.11
CA GLN A 80 10.33 -0.29 -0.20
C GLN A 80 10.56 -1.32 0.91
N VAL A 81 11.17 -0.93 1.98
CA VAL A 81 11.42 -1.90 3.09
C VAL A 81 10.09 -2.30 3.72
N HIS A 82 9.97 -3.53 4.12
CA HIS A 82 8.70 -3.98 4.76
C HIS A 82 8.85 -5.43 5.23
N ARG A 83 8.94 -5.63 6.51
CA ARG A 83 9.10 -7.02 7.02
C ARG A 83 8.36 -7.17 8.35
N ILE A 84 7.75 -8.31 8.57
CA ILE A 84 7.01 -8.51 9.85
C ILE A 84 7.86 -9.36 10.80
N THR A 85 7.59 -9.30 12.07
CA THR A 85 8.38 -10.09 13.04
C THR A 85 7.62 -11.37 13.41
N GLY A 86 7.04 -11.43 14.60
CA GLY A 86 6.28 -12.64 14.99
C GLY A 86 5.40 -13.09 13.82
N LYS A 87 5.73 -14.18 13.19
CA LYS A 87 4.90 -14.67 12.06
C LYS A 87 3.60 -15.28 12.59
N THR A 88 2.63 -14.46 12.87
CA THR A 88 1.34 -14.99 13.40
C THR A 88 0.21 -14.01 13.10
N VAL A 89 0.17 -13.49 11.89
CA VAL A 89 -0.90 -12.52 11.54
C VAL A 89 -2.13 -13.29 11.06
N SER A 90 -3.23 -12.61 10.86
CA SER A 90 -4.46 -13.31 10.39
C SER A 90 -4.45 -13.38 8.85
N THR A 91 -3.84 -12.42 8.21
CA THR A 91 -3.81 -12.44 6.72
C THR A 91 -2.39 -12.77 6.25
N THR A 92 -2.17 -13.97 5.79
CA THR A 92 -0.80 -14.35 5.32
C THR A 92 -0.32 -13.31 4.29
N SER A 93 0.97 -13.21 4.11
CA SER A 93 1.50 -12.22 3.13
C SER A 93 2.68 -12.81 2.37
N HIS A 94 3.18 -12.10 1.40
CA HIS A 94 4.34 -12.62 0.61
C HIS A 94 5.15 -11.44 0.08
N GLU A 95 6.38 -11.67 -0.30
CA GLU A 95 7.22 -10.56 -0.83
C GLU A 95 7.88 -11.00 -2.14
N ALA A 96 8.12 -10.07 -3.03
CA ALA A 96 8.76 -10.43 -4.32
C ALA A 96 9.39 -9.18 -4.95
N ILE A 97 10.67 -9.22 -5.18
CA ILE A 97 11.35 -8.03 -5.79
C ILE A 97 11.72 -8.34 -7.24
N LEU A 98 11.58 -7.38 -8.11
CA LEU A 98 11.93 -7.63 -9.54
C LEU A 98 12.78 -6.48 -10.07
N SER A 99 13.82 -6.13 -9.35
CA SER A 99 14.71 -5.02 -9.81
C SER A 99 14.04 -3.67 -9.50
N ASN A 100 14.56 -2.96 -8.52
CA ASN A 100 13.97 -1.64 -8.17
C ASN A 100 12.44 -1.72 -8.13
N THR A 101 11.89 -2.77 -7.59
CA THR A 101 10.41 -2.88 -7.53
C THR A 101 10.01 -3.89 -6.43
N LYS A 102 10.04 -3.47 -5.20
CA LYS A 102 9.66 -4.41 -4.10
C LYS A 102 8.13 -4.44 -3.98
N VAL A 103 7.54 -5.59 -4.16
CA VAL A 103 6.06 -5.70 -4.07
C VAL A 103 5.68 -6.72 -3.00
N LEU A 104 4.47 -6.67 -2.52
CA LEU A 104 4.04 -7.65 -1.49
C LEU A 104 2.71 -8.28 -1.91
N GLU A 105 2.68 -9.58 -2.03
CA GLU A 105 1.42 -10.26 -2.45
C GLU A 105 0.72 -10.82 -1.21
N ILE A 106 -0.58 -10.71 -1.14
CA ILE A 106 -1.30 -11.24 0.06
C ILE A 106 -2.52 -12.06 -0.39
N PRO A 107 -2.34 -13.36 -0.45
CA PRO A 107 -3.43 -14.28 -0.86
C PRO A 107 -4.42 -14.44 0.30
N LEU A 108 -5.59 -13.89 0.18
CA LEU A 108 -6.58 -14.01 1.29
C LEU A 108 -7.99 -14.12 0.71
N LEU A 109 -8.94 -14.51 1.53
CA LEU A 109 -10.34 -14.64 1.05
C LEU A 109 -11.27 -13.95 2.05
N PRO A 110 -11.16 -12.65 2.15
CA PRO A 110 -11.98 -11.84 3.06
C PRO A 110 -13.36 -11.57 2.44
N GLU A 111 -13.96 -12.55 1.83
CA GLU A 111 -15.30 -12.34 1.21
C GLU A 111 -16.40 -12.74 2.20
N ASN A 112 -16.02 -13.19 3.37
CA ASN A 112 -17.04 -13.59 4.37
C ASN A 112 -17.07 -12.56 5.50
N SER A 113 -15.94 -12.25 6.07
CA SER A 113 -15.90 -11.25 7.18
C SER A 113 -14.56 -11.36 7.90
N MET A 114 -13.62 -10.51 7.57
CA MET A 114 -12.30 -10.57 8.24
C MET A 114 -11.54 -9.26 8.02
N ARG A 115 -10.97 -8.71 9.06
CA ARG A 115 -10.20 -7.44 8.90
C ARG A 115 -8.72 -7.71 9.15
N ALA A 116 -7.88 -7.23 8.28
CA ALA A 116 -6.41 -7.47 8.46
C ALA A 116 -5.69 -6.12 8.57
N VAL A 117 -5.07 -5.86 9.68
CA VAL A 117 -4.36 -4.57 9.85
C VAL A 117 -2.88 -4.75 9.45
N ILE A 118 -2.34 -3.83 8.71
CA ILE A 118 -0.92 -3.96 8.29
C ILE A 118 -0.09 -2.86 8.96
N ASP A 119 0.84 -3.23 9.79
CA ASP A 119 1.68 -2.21 10.48
C ASP A 119 3.01 -2.85 10.91
N CYS A 120 3.69 -3.48 10.00
CA CYS A 120 4.98 -4.13 10.36
C CYS A 120 6.03 -3.81 9.29
N ALA A 121 6.22 -2.56 8.98
CA ALA A 121 7.22 -2.18 7.94
C ALA A 121 7.97 -0.93 8.39
N GLY A 122 8.94 -0.50 7.63
CA GLY A 122 9.71 0.71 8.02
C GLY A 122 10.08 1.49 6.75
N ILE A 123 10.80 2.58 6.91
CA ILE A 123 11.18 3.39 5.73
C ILE A 123 12.71 3.40 5.61
N LEU A 124 13.23 3.68 4.44
CA LEU A 124 14.71 3.71 4.27
C LEU A 124 15.13 5.07 3.72
N LYS A 125 16.29 5.53 4.09
CA LYS A 125 16.75 6.86 3.59
C LYS A 125 18.01 6.67 2.74
N LEU A 126 18.27 7.58 1.84
CA LEU A 126 19.48 7.45 0.98
C LEU A 126 20.71 7.93 1.76
N ARG A 127 21.71 7.10 1.85
CA ARG A 127 22.94 7.51 2.61
C ARG A 127 23.67 8.62 1.84
N ASN A 128 23.74 8.52 0.55
CA ASN A 128 24.44 9.57 -0.24
C ASN A 128 24.39 9.20 -1.73
N SER A 129 25.18 9.85 -2.54
CA SER A 129 25.18 9.55 -3.99
C SER A 129 23.93 10.13 -4.64
N ASP A 130 23.47 9.55 -5.71
CA ASP A 130 22.25 10.07 -6.38
C ASP A 130 21.93 9.21 -7.61
N ILE A 131 21.57 7.97 -7.40
CA ILE A 131 21.26 7.08 -8.55
C ILE A 131 19.97 7.57 -9.23
N GLU A 132 19.84 7.33 -10.51
CA GLU A 132 18.62 7.78 -11.23
C GLU A 132 17.94 6.57 -11.89
N LEU A 133 17.02 5.97 -11.21
CA LEU A 133 16.31 4.79 -11.79
C LEU A 133 15.11 5.26 -12.61
N ARG A 134 15.08 6.51 -12.97
CA ARG A 134 13.94 7.03 -13.76
C ARG A 134 14.07 8.54 -13.92
N LYS A 135 14.75 8.98 -14.95
CA LYS A 135 14.92 10.44 -15.17
C LYS A 135 15.55 10.69 -16.54
N GLY A 136 14.76 11.12 -17.49
CA GLY A 136 15.32 11.38 -18.85
C GLY A 136 16.17 12.65 -18.83
N GLU A 137 15.56 13.78 -18.59
CA GLU A 137 16.34 15.05 -18.54
C GLU A 137 16.38 15.58 -17.11
N THR A 138 17.55 15.72 -16.55
CA THR A 138 17.65 16.23 -15.16
C THR A 138 17.65 17.76 -15.16
N ASP A 139 16.78 18.36 -14.40
CA ASP A 139 16.72 19.85 -14.36
C ASP A 139 17.95 20.39 -13.64
N ILE A 140 17.97 20.31 -12.34
CA ILE A 140 19.14 20.83 -11.58
C ILE A 140 19.26 20.07 -10.25
N GLY A 141 18.66 18.92 -10.16
CA GLY A 141 18.74 18.15 -8.88
C GLY A 141 17.58 17.14 -8.81
N ARG A 142 17.36 16.57 -7.66
CA ARG A 142 16.24 15.58 -7.52
C ARG A 142 15.79 15.54 -6.06
N LYS A 143 14.55 15.22 -5.83
CA LYS A 143 14.05 15.16 -4.42
C LYS A 143 12.97 14.08 -4.30
N ASN A 144 12.98 13.34 -3.22
CA ASN A 144 11.95 12.27 -3.04
C ASN A 144 11.00 12.69 -1.93
N THR A 145 9.79 13.06 -2.27
CA THR A 145 8.83 13.48 -1.21
C THR A 145 7.41 13.12 -1.62
N ARG A 146 7.21 11.95 -2.13
CA ARG A 146 5.85 11.54 -2.53
C ARG A 146 5.74 10.02 -2.57
N VAL A 147 4.80 9.46 -1.85
CA VAL A 147 4.63 7.97 -1.85
C VAL A 147 3.13 7.65 -1.93
N ARG A 148 2.79 6.43 -2.23
CA ARG A 148 1.34 6.08 -2.30
C ARG A 148 1.14 4.58 -2.06
N LEU A 149 0.13 4.22 -1.33
CA LEU A 149 -0.12 2.78 -1.06
C LEU A 149 -1.23 2.30 -2.00
N VAL A 150 -0.86 1.61 -3.05
CA VAL A 150 -1.89 1.12 -4.02
C VAL A 150 -2.59 -0.12 -3.44
N PHE A 151 -3.88 -0.22 -3.64
CA PHE A 151 -4.62 -1.41 -3.10
C PHE A 151 -5.59 -1.92 -4.16
N ARG A 152 -5.35 -3.08 -4.70
CA ARG A 152 -6.27 -3.61 -5.74
C ARG A 152 -6.39 -5.14 -5.60
N VAL A 153 -7.59 -5.65 -5.64
CA VAL A 153 -7.77 -7.12 -5.53
C VAL A 153 -8.22 -7.66 -6.88
N HIS A 154 -7.54 -8.65 -7.39
CA HIS A 154 -7.93 -9.20 -8.72
C HIS A 154 -8.22 -10.69 -8.61
N VAL A 155 -9.44 -11.07 -8.82
CA VAL A 155 -9.80 -12.52 -8.73
C VAL A 155 -9.85 -13.11 -10.14
N PRO A 156 -9.38 -14.32 -10.29
CA PRO A 156 -9.36 -15.00 -11.60
C PRO A 156 -10.76 -15.51 -11.96
N GLN A 157 -11.31 -15.00 -13.03
CA GLN A 157 -12.69 -15.43 -13.44
C GLN A 157 -12.84 -15.22 -14.95
N PRO A 158 -13.91 -15.77 -15.50
CA PRO A 158 -14.19 -15.64 -16.94
C PRO A 158 -14.75 -14.26 -17.25
N SER A 159 -15.91 -13.95 -16.74
CA SER A 159 -16.51 -12.61 -17.01
C SER A 159 -15.62 -11.53 -16.38
N GLY A 160 -14.86 -10.83 -17.18
CA GLY A 160 -13.98 -9.77 -16.62
C GLY A 160 -14.76 -8.91 -15.63
N ARG A 161 -16.05 -8.83 -15.81
CA ARG A 161 -16.87 -8.02 -14.87
C ARG A 161 -17.12 -8.87 -13.62
N THR A 162 -16.16 -8.92 -12.74
CA THR A 162 -16.32 -9.74 -11.52
C THR A 162 -15.71 -8.98 -10.33
N LEU A 163 -14.45 -9.17 -10.05
CA LEU A 163 -13.83 -8.46 -8.89
C LEU A 163 -12.42 -8.02 -9.29
N SER A 164 -12.27 -6.79 -9.68
CA SER A 164 -10.91 -6.31 -10.07
C SER A 164 -10.91 -4.77 -10.08
N LEU A 165 -10.49 -4.16 -9.01
CA LEU A 165 -10.48 -2.67 -8.97
C LEU A 165 -9.20 -2.18 -8.29
N GLN A 166 -8.99 -0.89 -8.25
CA GLN A 166 -7.77 -0.34 -7.61
C GLN A 166 -8.15 0.58 -6.44
N VAL A 167 -7.24 0.84 -5.56
CA VAL A 167 -7.53 1.73 -4.39
C VAL A 167 -6.24 2.43 -3.96
N ALA A 168 -5.79 3.39 -4.70
CA ALA A 168 -4.55 4.11 -4.31
C ALA A 168 -4.90 5.29 -3.41
N SER A 169 -4.69 5.15 -2.13
CA SER A 169 -5.04 6.27 -1.19
C SER A 169 -4.00 6.34 -0.07
N ASN A 170 -2.94 7.09 -0.28
CA ASN A 170 -1.90 7.20 0.79
C ASN A 170 -0.78 8.12 0.30
N PRO A 171 -1.13 9.35 -0.01
CA PRO A 171 -0.16 10.35 -0.50
C PRO A 171 0.67 10.93 0.65
N ILE A 172 1.85 10.41 0.86
CA ILE A 172 2.70 10.94 1.95
C ILE A 172 3.77 11.86 1.33
N GLU A 173 4.16 12.89 2.04
CA GLU A 173 5.19 13.81 1.46
C GLU A 173 6.47 13.74 2.30
N CYS A 174 7.56 13.36 1.68
CA CYS A 174 8.86 13.29 2.41
C CYS A 174 9.59 14.60 2.17
N SER A 175 10.85 14.66 2.52
CA SER A 175 11.61 15.92 2.29
C SER A 175 12.92 15.89 3.10
N GLN A 176 12.92 16.44 4.28
CA GLN A 176 14.17 16.45 5.09
C GLN A 176 13.82 16.62 6.58
N ARG A 177 14.70 17.22 7.34
CA ARG A 177 14.41 17.42 8.78
C ARG A 177 15.57 18.19 9.42
N SER A 178 15.55 19.48 9.32
CA SER A 178 16.65 20.29 9.92
C SER A 178 16.06 21.47 10.71
N MET A 1 -34.86 -16.76 0.35
CA MET A 1 -36.02 -16.13 1.04
C MET A 1 -35.58 -15.64 2.43
N LYS A 2 -35.93 -14.44 2.79
CA LYS A 2 -35.54 -13.92 4.13
C LYS A 2 -36.48 -14.48 5.19
N ASP A 3 -36.28 -14.11 6.42
CA ASP A 3 -37.17 -14.62 7.51
C ASP A 3 -37.59 -13.46 8.40
N TRP A 4 -36.85 -13.20 9.45
CA TRP A 4 -37.21 -12.08 10.36
C TRP A 4 -36.59 -10.78 9.85
N GLN A 5 -35.33 -10.82 9.47
CA GLN A 5 -34.67 -9.59 8.96
C GLN A 5 -33.23 -9.92 8.57
N LEU A 6 -33.03 -10.53 7.44
CA LEU A 6 -31.66 -10.89 7.00
C LEU A 6 -30.84 -9.60 6.76
N PRO A 7 -29.53 -9.74 6.76
CA PRO A 7 -28.61 -8.61 6.55
C PRO A 7 -28.53 -8.27 5.06
N SER A 8 -28.80 -7.04 4.71
CA SER A 8 -28.73 -6.65 3.27
C SER A 8 -27.88 -5.38 3.14
N HIS A 9 -26.74 -5.35 3.78
CA HIS A 9 -25.86 -4.15 3.68
C HIS A 9 -24.74 -4.42 2.68
N SER A 10 -24.16 -3.39 2.13
CA SER A 10 -23.06 -3.58 1.14
C SER A 10 -23.66 -4.03 -0.19
N GLY A 11 -24.10 -3.10 -1.00
CA GLY A 11 -24.69 -3.48 -2.31
C GLY A 11 -23.62 -4.11 -3.21
N PRO A 12 -22.91 -3.28 -3.93
CA PRO A 12 -21.84 -3.73 -4.83
C PRO A 12 -20.57 -4.08 -4.05
N TYR A 13 -19.59 -4.64 -4.70
CA TYR A 13 -18.33 -5.00 -4.00
C TYR A 13 -17.60 -3.73 -3.59
N GLU A 14 -16.82 -3.77 -2.53
CA GLU A 14 -16.10 -2.54 -2.10
C GLU A 14 -14.78 -2.93 -1.45
N LEU A 15 -13.71 -2.32 -1.87
CA LEU A 15 -12.37 -2.63 -1.27
C LEU A 15 -11.79 -1.34 -0.69
N ARG A 16 -12.30 -0.91 0.42
CA ARG A 16 -11.80 0.35 1.03
C ARG A 16 -11.25 0.07 2.44
N ILE A 17 -10.35 0.90 2.90
CA ILE A 17 -9.77 0.69 4.26
C ILE A 17 -10.89 0.92 5.30
N GLU A 18 -10.86 0.19 6.38
CA GLU A 18 -11.91 0.36 7.43
C GLU A 18 -11.69 1.68 8.17
N VAL A 19 -10.51 1.89 8.69
CA VAL A 19 -10.25 3.15 9.42
C VAL A 19 -8.99 3.81 8.86
N GLN A 20 -8.98 5.12 8.77
CA GLN A 20 -7.78 5.81 8.22
C GLN A 20 -7.24 6.78 9.28
N PRO A 21 -6.46 6.25 10.20
CA PRO A 21 -5.86 7.05 11.29
C PRO A 21 -4.66 7.84 10.77
N LYS A 22 -3.99 8.56 11.63
CA LYS A 22 -2.81 9.34 11.18
C LYS A 22 -1.94 8.49 10.25
N SER A 23 -1.87 8.85 9.00
CA SER A 23 -1.06 8.04 8.05
C SER A 23 0.18 8.84 7.62
N HIS A 24 0.68 9.69 8.48
CA HIS A 24 1.88 10.48 8.11
C HIS A 24 3.11 9.89 8.82
N HIS A 25 4.27 10.28 8.39
CA HIS A 25 5.51 9.75 9.03
C HIS A 25 6.66 10.73 8.80
N ARG A 26 7.21 11.26 9.85
CA ARG A 26 8.35 12.20 9.69
C ARG A 26 9.67 11.41 9.75
N ALA A 27 10.13 10.93 8.63
CA ALA A 27 11.40 10.14 8.63
C ALA A 27 12.50 10.96 9.30
N HIS A 28 13.05 10.47 10.38
CA HIS A 28 14.13 11.21 11.09
C HIS A 28 15.11 11.80 10.08
N TYR A 29 15.81 12.83 10.45
CA TYR A 29 16.79 13.46 9.53
C TYR A 29 18.11 13.68 10.26
N GLU A 30 18.29 14.85 10.83
CA GLU A 30 19.56 15.13 11.56
C GLU A 30 20.75 14.59 10.76
N THR A 31 21.83 14.28 11.43
CA THR A 31 23.02 13.76 10.72
C THR A 31 23.71 12.70 11.59
N GLU A 32 22.95 11.93 12.32
CA GLU A 32 23.56 10.89 13.19
C GLU A 32 22.85 9.56 12.96
N GLY A 33 23.08 8.92 11.84
CA GLY A 33 22.41 7.62 11.56
C GLY A 33 20.92 7.86 11.35
N SER A 34 20.41 7.48 10.20
CA SER A 34 18.96 7.68 9.94
C SER A 34 18.15 6.72 10.81
N ARG A 35 17.91 5.52 10.34
CA ARG A 35 17.13 4.55 11.15
C ARG A 35 15.73 5.11 11.40
N GLY A 36 14.98 4.49 12.28
CA GLY A 36 13.61 4.99 12.58
C GLY A 36 12.61 4.31 11.64
N ALA A 37 11.41 4.08 12.11
CA ALA A 37 10.39 3.42 11.25
C ALA A 37 9.03 4.08 11.46
N VAL A 38 8.06 3.74 10.66
CA VAL A 38 6.71 4.34 10.80
C VAL A 38 6.02 3.75 12.04
N LYS A 39 5.65 4.58 12.97
CA LYS A 39 4.98 4.07 14.19
C LYS A 39 4.08 5.17 14.77
N ALA A 40 2.79 4.99 14.70
CA ALA A 40 1.86 6.01 15.25
C ALA A 40 0.46 5.41 15.36
N SER A 41 -0.32 5.88 16.31
CA SER A 41 -1.70 5.34 16.48
C SER A 41 -1.66 3.80 16.37
N ALA A 42 -2.34 3.22 15.40
CA ALA A 42 -2.32 1.74 15.28
C ALA A 42 -1.10 1.31 14.45
N GLY A 43 0.07 1.68 14.86
CA GLY A 43 1.29 1.30 14.10
C GLY A 43 1.58 2.36 13.03
N GLY A 44 0.61 3.15 12.69
CA GLY A 44 0.83 4.20 11.66
C GLY A 44 -0.06 3.93 10.44
N HIS A 45 0.25 2.91 9.69
CA HIS A 45 -0.57 2.59 8.50
C HIS A 45 -2.02 2.29 8.93
N PRO A 46 -2.94 2.52 8.03
CA PRO A 46 -4.38 2.28 8.28
C PRO A 46 -4.70 0.79 8.20
N ILE A 47 -5.93 0.44 8.43
CA ILE A 47 -6.31 -1.00 8.37
C ILE A 47 -6.86 -1.32 6.97
N VAL A 48 -6.89 -2.57 6.60
CA VAL A 48 -7.40 -2.93 5.25
C VAL A 48 -8.34 -4.15 5.37
N GLN A 49 -9.53 -4.05 4.84
CA GLN A 49 -10.48 -5.19 4.91
C GLN A 49 -11.42 -5.15 3.71
N LEU A 50 -11.76 -6.28 3.16
CA LEU A 50 -12.68 -6.30 1.99
C LEU A 50 -14.10 -6.61 2.45
N HIS A 51 -15.08 -5.94 1.90
CA HIS A 51 -16.48 -6.21 2.32
C HIS A 51 -17.40 -6.16 1.10
N GLY A 52 -17.38 -7.19 0.30
CA GLY A 52 -18.25 -7.19 -0.90
C GLY A 52 -17.90 -8.38 -1.81
N TYR A 53 -18.63 -9.47 -1.67
CA TYR A 53 -18.34 -10.66 -2.53
C TYR A 53 -19.30 -11.79 -2.14
N LEU A 54 -19.96 -12.38 -3.10
CA LEU A 54 -20.90 -13.49 -2.78
C LEU A 54 -20.22 -14.83 -3.07
N GLU A 55 -18.93 -14.82 -3.26
CA GLU A 55 -18.21 -16.10 -3.56
C GLU A 55 -17.21 -16.38 -2.42
N ASN A 56 -17.03 -17.63 -2.10
CA ASN A 56 -16.07 -17.98 -1.00
C ASN A 56 -14.77 -18.48 -1.61
N GLU A 57 -14.21 -17.76 -2.54
CA GLU A 57 -12.93 -18.19 -3.17
C GLU A 57 -11.79 -17.29 -2.69
N PRO A 58 -10.62 -17.87 -2.56
CA PRO A 58 -9.43 -17.14 -2.11
C PRO A 58 -8.83 -16.31 -3.26
N LEU A 59 -8.28 -15.17 -2.97
CA LEU A 59 -7.71 -14.33 -4.04
C LEU A 59 -6.39 -13.72 -3.56
N MET A 60 -5.58 -13.24 -4.47
CA MET A 60 -4.28 -12.64 -4.06
C MET A 60 -4.42 -11.12 -4.01
N LEU A 61 -4.37 -10.55 -2.83
CA LEU A 61 -4.50 -9.07 -2.71
C LEU A 61 -3.35 -8.40 -3.46
N GLN A 62 -3.60 -7.30 -4.09
CA GLN A 62 -2.52 -6.61 -4.85
C GLN A 62 -2.05 -5.38 -4.07
N LEU A 63 -1.21 -5.57 -3.08
CA LEU A 63 -0.71 -4.42 -2.29
C LEU A 63 0.69 -4.04 -2.78
N PHE A 64 0.86 -2.83 -3.23
CA PHE A 64 2.20 -2.40 -3.73
C PHE A 64 2.43 -0.93 -3.33
N ILE A 65 3.66 -0.56 -3.06
CA ILE A 65 3.94 0.84 -2.67
C ILE A 65 4.70 1.53 -3.82
N GLY A 66 4.11 2.51 -4.43
CA GLY A 66 4.80 3.20 -5.56
C GLY A 66 4.73 4.71 -5.39
N THR A 67 5.76 5.40 -5.77
CA THR A 67 5.76 6.89 -5.64
C THR A 67 4.79 7.47 -6.67
N ALA A 68 4.37 8.69 -6.49
CA ALA A 68 3.43 9.30 -7.46
C ALA A 68 3.23 10.78 -7.14
N ASP A 69 3.47 11.64 -8.08
CA ASP A 69 3.30 13.10 -7.83
C ASP A 69 1.91 13.53 -8.31
N ASP A 70 1.25 12.70 -9.06
CA ASP A 70 -0.11 13.05 -9.56
C ASP A 70 -0.89 11.77 -9.89
N ARG A 71 -0.47 11.04 -10.89
CA ARG A 71 -1.18 9.79 -11.26
C ARG A 71 -0.17 8.75 -11.75
N LEU A 72 0.82 9.18 -12.49
CA LEU A 72 1.83 8.21 -13.01
C LEU A 72 2.40 7.38 -11.85
N LEU A 73 1.78 6.28 -11.55
CA LEU A 73 2.27 5.42 -10.44
C LEU A 73 3.63 4.83 -10.81
N ARG A 74 4.52 4.69 -9.86
CA ARG A 74 5.85 4.13 -10.17
C ARG A 74 6.43 3.46 -8.91
N PRO A 75 7.46 2.66 -9.10
CA PRO A 75 8.11 1.95 -8.00
C PRO A 75 9.02 2.90 -7.21
N HIS A 76 9.13 2.71 -5.92
CA HIS A 76 9.99 3.61 -5.11
C HIS A 76 11.47 3.24 -5.32
N ALA A 77 12.36 4.15 -5.00
CA ALA A 77 13.81 3.85 -5.18
C ALA A 77 14.28 2.86 -4.11
N PHE A 78 14.29 3.26 -2.88
CA PHE A 78 14.74 2.34 -1.79
C PHE A 78 13.72 2.32 -0.65
N TYR A 79 12.50 2.68 -0.92
CA TYR A 79 11.47 2.68 0.16
C TYR A 79 10.60 1.42 0.04
N GLN A 80 11.13 0.29 0.41
CA GLN A 80 10.34 -0.97 0.33
C GLN A 80 10.59 -1.82 1.57
N VAL A 81 11.29 -1.30 2.55
CA VAL A 81 11.57 -2.10 3.77
C VAL A 81 10.25 -2.45 4.43
N HIS A 82 10.13 -3.64 4.95
CA HIS A 82 8.85 -4.02 5.59
C HIS A 82 8.99 -5.42 6.20
N ARG A 83 8.92 -5.53 7.50
CA ARG A 83 9.04 -6.86 8.14
C ARG A 83 8.00 -6.99 9.26
N ILE A 84 7.20 -8.02 9.22
CA ILE A 84 6.17 -8.20 10.27
C ILE A 84 6.66 -9.21 11.31
N THR A 85 6.43 -8.92 12.57
CA THR A 85 6.89 -9.85 13.63
C THR A 85 5.87 -9.82 14.78
N GLY A 86 6.32 -10.05 15.99
CA GLY A 86 5.39 -10.03 17.14
C GLY A 86 4.09 -10.75 16.79
N LYS A 87 3.07 -10.58 17.58
CA LYS A 87 1.78 -11.25 17.29
C LYS A 87 0.87 -10.31 16.50
N THR A 88 1.22 -10.03 15.28
CA THR A 88 0.38 -9.11 14.45
C THR A 88 -0.25 -9.89 13.30
N VAL A 89 -0.76 -9.22 12.32
CA VAL A 89 -1.38 -9.93 11.17
C VAL A 89 -0.30 -10.70 10.41
N SER A 90 -0.46 -11.98 10.27
CA SER A 90 0.54 -12.77 9.53
C SER A 90 -0.03 -14.14 9.18
N THR A 91 -1.31 -14.23 8.96
CA THR A 91 -1.93 -15.53 8.63
C THR A 91 -1.39 -16.02 7.27
N THR A 92 -1.18 -15.12 6.35
CA THR A 92 -0.65 -15.53 5.02
C THR A 92 -0.09 -14.31 4.29
N SER A 93 1.05 -14.44 3.68
CA SER A 93 1.65 -13.29 2.95
C SER A 93 2.82 -13.78 2.10
N HIS A 94 3.32 -12.95 1.22
CA HIS A 94 4.46 -13.36 0.36
C HIS A 94 5.23 -12.11 -0.08
N GLU A 95 6.52 -12.23 -0.22
CA GLU A 95 7.34 -11.06 -0.65
C GLU A 95 7.95 -11.34 -2.02
N ALA A 96 8.10 -10.34 -2.84
CA ALA A 96 8.68 -10.55 -4.19
C ALA A 96 9.57 -9.35 -4.54
N ILE A 97 10.82 -9.59 -4.83
CA ILE A 97 11.73 -8.46 -5.19
C ILE A 97 12.58 -8.86 -6.40
N LEU A 98 12.71 -7.98 -7.37
CA LEU A 98 13.53 -8.32 -8.56
C LEU A 98 14.37 -7.12 -8.97
N SER A 99 15.29 -6.73 -8.14
CA SER A 99 16.15 -5.56 -8.47
C SER A 99 15.29 -4.31 -8.62
N ASN A 100 15.51 -3.33 -7.79
CA ASN A 100 14.72 -2.06 -7.85
C ASN A 100 13.23 -2.36 -8.04
N THR A 101 12.73 -3.40 -7.43
CA THR A 101 11.28 -3.72 -7.57
C THR A 101 10.84 -4.60 -6.40
N LYS A 102 10.49 -4.01 -5.29
CA LYS A 102 10.05 -4.82 -4.12
C LYS A 102 8.53 -4.71 -3.95
N VAL A 103 7.80 -5.63 -4.49
CA VAL A 103 6.31 -5.59 -4.36
C VAL A 103 5.88 -6.49 -3.19
N LEU A 104 4.64 -6.43 -2.82
CA LEU A 104 4.17 -7.29 -1.69
C LEU A 104 2.78 -7.85 -2.02
N GLU A 105 2.63 -9.15 -2.01
CA GLU A 105 1.31 -9.76 -2.32
C GLU A 105 0.87 -10.63 -1.15
N ILE A 106 -0.38 -10.60 -0.82
CA ILE A 106 -0.88 -11.45 0.31
C ILE A 106 -2.10 -12.26 -0.14
N PRO A 107 -1.92 -13.55 -0.32
CA PRO A 107 -3.01 -14.44 -0.75
C PRO A 107 -3.95 -14.74 0.42
N LEU A 108 -5.13 -14.18 0.39
CA LEU A 108 -6.09 -14.43 1.51
C LEU A 108 -7.52 -14.46 0.97
N LEU A 109 -8.45 -14.95 1.74
CA LEU A 109 -9.87 -15.00 1.27
C LEU A 109 -10.73 -14.12 2.18
N PRO A 110 -10.79 -12.85 1.87
CA PRO A 110 -11.59 -11.87 2.65
C PRO A 110 -13.07 -11.91 2.24
N GLU A 111 -13.57 -13.04 1.81
CA GLU A 111 -14.99 -13.11 1.41
C GLU A 111 -15.80 -13.78 2.51
N ASN A 112 -15.65 -13.34 3.72
CA ASN A 112 -16.41 -13.95 4.85
C ASN A 112 -16.42 -12.99 6.04
N SER A 113 -15.27 -12.69 6.56
CA SER A 113 -15.20 -11.76 7.73
C SER A 113 -13.79 -11.81 8.33
N MET A 114 -12.91 -10.97 7.87
CA MET A 114 -11.53 -10.98 8.41
C MET A 114 -10.88 -9.60 8.20
N ARG A 115 -10.41 -9.01 9.25
CA ARG A 115 -9.76 -7.67 9.12
C ARG A 115 -8.25 -7.85 8.96
N ALA A 116 -7.67 -7.23 7.97
CA ALA A 116 -6.20 -7.36 7.76
C ALA A 116 -5.51 -6.04 8.12
N VAL A 117 -4.95 -5.95 9.29
CA VAL A 117 -4.25 -4.69 9.69
C VAL A 117 -2.81 -4.73 9.19
N ILE A 118 -2.29 -3.62 8.78
CA ILE A 118 -0.87 -3.58 8.29
C ILE A 118 -0.15 -2.39 8.91
N ASP A 119 0.95 -2.64 9.57
CA ASP A 119 1.70 -1.52 10.21
C ASP A 119 3.00 -2.06 10.82
N CYS A 120 3.72 -2.87 10.10
CA CYS A 120 4.99 -3.43 10.65
C CYS A 120 6.10 -3.29 9.61
N ALA A 121 6.19 -2.16 8.96
CA ALA A 121 7.25 -1.95 7.94
C ALA A 121 7.89 -0.58 8.15
N GLY A 122 9.19 -0.53 8.24
CA GLY A 122 9.86 0.79 8.44
C GLY A 122 10.26 1.37 7.09
N ILE A 123 11.00 2.44 7.10
CA ILE A 123 11.43 3.06 5.81
C ILE A 123 12.95 3.19 5.80
N LEU A 124 13.52 3.46 4.67
CA LEU A 124 15.00 3.60 4.59
C LEU A 124 15.38 4.74 3.65
N LYS A 125 16.60 5.20 3.71
CA LYS A 125 17.02 6.31 2.82
C LYS A 125 18.50 6.14 2.47
N LEU A 126 18.79 5.56 1.34
CA LEU A 126 20.22 5.35 0.95
C LEU A 126 20.61 6.36 -0.12
N ARG A 127 21.72 6.13 -0.78
CA ARG A 127 22.18 7.07 -1.84
C ARG A 127 23.28 6.40 -2.66
N ASN A 128 24.22 7.17 -3.16
CA ASN A 128 25.32 6.59 -3.96
C ASN A 128 24.75 5.96 -5.23
N SER A 129 24.07 6.74 -6.03
CA SER A 129 23.48 6.19 -7.29
C SER A 129 22.71 7.29 -8.01
N ASP A 130 21.94 6.93 -9.01
CA ASP A 130 21.16 7.96 -9.75
C ASP A 130 20.20 7.27 -10.72
N ILE A 131 19.31 6.47 -10.22
CA ILE A 131 18.34 5.76 -11.12
C ILE A 131 17.06 6.58 -11.23
N GLU A 132 17.11 7.70 -11.88
CA GLU A 132 15.89 8.54 -12.02
C GLU A 132 16.00 9.40 -13.28
N LEU A 133 14.91 9.92 -13.76
CA LEU A 133 14.96 10.76 -14.99
C LEU A 133 15.74 12.04 -14.69
N ARG A 134 16.91 12.18 -15.25
CA ARG A 134 17.73 13.40 -15.01
C ARG A 134 16.96 14.63 -15.48
N LYS A 135 16.67 15.54 -14.60
CA LYS A 135 15.92 16.77 -15.00
C LYS A 135 15.59 17.59 -13.76
N GLY A 136 15.02 18.75 -13.94
CA GLY A 136 14.67 19.60 -12.77
C GLY A 136 13.57 18.91 -11.95
N GLU A 137 13.80 18.71 -10.68
CA GLU A 137 12.77 18.03 -9.83
C GLU A 137 12.19 19.05 -8.84
N THR A 138 12.40 20.32 -9.08
CA THR A 138 11.86 21.34 -8.15
C THR A 138 10.56 21.93 -8.73
N ASP A 139 9.59 22.16 -7.89
CA ASP A 139 8.30 22.73 -8.40
C ASP A 139 7.61 23.49 -7.26
N ILE A 140 7.66 22.96 -6.07
CA ILE A 140 7.00 23.65 -4.93
C ILE A 140 7.85 23.49 -3.67
N GLY A 141 9.14 23.37 -3.83
CA GLY A 141 10.04 23.21 -2.65
C GLY A 141 11.42 22.78 -3.11
N ARG A 142 11.98 21.77 -2.49
CA ARG A 142 13.34 21.30 -2.90
C ARG A 142 13.47 19.81 -2.62
N LYS A 143 12.98 19.37 -1.50
CA LYS A 143 13.08 17.92 -1.16
C LYS A 143 11.71 17.25 -1.37
N ASN A 144 11.70 16.11 -2.00
CA ASN A 144 10.39 15.41 -2.23
C ASN A 144 10.37 14.10 -1.43
N THR A 145 9.24 13.76 -0.89
CA THR A 145 9.15 12.50 -0.10
C THR A 145 7.69 12.04 -0.05
N ARG A 146 7.05 11.92 -1.18
CA ARG A 146 5.64 11.47 -1.20
C ARG A 146 5.57 10.01 -1.66
N VAL A 147 4.52 9.33 -1.32
CA VAL A 147 4.38 7.90 -1.74
C VAL A 147 2.94 7.62 -2.13
N ARG A 148 2.69 6.50 -2.74
CA ARG A 148 1.29 6.16 -3.15
C ARG A 148 1.09 4.65 -3.10
N LEU A 149 0.49 4.14 -2.05
CA LEU A 149 0.26 2.68 -1.97
C LEU A 149 -0.96 2.32 -2.80
N VAL A 150 -0.78 1.54 -3.84
CA VAL A 150 -1.92 1.18 -4.71
C VAL A 150 -2.60 -0.08 -4.15
N PHE A 151 -3.83 0.06 -3.71
CA PHE A 151 -4.57 -1.12 -3.16
C PHE A 151 -5.66 -1.53 -4.15
N ARG A 152 -5.54 -2.69 -4.75
CA ARG A 152 -6.59 -3.12 -5.71
C ARG A 152 -6.68 -4.65 -5.72
N VAL A 153 -7.78 -5.17 -6.18
CA VAL A 153 -7.94 -6.66 -6.23
C VAL A 153 -8.72 -7.02 -7.48
N HIS A 154 -8.22 -7.93 -8.27
CA HIS A 154 -8.93 -8.30 -9.51
C HIS A 154 -9.02 -9.83 -9.64
N VAL A 155 -10.20 -10.35 -9.57
CA VAL A 155 -10.38 -11.83 -9.70
C VAL A 155 -10.81 -12.15 -11.13
N PRO A 156 -10.30 -13.23 -11.66
CA PRO A 156 -10.63 -13.65 -13.04
C PRO A 156 -12.05 -14.21 -13.12
N GLN A 157 -12.91 -13.56 -13.85
CA GLN A 157 -14.31 -14.03 -13.99
C GLN A 157 -14.70 -14.01 -15.46
N PRO A 158 -15.74 -14.73 -15.81
CA PRO A 158 -16.23 -14.81 -17.18
C PRO A 158 -17.04 -13.56 -17.54
N SER A 159 -18.16 -13.36 -16.92
CA SER A 159 -18.99 -12.16 -17.23
C SER A 159 -18.18 -10.89 -16.96
N GLY A 160 -18.29 -10.34 -15.78
CA GLY A 160 -17.53 -9.09 -15.48
C GLY A 160 -18.00 -8.53 -14.14
N ARG A 161 -19.25 -8.67 -13.84
CA ARG A 161 -19.78 -8.16 -12.55
C ARG A 161 -19.40 -9.16 -11.46
N THR A 162 -18.19 -9.09 -11.00
CA THR A 162 -17.75 -10.06 -9.96
C THR A 162 -16.90 -9.33 -8.91
N LEU A 163 -15.60 -9.26 -9.09
CA LEU A 163 -14.76 -8.56 -8.08
C LEU A 163 -13.57 -7.88 -8.78
N SER A 164 -13.57 -6.59 -8.84
CA SER A 164 -12.43 -5.89 -9.48
C SER A 164 -12.44 -4.42 -9.07
N LEU A 165 -11.76 -4.08 -8.02
CA LEU A 165 -11.73 -2.66 -7.55
C LEU A 165 -10.28 -2.16 -7.54
N GLN A 166 -10.10 -0.87 -7.64
CA GLN A 166 -8.72 -0.31 -7.64
C GLN A 166 -8.66 0.90 -6.71
N VAL A 167 -7.57 1.05 -6.00
CA VAL A 167 -7.44 2.22 -5.07
C VAL A 167 -5.98 2.68 -5.03
N ALA A 168 -5.75 3.88 -4.58
CA ALA A 168 -4.35 4.38 -4.50
C ALA A 168 -4.26 5.40 -3.36
N SER A 169 -3.90 4.97 -2.18
CA SER A 169 -3.81 5.91 -1.04
C SER A 169 -2.46 6.62 -1.06
N ASN A 170 -2.35 7.74 -0.40
CA ASN A 170 -1.05 8.47 -0.38
C ASN A 170 -1.13 9.67 0.57
N PRO A 171 -1.33 9.38 1.84
CA PRO A 171 -1.42 10.41 2.88
C PRO A 171 -0.01 10.83 3.34
N ILE A 172 0.83 11.18 2.42
CA ILE A 172 2.22 11.58 2.80
C ILE A 172 2.77 12.57 1.75
N GLU A 173 3.25 13.69 2.20
CA GLU A 173 3.79 14.69 1.23
C GLU A 173 4.80 15.60 1.94
N CYS A 174 6.07 15.35 1.74
CA CYS A 174 7.10 16.19 2.42
C CYS A 174 7.45 17.39 1.52
N SER A 175 8.26 18.28 2.01
CA SER A 175 8.64 19.47 1.20
C SER A 175 9.57 20.37 2.01
N GLN A 176 9.52 21.65 1.77
CA GLN A 176 10.40 22.59 2.53
C GLN A 176 10.28 22.30 4.04
N ARG A 177 9.18 21.70 4.44
CA ARG A 177 9.01 21.40 5.90
C ARG A 177 10.24 20.68 6.42
N SER A 178 10.39 19.42 6.11
CA SER A 178 11.58 18.66 6.60
C SER A 178 12.85 19.30 6.03
N MET A 1 -36.60 -7.91 1.88
CA MET A 1 -37.72 -8.63 2.55
C MET A 1 -37.17 -9.45 3.73
N LYS A 2 -35.88 -9.51 3.87
CA LYS A 2 -35.29 -10.29 5.00
C LYS A 2 -35.99 -11.64 5.08
N ASP A 3 -35.74 -12.38 6.13
CA ASP A 3 -36.39 -13.71 6.26
C ASP A 3 -36.91 -13.90 7.69
N TRP A 4 -36.15 -14.52 8.55
CA TRP A 4 -36.62 -14.73 9.94
C TRP A 4 -35.71 -13.96 10.90
N GLN A 5 -34.42 -14.11 10.78
CA GLN A 5 -33.49 -13.39 11.69
C GLN A 5 -32.04 -13.73 11.32
N LEU A 6 -31.55 -13.16 10.26
CA LEU A 6 -30.14 -13.44 9.83
C LEU A 6 -29.68 -12.41 8.81
N PRO A 7 -28.39 -12.27 8.67
CA PRO A 7 -27.79 -11.31 7.73
C PRO A 7 -27.83 -11.87 6.30
N SER A 8 -28.75 -11.40 5.50
CA SER A 8 -28.84 -11.91 4.10
C SER A 8 -28.79 -10.73 3.13
N HIS A 9 -27.90 -9.78 3.36
CA HIS A 9 -27.80 -8.62 2.44
C HIS A 9 -26.35 -8.44 2.00
N SER A 10 -26.13 -7.67 0.97
CA SER A 10 -24.73 -7.47 0.49
C SER A 10 -24.73 -6.51 -0.70
N GLY A 11 -24.09 -5.40 -0.59
CA GLY A 11 -24.05 -4.42 -1.72
C GLY A 11 -23.12 -4.94 -2.81
N PRO A 12 -22.43 -4.03 -3.47
CA PRO A 12 -21.49 -4.37 -4.54
C PRO A 12 -20.17 -4.90 -3.94
N TYR A 13 -19.20 -5.16 -4.77
CA TYR A 13 -17.90 -5.67 -4.25
C TYR A 13 -16.85 -4.55 -4.29
N GLU A 14 -16.06 -4.43 -3.26
CA GLU A 14 -15.02 -3.35 -3.26
C GLU A 14 -14.22 -3.41 -1.95
N LEU A 15 -12.94 -3.22 -2.03
CA LEU A 15 -12.11 -3.25 -0.79
C LEU A 15 -11.82 -1.82 -0.35
N ARG A 16 -12.56 -1.31 0.60
CA ARG A 16 -12.33 0.08 1.06
C ARG A 16 -11.51 0.07 2.36
N ILE A 17 -10.80 1.13 2.63
CA ILE A 17 -9.99 1.19 3.87
C ILE A 17 -10.91 1.36 5.08
N GLU A 18 -10.69 0.61 6.13
CA GLU A 18 -11.56 0.73 7.32
C GLU A 18 -11.31 2.09 7.98
N VAL A 19 -10.08 2.37 8.30
CA VAL A 19 -9.75 3.67 8.94
C VAL A 19 -8.79 4.43 8.03
N GLN A 20 -9.08 5.67 7.75
CA GLN A 20 -8.17 6.45 6.85
C GLN A 20 -7.83 7.80 7.50
N PRO A 21 -7.14 7.75 8.62
CA PRO A 21 -6.72 8.95 9.35
C PRO A 21 -5.50 9.57 8.68
N LYS A 22 -4.94 10.60 9.26
CA LYS A 22 -3.74 11.23 8.65
C LYS A 22 -2.73 10.13 8.29
N SER A 23 -2.75 9.66 7.07
CA SER A 23 -1.81 8.58 6.68
C SER A 23 -0.56 9.19 6.04
N HIS A 24 -0.06 10.28 6.57
CA HIS A 24 1.16 10.88 5.98
C HIS A 24 2.36 10.45 6.83
N HIS A 25 3.52 10.67 6.34
CA HIS A 25 4.73 10.29 7.12
C HIS A 25 5.74 11.43 7.09
N ARG A 26 6.29 11.75 8.23
CA ARG A 26 7.30 12.85 8.31
C ARG A 26 8.67 12.21 8.51
N ALA A 27 9.22 11.65 7.46
CA ALA A 27 10.56 10.99 7.58
C ALA A 27 11.57 11.97 8.17
N HIS A 28 12.69 11.48 8.62
CA HIS A 28 13.72 12.38 9.22
C HIS A 28 14.19 13.41 8.19
N TYR A 29 14.57 14.56 8.66
CA TYR A 29 15.06 15.63 7.73
C TYR A 29 15.74 16.71 8.55
N GLU A 30 16.88 16.41 9.12
CA GLU A 30 17.60 17.42 9.94
C GLU A 30 16.95 17.51 11.32
N THR A 31 16.35 16.45 11.77
CA THR A 31 15.70 16.47 13.11
C THR A 31 15.84 15.10 13.77
N GLU A 32 17.05 14.65 13.97
CA GLU A 32 17.25 13.31 14.59
C GLU A 32 17.57 13.48 16.08
N GLY A 33 17.31 12.46 16.87
CA GLY A 33 17.60 12.56 18.33
C GLY A 33 17.43 11.19 18.97
N SER A 34 16.48 10.42 18.51
CA SER A 34 16.27 9.06 19.09
C SER A 34 15.83 8.09 17.99
N ARG A 35 16.17 6.84 18.12
CA ARG A 35 15.77 5.86 17.07
C ARG A 35 14.29 5.53 17.22
N GLY A 36 13.52 5.75 16.19
CA GLY A 36 12.07 5.46 16.27
C GLY A 36 11.59 4.83 14.96
N ALA A 37 10.48 5.28 14.44
CA ALA A 37 9.97 4.70 13.17
C ALA A 37 8.67 5.41 12.76
N VAL A 38 8.17 5.14 11.60
CA VAL A 38 6.91 5.81 11.15
C VAL A 38 5.81 5.51 12.16
N LYS A 39 5.05 6.50 12.53
CA LYS A 39 3.95 6.29 13.50
C LYS A 39 2.87 7.33 13.30
N ALA A 40 1.70 6.90 12.90
CA ALA A 40 0.57 7.84 12.68
C ALA A 40 -0.75 7.10 12.81
N SER A 41 -1.54 7.44 13.80
CA SER A 41 -2.86 6.76 13.98
C SER A 41 -2.68 5.24 13.96
N ALA A 42 -2.73 4.63 12.81
CA ALA A 42 -2.56 3.16 12.73
C ALA A 42 -1.08 2.80 12.68
N GLY A 43 -0.28 3.39 13.54
CA GLY A 43 1.17 3.07 13.54
C GLY A 43 1.81 3.53 12.22
N GLY A 44 1.09 4.26 11.42
CA GLY A 44 1.65 4.74 10.13
C GLY A 44 0.63 4.54 9.01
N HIS A 45 0.52 3.34 8.51
CA HIS A 45 -0.46 3.09 7.40
C HIS A 45 -1.82 2.72 8.00
N PRO A 46 -2.86 2.92 7.22
CA PRO A 46 -4.24 2.62 7.64
C PRO A 46 -4.51 1.12 7.56
N ILE A 47 -5.70 0.71 7.92
CA ILE A 47 -6.04 -0.75 7.86
C ILE A 47 -6.73 -1.04 6.53
N VAL A 48 -6.70 -2.26 6.09
CA VAL A 48 -7.36 -2.60 4.79
C VAL A 48 -8.24 -3.84 4.97
N GLN A 49 -9.47 -3.76 4.58
CA GLN A 49 -10.38 -4.94 4.70
C GLN A 49 -11.28 -5.04 3.46
N LEU A 50 -11.48 -6.22 2.95
CA LEU A 50 -12.34 -6.36 1.75
C LEU A 50 -13.75 -6.78 2.16
N HIS A 51 -14.76 -6.18 1.58
CA HIS A 51 -16.16 -6.55 1.93
C HIS A 51 -17.01 -6.57 0.66
N GLY A 52 -17.22 -7.72 0.10
CA GLY A 52 -18.04 -7.79 -1.14
C GLY A 52 -18.18 -9.24 -1.61
N TYR A 53 -17.23 -9.70 -2.36
CA TYR A 53 -17.26 -11.10 -2.88
C TYR A 53 -17.82 -12.06 -1.81
N LEU A 54 -18.88 -12.74 -2.13
CA LEU A 54 -19.46 -13.69 -1.13
C LEU A 54 -19.05 -15.12 -1.49
N GLU A 55 -18.27 -15.30 -2.52
CA GLU A 55 -17.83 -16.66 -2.91
C GLU A 55 -16.68 -17.11 -2.00
N ASN A 56 -16.62 -18.38 -1.69
CA ASN A 56 -15.54 -18.87 -0.82
C ASN A 56 -14.28 -19.16 -1.65
N GLU A 57 -13.93 -18.28 -2.54
CA GLU A 57 -12.73 -18.50 -3.38
C GLU A 57 -11.55 -17.71 -2.80
N PRO A 58 -10.35 -18.21 -3.00
CA PRO A 58 -9.13 -17.56 -2.51
C PRO A 58 -8.75 -16.38 -3.40
N LEU A 59 -8.31 -15.30 -2.82
CA LEU A 59 -7.93 -14.12 -3.64
C LEU A 59 -6.53 -13.66 -3.24
N MET A 60 -5.87 -12.93 -4.10
CA MET A 60 -4.50 -12.45 -3.76
C MET A 60 -4.47 -10.92 -3.81
N LEU A 61 -4.38 -10.28 -2.68
CA LEU A 61 -4.36 -8.79 -2.66
C LEU A 61 -3.11 -8.30 -3.41
N GLN A 62 -3.30 -7.59 -4.50
CA GLN A 62 -2.13 -7.07 -5.26
C GLN A 62 -1.83 -5.65 -4.80
N LEU A 63 -1.19 -5.50 -3.68
CA LEU A 63 -0.88 -4.13 -3.18
C LEU A 63 0.65 -3.91 -3.20
N PHE A 64 1.06 -2.67 -3.24
CA PHE A 64 2.52 -2.38 -3.24
C PHE A 64 2.72 -0.89 -2.93
N ILE A 65 3.94 -0.44 -2.83
CA ILE A 65 4.18 1.00 -2.53
C ILE A 65 4.86 1.65 -3.74
N GLY A 66 4.23 2.63 -4.34
CA GLY A 66 4.86 3.28 -5.53
C GLY A 66 4.78 4.80 -5.39
N THR A 67 5.72 5.50 -5.95
CA THR A 67 5.73 6.98 -5.86
C THR A 67 4.92 7.56 -7.03
N ALA A 68 4.33 8.71 -6.85
CA ALA A 68 3.54 9.32 -7.95
C ALA A 68 3.67 10.84 -7.89
N ASP A 69 4.29 11.42 -8.86
CA ASP A 69 4.45 12.91 -8.86
C ASP A 69 3.21 13.55 -9.49
N ASP A 70 2.55 12.84 -10.37
CA ASP A 70 1.33 13.39 -11.01
C ASP A 70 0.25 12.32 -11.05
N ARG A 71 0.56 11.16 -11.58
CA ARG A 71 -0.45 10.07 -11.64
C ARG A 71 0.21 8.80 -12.18
N LEU A 72 1.13 8.93 -13.09
CA LEU A 72 1.81 7.73 -13.65
C LEU A 72 2.41 6.89 -12.52
N LEU A 73 1.67 5.94 -11.99
CA LEU A 73 2.20 5.11 -10.90
C LEU A 73 3.61 4.62 -11.26
N ARG A 74 4.34 4.10 -10.31
CA ARG A 74 5.71 3.61 -10.59
C ARG A 74 6.28 2.94 -9.33
N PRO A 75 7.31 2.15 -9.51
CA PRO A 75 7.96 1.44 -8.40
C PRO A 75 8.85 2.40 -7.60
N HIS A 76 8.81 2.32 -6.30
CA HIS A 76 9.64 3.22 -5.47
C HIS A 76 11.12 2.95 -5.73
N ALA A 77 11.97 3.90 -5.46
CA ALA A 77 13.42 3.71 -5.70
C ALA A 77 14.02 2.88 -4.56
N PHE A 78 14.27 3.49 -3.44
CA PHE A 78 14.86 2.73 -2.29
C PHE A 78 13.79 2.55 -1.21
N TYR A 79 12.54 2.69 -1.55
CA TYR A 79 11.46 2.52 -0.54
C TYR A 79 10.67 1.25 -0.84
N GLN A 80 10.77 0.27 0.01
CA GLN A 80 10.02 -1.00 -0.22
C GLN A 80 10.06 -1.83 1.05
N VAL A 81 10.13 -1.19 2.18
CA VAL A 81 10.19 -1.92 3.48
C VAL A 81 9.03 -2.92 3.57
N HIS A 82 9.17 -3.91 4.41
CA HIS A 82 8.09 -4.93 4.56
C HIS A 82 8.49 -5.90 5.66
N ARG A 83 8.56 -5.44 6.88
CA ARG A 83 8.95 -6.34 8.00
C ARG A 83 7.77 -6.54 8.95
N ILE A 84 7.77 -7.60 9.71
CA ILE A 84 6.66 -7.86 10.66
C ILE A 84 7.24 -8.16 12.03
N THR A 85 6.49 -7.96 13.08
CA THR A 85 7.02 -8.25 14.44
C THR A 85 6.49 -9.61 14.92
N GLY A 86 7.05 -10.13 15.98
CA GLY A 86 6.60 -11.44 16.50
C GLY A 86 5.08 -11.44 16.63
N LYS A 87 4.56 -10.80 17.64
CA LYS A 87 3.08 -10.78 17.83
C LYS A 87 2.45 -9.73 16.91
N THR A 88 1.89 -10.15 15.81
CA THR A 88 1.25 -9.17 14.88
C THR A 88 0.37 -9.92 13.89
N VAL A 89 -0.03 -9.28 12.82
CA VAL A 89 -0.89 -9.95 11.81
C VAL A 89 -0.11 -11.10 11.17
N SER A 90 -0.41 -12.31 11.53
CA SER A 90 0.31 -13.47 10.94
C SER A 90 -0.44 -13.95 9.69
N THR A 91 -1.07 -13.05 8.99
CA THR A 91 -1.82 -13.45 7.77
C THR A 91 -0.83 -13.94 6.71
N THR A 92 -1.16 -15.01 6.03
CA THR A 92 -0.24 -15.55 4.99
C THR A 92 0.12 -14.43 4.00
N SER A 93 1.32 -13.93 4.09
CA SER A 93 1.73 -12.83 3.16
C SER A 93 2.90 -13.32 2.29
N HIS A 94 3.25 -12.56 1.29
CA HIS A 94 4.37 -12.96 0.41
C HIS A 94 4.99 -11.72 -0.25
N GLU A 95 6.19 -11.82 -0.74
CA GLU A 95 6.83 -10.64 -1.39
C GLU A 95 7.62 -11.11 -2.61
N ALA A 96 7.72 -10.29 -3.62
CA ALA A 96 8.47 -10.69 -4.84
C ALA A 96 9.02 -9.45 -5.54
N ILE A 97 10.31 -9.44 -5.82
CA ILE A 97 10.91 -8.26 -6.49
C ILE A 97 11.21 -8.62 -7.96
N LEU A 98 11.02 -7.69 -8.86
CA LEU A 98 11.30 -7.99 -10.30
C LEU A 98 12.12 -6.85 -10.91
N SER A 99 13.22 -6.50 -10.30
CA SER A 99 14.07 -5.42 -10.85
C SER A 99 13.45 -4.06 -10.53
N ASN A 100 14.00 -3.35 -9.57
CA ASN A 100 13.45 -2.02 -9.20
C ASN A 100 11.92 -2.06 -9.13
N THR A 101 11.37 -3.09 -8.54
CA THR A 101 9.89 -3.16 -8.44
C THR A 101 9.50 -4.13 -7.31
N LYS A 102 9.59 -3.69 -6.09
CA LYS A 102 9.21 -4.57 -4.95
C LYS A 102 7.69 -4.54 -4.77
N VAL A 103 7.06 -5.67 -4.70
CA VAL A 103 5.57 -5.68 -4.54
C VAL A 103 5.19 -6.57 -3.35
N LEU A 104 3.95 -6.51 -2.95
CA LEU A 104 3.50 -7.34 -1.80
C LEU A 104 2.20 -8.08 -2.18
N GLU A 105 2.16 -9.37 -1.96
CA GLU A 105 0.93 -10.13 -2.32
C GLU A 105 0.45 -10.95 -1.11
N ILE A 106 -0.81 -10.88 -0.80
CA ILE A 106 -1.33 -11.65 0.36
C ILE A 106 -2.57 -12.46 -0.08
N PRO A 107 -2.39 -13.74 -0.29
CA PRO A 107 -3.48 -14.63 -0.71
C PRO A 107 -4.42 -14.93 0.46
N LEU A 108 -5.51 -14.23 0.55
CA LEU A 108 -6.46 -14.47 1.67
C LEU A 108 -7.90 -14.27 1.17
N LEU A 109 -8.87 -14.72 1.92
CA LEU A 109 -10.29 -14.55 1.48
C LEU A 109 -11.01 -13.61 2.45
N PRO A 110 -10.81 -12.32 2.27
CA PRO A 110 -11.44 -11.29 3.11
C PRO A 110 -12.91 -11.08 2.69
N GLU A 111 -13.77 -11.99 3.05
CA GLU A 111 -15.20 -11.84 2.67
C GLU A 111 -16.10 -12.23 3.85
N ASN A 112 -15.84 -13.37 4.43
CA ASN A 112 -16.66 -13.83 5.59
C ASN A 112 -16.20 -13.12 6.85
N SER A 113 -14.92 -13.13 7.11
CA SER A 113 -14.39 -12.45 8.34
C SER A 113 -12.87 -12.52 8.34
N MET A 114 -12.22 -11.47 7.93
CA MET A 114 -10.73 -11.47 7.91
C MET A 114 -10.22 -10.04 7.73
N ARG A 115 -9.66 -9.47 8.76
CA ARG A 115 -9.14 -8.08 8.65
C ARG A 115 -7.63 -8.13 8.43
N ALA A 116 -7.10 -7.30 7.57
CA ALA A 116 -5.63 -7.31 7.33
C ALA A 116 -5.04 -5.96 7.72
N VAL A 117 -4.58 -5.82 8.94
CA VAL A 117 -4.00 -4.51 9.37
C VAL A 117 -2.48 -4.54 9.11
N ILE A 118 -1.97 -3.55 8.45
CA ILE A 118 -0.51 -3.52 8.17
C ILE A 118 0.12 -2.29 8.82
N ASP A 119 0.93 -2.48 9.83
CA ASP A 119 1.57 -1.31 10.50
C ASP A 119 2.76 -1.80 11.33
N CYS A 120 3.37 -2.88 10.93
CA CYS A 120 4.54 -3.40 11.69
C CYS A 120 5.80 -3.33 10.82
N ALA A 121 5.97 -2.25 10.11
CA ALA A 121 7.18 -2.13 9.24
C ALA A 121 7.77 -0.72 9.38
N GLY A 122 8.98 -0.53 8.94
CA GLY A 122 9.62 0.82 9.05
C GLY A 122 10.09 1.25 7.67
N ILE A 123 10.77 2.35 7.57
CA ILE A 123 11.26 2.81 6.24
C ILE A 123 12.80 2.80 6.23
N LEU A 124 13.39 2.99 5.08
CA LEU A 124 14.87 2.98 5.00
C LEU A 124 15.37 4.38 4.58
N LYS A 125 16.50 4.78 5.07
CA LYS A 125 17.04 6.12 4.71
C LYS A 125 18.33 5.96 3.92
N LEU A 126 18.40 6.51 2.74
CA LEU A 126 19.65 6.38 1.93
C LEU A 126 20.22 7.77 1.63
N ARG A 127 20.64 8.48 2.64
CA ARG A 127 21.20 9.84 2.40
C ARG A 127 20.32 10.60 1.41
N ASN A 128 20.66 10.56 0.15
CA ASN A 128 19.84 11.29 -0.86
C ASN A 128 19.97 10.61 -2.23
N SER A 129 19.61 9.36 -2.32
CA SER A 129 19.72 8.64 -3.61
C SER A 129 18.32 8.41 -4.20
N ASP A 130 18.23 8.15 -5.48
CA ASP A 130 16.90 7.92 -6.10
C ASP A 130 17.08 7.63 -7.59
N ILE A 131 17.72 6.55 -7.93
CA ILE A 131 17.92 6.22 -9.37
C ILE A 131 16.56 5.89 -10.01
N GLU A 132 16.15 6.65 -10.97
CA GLU A 132 14.84 6.37 -11.63
C GLU A 132 15.02 6.40 -13.16
N LEU A 133 14.29 5.57 -13.86
CA LEU A 133 14.42 5.56 -15.34
C LEU A 133 13.18 6.20 -15.97
N ARG A 134 13.38 7.19 -16.81
CA ARG A 134 12.21 7.85 -17.45
C ARG A 134 12.49 8.04 -18.94
N LYS A 135 11.50 8.42 -19.71
CA LYS A 135 11.71 8.62 -21.17
C LYS A 135 12.90 9.55 -21.39
N GLY A 136 14.07 9.00 -21.53
CA GLY A 136 15.27 9.85 -21.75
C GLY A 136 16.35 9.49 -20.72
N GLU A 137 17.56 9.92 -20.94
CA GLU A 137 18.66 9.60 -19.99
C GLU A 137 19.60 10.80 -19.87
N THR A 138 19.13 11.90 -19.35
CA THR A 138 20.01 13.10 -19.22
C THR A 138 19.97 13.59 -17.78
N ASP A 139 19.61 12.74 -16.84
CA ASP A 139 19.56 13.18 -15.42
C ASP A 139 18.53 14.30 -15.27
N ILE A 140 17.67 14.19 -14.29
CA ILE A 140 16.64 15.26 -14.09
C ILE A 140 16.95 16.02 -12.80
N GLY A 141 17.39 15.34 -11.78
CA GLY A 141 17.71 16.03 -10.50
C GLY A 141 17.35 15.12 -9.33
N ARG A 142 16.94 15.69 -8.23
CA ARG A 142 16.56 14.86 -7.05
C ARG A 142 15.39 15.51 -6.31
N LYS A 143 14.53 16.18 -7.03
CA LYS A 143 13.37 16.85 -6.36
C LYS A 143 12.19 15.87 -6.33
N ASN A 144 11.05 16.32 -5.87
CA ASN A 144 9.84 15.45 -5.79
C ASN A 144 10.13 14.21 -4.92
N THR A 145 9.24 13.90 -4.02
CA THR A 145 9.46 12.72 -3.13
C THR A 145 8.12 12.27 -2.54
N ARG A 146 7.15 12.03 -3.37
CA ARG A 146 5.82 11.60 -2.86
C ARG A 146 5.74 10.07 -2.85
N VAL A 147 4.92 9.52 -2.01
CA VAL A 147 4.78 8.05 -1.94
C VAL A 147 3.30 7.70 -1.74
N ARG A 148 2.84 6.61 -2.31
CA ARG A 148 1.41 6.25 -2.14
C ARG A 148 1.24 4.72 -2.19
N LEU A 149 0.46 4.18 -1.29
CA LEU A 149 0.25 2.71 -1.28
C LEU A 149 -0.92 2.35 -2.21
N VAL A 150 -0.67 1.53 -3.19
CA VAL A 150 -1.76 1.15 -4.13
C VAL A 150 -2.42 -0.14 -3.63
N PHE A 151 -3.73 -0.17 -3.59
CA PHE A 151 -4.44 -1.40 -3.11
C PHE A 151 -5.43 -1.86 -4.17
N ARG A 152 -5.21 -3.01 -4.75
CA ARG A 152 -6.15 -3.51 -5.79
C ARG A 152 -6.16 -5.04 -5.78
N VAL A 153 -7.30 -5.64 -5.69
CA VAL A 153 -7.35 -7.13 -5.70
C VAL A 153 -7.89 -7.62 -7.03
N HIS A 154 -7.21 -8.54 -7.66
CA HIS A 154 -7.68 -9.06 -8.95
C HIS A 154 -8.10 -10.51 -8.78
N VAL A 155 -9.38 -10.77 -8.81
CA VAL A 155 -9.85 -12.16 -8.62
C VAL A 155 -10.15 -12.78 -10.00
N PRO A 156 -9.72 -14.01 -10.19
CA PRO A 156 -9.90 -14.73 -11.46
C PRO A 156 -11.34 -15.26 -11.60
N GLN A 157 -11.88 -15.20 -12.78
CA GLN A 157 -13.27 -15.70 -13.00
C GLN A 157 -13.47 -15.95 -14.50
N PRO A 158 -14.64 -16.42 -14.86
CA PRO A 158 -14.98 -16.72 -16.26
C PRO A 158 -15.29 -15.44 -17.02
N SER A 159 -16.19 -14.66 -16.50
CA SER A 159 -16.55 -13.38 -17.18
C SER A 159 -15.31 -12.49 -17.29
N GLY A 160 -15.48 -11.20 -17.25
CA GLY A 160 -14.31 -10.29 -17.37
C GLY A 160 -14.26 -9.33 -16.18
N ARG A 161 -15.04 -8.30 -16.21
CA ARG A 161 -15.04 -7.33 -15.09
C ARG A 161 -15.85 -7.91 -13.93
N THR A 162 -15.26 -8.78 -13.18
CA THR A 162 -15.98 -9.41 -12.04
C THR A 162 -15.54 -8.74 -10.73
N LEU A 163 -14.26 -8.68 -10.49
CA LEU A 163 -13.77 -8.04 -9.23
C LEU A 163 -12.33 -7.56 -9.46
N SER A 164 -12.17 -6.32 -9.80
CA SER A 164 -10.80 -5.79 -10.04
C SER A 164 -10.83 -4.27 -10.00
N LEU A 165 -10.40 -3.68 -8.91
CA LEU A 165 -10.41 -2.20 -8.81
C LEU A 165 -9.11 -1.70 -8.18
N GLN A 166 -8.88 -0.41 -8.19
CA GLN A 166 -7.62 0.12 -7.59
C GLN A 166 -7.96 0.97 -6.36
N VAL A 167 -7.03 1.10 -5.45
CA VAL A 167 -7.29 1.92 -4.23
C VAL A 167 -5.99 2.54 -3.74
N ALA A 168 -5.56 3.62 -4.34
CA ALA A 168 -4.30 4.27 -3.89
C ALA A 168 -4.61 5.29 -2.80
N SER A 169 -4.30 4.97 -1.57
CA SER A 169 -4.59 5.93 -0.46
C SER A 169 -3.29 6.31 0.25
N ASN A 170 -2.94 7.56 0.22
CA ASN A 170 -1.68 8.01 0.89
C ASN A 170 -1.28 9.39 0.37
N PRO A 171 -2.00 10.39 0.79
CA PRO A 171 -1.75 11.79 0.37
C PRO A 171 -0.55 12.36 1.14
N ILE A 172 0.64 12.14 0.67
CA ILE A 172 1.83 12.67 1.37
C ILE A 172 2.63 13.54 0.41
N GLU A 173 3.54 14.33 0.91
CA GLU A 173 4.34 15.20 0.00
C GLU A 173 5.67 15.56 0.67
N CYS A 174 6.74 15.55 -0.08
CA CYS A 174 8.06 15.89 0.49
C CYS A 174 8.62 17.12 -0.21
N SER A 175 9.87 17.44 0.01
CA SER A 175 10.47 18.63 -0.65
C SER A 175 11.99 18.56 -0.55
N GLN A 176 12.55 17.38 -0.53
CA GLN A 176 14.02 17.24 -0.43
C GLN A 176 14.55 18.22 0.63
N ARG A 177 13.75 18.55 1.60
CA ARG A 177 14.21 19.49 2.66
C ARG A 177 14.19 20.92 2.11
N SER A 178 13.16 21.67 2.40
CA SER A 178 13.09 23.06 1.90
C SER A 178 13.06 24.04 3.08
N MET A 1 -9.00 -7.40 -27.85
CA MET A 1 -10.30 -6.71 -28.08
C MET A 1 -11.14 -6.77 -26.80
N LYS A 2 -10.51 -6.97 -25.68
CA LYS A 2 -11.27 -7.05 -24.40
C LYS A 2 -11.69 -5.64 -23.97
N ASP A 3 -10.78 -4.70 -24.03
CA ASP A 3 -11.12 -3.32 -23.61
C ASP A 3 -9.91 -2.40 -23.82
N TRP A 4 -10.03 -1.42 -24.67
CA TRP A 4 -8.90 -0.49 -24.92
C TRP A 4 -8.92 0.63 -23.88
N GLN A 5 -10.09 1.02 -23.46
CA GLN A 5 -10.19 2.12 -22.44
C GLN A 5 -11.65 2.34 -22.07
N LEU A 6 -12.18 1.55 -21.18
CA LEU A 6 -13.60 1.72 -20.78
C LEU A 6 -13.85 0.96 -19.46
N PRO A 7 -13.80 1.69 -18.36
CA PRO A 7 -14.00 1.12 -17.02
C PRO A 7 -15.50 0.89 -16.77
N SER A 8 -15.84 -0.17 -16.07
CA SER A 8 -17.28 -0.44 -15.79
C SER A 8 -17.39 -1.26 -14.50
N HIS A 9 -16.90 -0.74 -13.42
CA HIS A 9 -16.98 -1.48 -12.12
C HIS A 9 -18.14 -0.94 -11.30
N SER A 10 -18.98 -1.80 -10.79
CA SER A 10 -20.14 -1.33 -9.98
C SER A 10 -20.93 -2.53 -9.46
N GLY A 11 -20.27 -3.45 -8.80
CA GLY A 11 -20.99 -4.65 -8.27
C GLY A 11 -20.91 -4.66 -6.75
N PRO A 12 -21.17 -5.81 -6.17
CA PRO A 12 -21.13 -5.99 -4.71
C PRO A 12 -19.69 -6.09 -4.21
N TYR A 13 -18.75 -6.21 -5.11
CA TYR A 13 -17.32 -6.32 -4.70
C TYR A 13 -16.83 -4.96 -4.19
N GLU A 14 -16.19 -4.92 -3.06
CA GLU A 14 -15.70 -3.62 -2.53
C GLU A 14 -14.39 -3.82 -1.78
N LEU A 15 -13.35 -3.11 -2.17
CA LEU A 15 -12.05 -3.27 -1.47
C LEU A 15 -11.63 -1.92 -0.88
N ARG A 16 -12.14 -1.59 0.27
CA ARG A 16 -11.79 -0.29 0.90
C ARG A 16 -11.15 -0.52 2.28
N ILE A 17 -10.43 0.45 2.77
CA ILE A 17 -9.79 0.29 4.10
C ILE A 17 -10.86 0.46 5.19
N GLU A 18 -10.78 -0.31 6.24
CA GLU A 18 -11.78 -0.19 7.34
C GLU A 18 -11.67 1.19 8.00
N VAL A 19 -10.48 1.64 8.24
CA VAL A 19 -10.30 2.96 8.88
C VAL A 19 -9.09 3.68 8.26
N GLN A 20 -9.25 4.92 7.90
CA GLN A 20 -8.11 5.67 7.29
C GLN A 20 -7.74 6.87 8.17
N PRO A 21 -7.05 6.59 9.25
CA PRO A 21 -6.62 7.63 10.20
C PRO A 21 -5.40 8.37 9.65
N LYS A 22 -4.86 9.29 10.40
CA LYS A 22 -3.66 10.04 9.92
C LYS A 22 -2.67 9.06 9.29
N SER A 23 -2.67 8.97 7.98
CA SER A 23 -1.75 8.02 7.30
C SER A 23 -0.49 8.75 6.85
N HIS A 24 0.03 9.64 7.65
CA HIS A 24 1.27 10.38 7.25
C HIS A 24 2.47 9.73 7.93
N HIS A 25 3.64 10.09 7.49
CA HIS A 25 4.87 9.52 8.11
C HIS A 25 5.96 10.59 8.16
N ARG A 26 6.61 10.72 9.28
CA ARG A 26 7.69 11.74 9.39
C ARG A 26 9.05 11.03 9.37
N ALA A 27 9.46 10.57 8.22
CA ALA A 27 10.78 9.87 8.13
C ALA A 27 11.89 10.77 8.67
N HIS A 28 13.01 10.21 9.01
CA HIS A 28 14.13 11.03 9.56
C HIS A 28 14.58 12.05 8.50
N TYR A 29 15.19 13.12 8.93
CA TYR A 29 15.65 14.15 7.96
C TYR A 29 17.16 14.34 8.09
N GLU A 30 17.66 15.53 7.92
CA GLU A 30 19.13 15.75 8.04
C GLU A 30 19.66 15.01 9.27
N THR A 31 19.57 15.61 10.42
CA THR A 31 20.07 14.94 11.65
C THR A 31 19.13 15.25 12.82
N GLU A 32 17.85 15.10 12.61
CA GLU A 32 16.88 15.39 13.70
C GLU A 32 15.78 14.33 13.71
N GLY A 33 16.02 13.22 14.34
CA GLY A 33 14.98 12.13 14.38
C GLY A 33 15.28 11.18 15.53
N SER A 34 14.27 10.54 16.06
CA SER A 34 14.50 9.58 17.18
C SER A 34 14.91 8.22 16.61
N ARG A 35 14.54 7.16 17.27
CA ARG A 35 14.90 5.80 16.76
C ARG A 35 13.67 4.90 16.79
N GLY A 36 12.61 5.30 16.14
CA GLY A 36 11.38 4.47 16.14
C GLY A 36 10.90 4.27 14.69
N ALA A 37 10.65 3.06 14.31
CA ALA A 37 10.19 2.80 12.91
C ALA A 37 8.85 3.50 12.67
N VAL A 38 8.38 3.49 11.46
CA VAL A 38 7.08 4.15 11.16
C VAL A 38 6.00 3.61 12.09
N LYS A 39 5.40 4.47 12.86
CA LYS A 39 4.33 4.00 13.79
C LYS A 39 3.22 5.05 13.89
N ALA A 40 2.15 4.85 13.16
CA ALA A 40 1.03 5.82 13.22
C ALA A 40 0.01 5.36 14.25
N SER A 41 -1.25 5.63 14.02
CA SER A 41 -2.29 5.20 15.00
C SER A 41 -2.75 3.78 14.66
N ALA A 42 -3.54 3.18 15.52
CA ALA A 42 -4.01 1.80 15.24
C ALA A 42 -2.81 0.89 14.99
N GLY A 43 -1.98 0.70 15.98
CA GLY A 43 -0.79 -0.19 15.79
C GLY A 43 0.34 0.62 15.16
N GLY A 44 0.18 1.01 13.92
CA GLY A 44 1.25 1.80 13.24
C GLY A 44 0.90 1.98 11.77
N HIS A 45 -0.36 2.14 11.46
CA HIS A 45 -0.76 2.31 10.03
C HIS A 45 -2.27 2.10 9.91
N PRO A 46 -2.78 2.28 8.72
CA PRO A 46 -4.21 2.12 8.43
C PRO A 46 -4.59 0.64 8.36
N ILE A 47 -5.86 0.35 8.27
CA ILE A 47 -6.29 -1.08 8.20
C ILE A 47 -6.72 -1.41 6.77
N VAL A 48 -6.78 -2.67 6.44
CA VAL A 48 -7.19 -3.08 5.07
C VAL A 48 -8.10 -4.31 5.16
N GLN A 49 -9.27 -4.24 4.58
CA GLN A 49 -10.19 -5.41 4.64
C GLN A 49 -11.02 -5.48 3.36
N LEU A 50 -11.53 -6.63 3.02
CA LEU A 50 -12.34 -6.76 1.78
C LEU A 50 -13.78 -7.11 2.15
N HIS A 51 -14.74 -6.45 1.55
CA HIS A 51 -16.16 -6.74 1.88
C HIS A 51 -16.99 -6.70 0.59
N GLY A 52 -16.95 -7.75 -0.20
CA GLY A 52 -17.72 -7.75 -1.46
C GLY A 52 -17.45 -9.06 -2.23
N TYR A 53 -17.83 -10.17 -1.68
CA TYR A 53 -17.59 -11.46 -2.37
C TYR A 53 -18.05 -12.62 -1.49
N LEU A 54 -19.01 -13.38 -1.95
CA LEU A 54 -19.50 -14.52 -1.13
C LEU A 54 -19.01 -15.84 -1.74
N GLU A 55 -17.92 -15.79 -2.47
CA GLU A 55 -17.39 -17.03 -3.10
C GLU A 55 -16.41 -17.72 -2.14
N ASN A 56 -16.39 -19.02 -2.13
CA ASN A 56 -15.47 -19.74 -1.22
C ASN A 56 -14.11 -19.95 -1.91
N GLU A 57 -13.70 -19.00 -2.70
CA GLU A 57 -12.38 -19.14 -3.40
C GLU A 57 -11.39 -18.11 -2.85
N PRO A 58 -10.14 -18.48 -2.84
CA PRO A 58 -9.06 -17.60 -2.33
C PRO A 58 -8.70 -16.54 -3.37
N LEU A 59 -8.44 -15.34 -2.95
CA LEU A 59 -8.08 -14.26 -3.90
C LEU A 59 -6.68 -13.74 -3.58
N MET A 60 -6.07 -13.03 -4.47
CA MET A 60 -4.71 -12.50 -4.20
C MET A 60 -4.73 -10.97 -4.21
N LEU A 61 -4.76 -10.37 -3.04
CA LEU A 61 -4.78 -8.88 -2.97
C LEU A 61 -3.46 -8.34 -3.51
N GLN A 62 -3.52 -7.43 -4.45
CA GLN A 62 -2.26 -6.87 -5.01
C GLN A 62 -1.86 -5.63 -4.20
N LEU A 63 -1.05 -5.80 -3.20
CA LEU A 63 -0.62 -4.63 -2.38
C LEU A 63 0.76 -4.18 -2.83
N PHE A 64 1.00 -2.90 -2.90
CA PHE A 64 2.33 -2.41 -3.35
C PHE A 64 2.47 -0.93 -2.95
N ILE A 65 3.65 -0.39 -3.05
CA ILE A 65 3.86 1.04 -2.70
C ILE A 65 4.66 1.72 -3.81
N GLY A 66 4.09 2.67 -4.47
CA GLY A 66 4.83 3.37 -5.57
C GLY A 66 4.74 4.88 -5.39
N THR A 67 5.70 5.60 -5.88
CA THR A 67 5.67 7.08 -5.76
C THR A 67 4.64 7.65 -6.73
N ALA A 68 4.15 8.83 -6.46
CA ALA A 68 3.15 9.44 -7.38
C ALA A 68 2.94 10.91 -7.00
N ASP A 69 3.32 11.81 -7.86
CA ASP A 69 3.13 13.25 -7.56
C ASP A 69 1.82 13.74 -8.17
N ASP A 70 1.01 12.83 -8.66
CA ASP A 70 -0.28 13.23 -9.27
C ASP A 70 -1.15 11.99 -9.48
N ARG A 71 -0.62 11.01 -10.18
CA ARG A 71 -1.41 9.76 -10.43
C ARG A 71 -0.54 8.74 -11.15
N LEU A 72 0.34 9.18 -11.99
CA LEU A 72 1.22 8.23 -12.73
C LEU A 72 1.94 7.31 -11.74
N LEU A 73 1.36 6.17 -11.45
CA LEU A 73 1.99 5.23 -10.49
C LEU A 73 3.40 4.88 -10.98
N ARG A 74 4.21 4.31 -10.12
CA ARG A 74 5.60 3.94 -10.53
C ARG A 74 6.28 3.19 -9.38
N PRO A 75 7.43 2.64 -9.67
CA PRO A 75 8.21 1.89 -8.66
C PRO A 75 8.92 2.85 -7.70
N HIS A 76 8.88 2.55 -6.43
CA HIS A 76 9.56 3.44 -5.44
C HIS A 76 11.04 3.55 -5.77
N ALA A 77 11.64 4.68 -5.50
CA ALA A 77 13.10 4.83 -5.79
C ALA A 77 13.83 3.59 -5.27
N PHE A 78 14.03 3.52 -4.00
CA PHE A 78 14.72 2.35 -3.41
C PHE A 78 14.05 1.99 -2.07
N TYR A 79 12.81 2.38 -1.90
CA TYR A 79 12.11 2.07 -0.62
C TYR A 79 11.65 0.61 -0.63
N GLN A 80 12.30 -0.23 0.12
CA GLN A 80 11.92 -1.66 0.16
C GLN A 80 11.51 -2.03 1.59
N VAL A 81 10.27 -1.78 1.94
CA VAL A 81 9.80 -2.11 3.32
C VAL A 81 9.74 -3.62 3.51
N HIS A 82 10.18 -4.09 4.65
CA HIS A 82 10.15 -5.55 4.92
C HIS A 82 10.63 -5.81 6.35
N ARG A 83 9.74 -5.73 7.31
CA ARG A 83 10.16 -5.97 8.72
C ARG A 83 9.00 -6.55 9.53
N ILE A 84 8.78 -7.82 9.43
CA ILE A 84 7.67 -8.44 10.21
C ILE A 84 8.28 -9.31 11.31
N THR A 85 7.62 -9.42 12.44
CA THR A 85 8.18 -10.25 13.54
C THR A 85 7.50 -11.61 13.56
N GLY A 86 8.01 -12.53 14.35
CA GLY A 86 7.41 -13.89 14.42
C GLY A 86 5.89 -13.78 14.43
N LYS A 87 5.35 -12.89 15.23
CA LYS A 87 3.87 -12.74 15.28
C LYS A 87 3.40 -12.00 14.01
N THR A 88 3.19 -12.71 12.95
CA THR A 88 2.74 -12.06 11.69
C THR A 88 1.27 -11.67 11.81
N VAL A 89 0.67 -11.22 10.74
CA VAL A 89 -0.76 -10.83 10.79
C VAL A 89 -1.63 -12.09 10.86
N SER A 90 -2.91 -11.94 10.98
CA SER A 90 -3.80 -13.14 11.05
C SER A 90 -3.92 -13.75 9.65
N THR A 91 -4.07 -12.93 8.64
CA THR A 91 -4.19 -13.47 7.26
C THR A 91 -2.82 -13.98 6.79
N THR A 92 -2.69 -14.29 5.53
CA THR A 92 -1.39 -14.79 5.01
C THR A 92 -0.67 -13.66 4.26
N SER A 93 0.62 -13.76 4.12
CA SER A 93 1.37 -12.70 3.39
C SER A 93 2.42 -13.34 2.48
N HIS A 94 2.84 -12.63 1.46
CA HIS A 94 3.86 -13.18 0.53
C HIS A 94 4.60 -12.04 -0.16
N GLU A 95 5.89 -11.93 0.04
CA GLU A 95 6.66 -10.84 -0.61
C GLU A 95 6.99 -11.22 -2.05
N ALA A 96 6.93 -10.28 -2.95
CA ALA A 96 7.24 -10.59 -4.38
C ALA A 96 8.24 -9.58 -4.92
N ILE A 97 9.38 -10.03 -5.37
CA ILE A 97 10.40 -9.09 -5.91
C ILE A 97 10.65 -9.40 -7.38
N LEU A 98 10.90 -8.41 -8.19
CA LEU A 98 11.14 -8.67 -9.63
C LEU A 98 12.34 -7.84 -10.11
N SER A 99 13.43 -7.91 -9.40
CA SER A 99 14.62 -7.12 -9.81
C SER A 99 14.40 -5.64 -9.51
N ASN A 100 15.18 -5.09 -8.61
CA ASN A 100 15.05 -3.65 -8.27
C ASN A 100 13.56 -3.27 -8.11
N THR A 101 12.76 -4.14 -7.60
CA THR A 101 11.32 -3.80 -7.43
C THR A 101 10.74 -4.55 -6.23
N LYS A 102 10.53 -3.87 -5.14
CA LYS A 102 9.95 -4.53 -3.93
C LYS A 102 8.43 -4.43 -3.98
N VAL A 103 7.77 -5.52 -4.27
CA VAL A 103 6.28 -5.49 -4.34
C VAL A 103 5.70 -6.28 -3.16
N LEU A 104 4.41 -6.22 -2.98
CA LEU A 104 3.79 -6.95 -1.83
C LEU A 104 2.64 -7.82 -2.36
N GLU A 105 2.53 -9.02 -1.88
CA GLU A 105 1.43 -9.91 -2.34
C GLU A 105 0.77 -10.58 -1.13
N ILE A 106 -0.46 -10.25 -0.85
CA ILE A 106 -1.15 -10.85 0.33
C ILE A 106 -2.44 -11.55 -0.13
N PRO A 107 -2.44 -12.86 -0.13
CA PRO A 107 -3.62 -13.64 -0.53
C PRO A 107 -4.67 -13.65 0.59
N LEU A 108 -5.87 -13.25 0.29
CA LEU A 108 -6.93 -13.22 1.35
C LEU A 108 -8.22 -13.84 0.81
N LEU A 109 -9.02 -14.41 1.67
CA LEU A 109 -10.31 -15.02 1.23
C LEU A 109 -11.46 -14.38 2.00
N PRO A 110 -12.01 -13.33 1.44
CA PRO A 110 -13.13 -12.59 2.06
C PRO A 110 -14.45 -13.34 1.86
N GLU A 111 -14.61 -14.46 2.52
CA GLU A 111 -15.87 -15.24 2.37
C GLU A 111 -16.58 -15.33 3.72
N ASN A 112 -16.03 -14.74 4.74
CA ASN A 112 -16.69 -14.81 6.08
C ASN A 112 -16.48 -13.48 6.81
N SER A 113 -15.26 -13.16 7.14
CA SER A 113 -15.00 -11.88 7.87
C SER A 113 -13.59 -11.91 8.45
N MET A 114 -12.70 -11.13 7.93
CA MET A 114 -11.31 -11.13 8.45
C MET A 114 -10.64 -9.77 8.17
N ARG A 115 -10.28 -9.06 9.20
CA ARG A 115 -9.63 -7.73 9.00
C ARG A 115 -8.11 -7.93 8.89
N ALA A 116 -7.49 -7.26 7.96
CA ALA A 116 -6.01 -7.41 7.79
C ALA A 116 -5.33 -6.06 8.07
N VAL A 117 -4.64 -5.95 9.16
CA VAL A 117 -3.96 -4.66 9.48
C VAL A 117 -2.50 -4.73 9.00
N ILE A 118 -1.88 -3.58 8.82
CA ILE A 118 -0.47 -3.58 8.36
C ILE A 118 0.24 -2.37 8.98
N ASP A 119 1.03 -2.58 10.00
CA ASP A 119 1.76 -1.45 10.64
C ASP A 119 3.10 -1.93 11.17
N CYS A 120 3.85 -2.65 10.37
CA CYS A 120 5.18 -3.14 10.83
C CYS A 120 6.16 -3.14 9.65
N ALA A 121 6.31 -2.02 8.99
CA ALA A 121 7.24 -1.97 7.83
C ALA A 121 7.90 -0.58 7.77
N GLY A 122 9.00 -0.41 8.45
CA GLY A 122 9.69 0.92 8.41
C GLY A 122 10.01 1.24 6.96
N ILE A 123 10.85 2.21 6.69
CA ILE A 123 11.18 2.53 5.28
C ILE A 123 12.65 2.22 5.01
N LEU A 124 12.97 1.89 3.80
CA LEU A 124 14.39 1.56 3.47
C LEU A 124 14.73 2.08 2.07
N LYS A 125 15.06 3.34 1.93
CA LYS A 125 15.38 3.86 0.58
C LYS A 125 16.89 4.14 0.46
N LEU A 126 17.68 3.12 0.53
CA LEU A 126 19.16 3.30 0.41
C LEU A 126 19.76 2.08 -0.31
N ARG A 127 19.59 1.99 -1.60
CA ARG A 127 20.15 0.84 -2.34
C ARG A 127 20.69 1.32 -3.70
N ASN A 128 20.77 0.44 -4.66
CA ASN A 128 21.29 0.85 -6.00
C ASN A 128 20.69 -0.08 -7.07
N SER A 129 20.78 -1.36 -6.88
CA SER A 129 20.23 -2.31 -7.89
C SER A 129 20.62 -1.84 -9.29
N ASP A 130 19.77 -1.11 -9.95
CA ASP A 130 20.10 -0.63 -11.32
C ASP A 130 18.92 0.15 -11.89
N ILE A 131 18.52 1.21 -11.24
CA ILE A 131 17.37 2.00 -11.74
C ILE A 131 17.82 2.82 -12.96
N GLU A 132 17.23 2.58 -14.10
CA GLU A 132 17.61 3.33 -15.33
C GLU A 132 17.25 4.81 -15.14
N LEU A 133 18.10 5.69 -15.60
CA LEU A 133 17.81 7.15 -15.46
C LEU A 133 17.89 7.82 -16.83
N ARG A 134 17.18 8.91 -17.02
CA ARG A 134 17.23 9.59 -18.34
C ARG A 134 16.43 10.90 -18.25
N LYS A 135 15.34 10.91 -17.55
CA LYS A 135 14.52 12.15 -17.44
C LYS A 135 14.67 12.73 -16.02
N GLY A 136 14.78 14.03 -15.91
CA GLY A 136 14.93 14.65 -14.56
C GLY A 136 14.19 15.99 -14.55
N GLU A 137 13.74 16.41 -13.40
CA GLU A 137 13.01 17.71 -13.32
C GLU A 137 13.48 18.48 -12.07
N THR A 138 13.53 19.78 -12.16
CA THR A 138 13.96 20.59 -10.98
C THR A 138 13.26 21.94 -11.00
N ASP A 139 11.95 21.94 -11.00
CA ASP A 139 11.21 23.24 -11.02
C ASP A 139 11.32 23.90 -9.65
N ILE A 140 11.40 23.13 -8.59
CA ILE A 140 11.51 23.72 -7.24
C ILE A 140 12.33 22.81 -6.35
N GLY A 141 13.32 22.15 -6.90
CA GLY A 141 14.17 21.24 -6.09
C GLY A 141 13.85 19.78 -6.45
N ARG A 142 14.39 18.85 -5.72
CA ARG A 142 14.12 17.42 -6.03
C ARG A 142 12.66 17.09 -5.74
N LYS A 143 12.13 16.07 -6.35
CA LYS A 143 10.70 15.71 -6.12
C LYS A 143 10.64 14.31 -5.50
N ASN A 144 11.67 13.91 -4.82
CA ASN A 144 11.67 12.56 -4.20
C ASN A 144 11.14 12.64 -2.77
N THR A 145 9.87 12.90 -2.62
CA THR A 145 9.28 13.00 -1.26
C THR A 145 7.77 12.80 -1.34
N ARG A 146 7.34 11.79 -2.03
CA ARG A 146 5.87 11.54 -2.14
C ARG A 146 5.65 10.06 -2.47
N VAL A 147 4.82 9.39 -1.70
CA VAL A 147 4.57 7.95 -1.98
C VAL A 147 3.07 7.66 -1.86
N ARG A 148 2.62 6.58 -2.42
CA ARG A 148 1.17 6.25 -2.35
C ARG A 148 0.98 4.74 -2.24
N LEU A 149 0.27 4.28 -1.25
CA LEU A 149 0.04 2.82 -1.09
C LEU A 149 -1.06 2.38 -2.07
N VAL A 150 -0.73 1.57 -3.03
CA VAL A 150 -1.76 1.11 -4.00
C VAL A 150 -2.48 -0.12 -3.44
N PHE A 151 -3.77 -0.04 -3.32
CA PHE A 151 -4.55 -1.20 -2.78
C PHE A 151 -5.55 -1.66 -3.84
N ARG A 152 -5.20 -2.65 -4.61
CA ARG A 152 -6.14 -3.13 -5.65
C ARG A 152 -6.17 -4.66 -5.64
N VAL A 153 -7.34 -5.24 -5.61
CA VAL A 153 -7.42 -6.72 -5.61
C VAL A 153 -7.95 -7.18 -6.97
N HIS A 154 -7.28 -8.10 -7.60
CA HIS A 154 -7.73 -8.57 -8.93
C HIS A 154 -7.91 -10.09 -8.91
N VAL A 155 -9.13 -10.54 -8.93
CA VAL A 155 -9.37 -12.01 -8.91
C VAL A 155 -9.64 -12.51 -10.34
N PRO A 156 -9.11 -13.67 -10.65
CA PRO A 156 -9.29 -14.26 -11.99
C PRO A 156 -10.69 -14.87 -12.11
N GLN A 157 -11.49 -14.33 -12.98
CA GLN A 157 -12.88 -14.88 -13.13
C GLN A 157 -13.28 -14.83 -14.61
N PRO A 158 -14.31 -15.56 -14.94
CA PRO A 158 -14.82 -15.62 -16.33
C PRO A 158 -15.64 -14.36 -16.63
N SER A 159 -16.63 -14.10 -15.81
CA SER A 159 -17.48 -12.89 -16.03
C SER A 159 -16.58 -11.69 -16.32
N GLY A 160 -17.17 -10.59 -16.70
CA GLY A 160 -16.35 -9.38 -17.00
C GLY A 160 -16.25 -8.50 -15.77
N ARG A 161 -17.35 -7.94 -15.35
CA ARG A 161 -17.34 -7.07 -14.15
C ARG A 161 -17.33 -7.98 -12.92
N THR A 162 -16.19 -8.50 -12.60
CA THR A 162 -16.09 -9.44 -11.47
C THR A 162 -15.52 -8.73 -10.23
N LEU A 163 -14.30 -9.01 -9.83
CA LEU A 163 -13.75 -8.33 -8.63
C LEU A 163 -12.37 -7.75 -9.00
N SER A 164 -12.33 -6.50 -9.36
CA SER A 164 -11.01 -5.90 -9.73
C SER A 164 -11.12 -4.37 -9.70
N LEU A 165 -10.63 -3.76 -8.65
CA LEU A 165 -10.71 -2.27 -8.55
C LEU A 165 -9.37 -1.72 -8.07
N GLN A 166 -9.19 -0.43 -8.12
CA GLN A 166 -7.90 0.16 -7.67
C GLN A 166 -8.16 1.17 -6.54
N VAL A 167 -7.24 1.29 -5.62
CA VAL A 167 -7.44 2.25 -4.49
C VAL A 167 -6.09 2.85 -4.09
N ALA A 168 -5.53 3.69 -4.93
CA ALA A 168 -4.22 4.31 -4.60
C ALA A 168 -4.46 5.61 -3.83
N SER A 169 -4.19 5.62 -2.56
CA SER A 169 -4.41 6.87 -1.76
C SER A 169 -3.52 6.85 -0.51
N ASN A 170 -2.71 7.85 -0.35
CA ASN A 170 -1.81 7.90 0.84
C ASN A 170 -0.83 9.07 0.69
N PRO A 171 -1.18 10.20 1.26
CA PRO A 171 -0.35 11.41 1.21
C PRO A 171 0.83 11.30 2.18
N ILE A 172 2.01 11.11 1.68
CA ILE A 172 3.20 11.01 2.58
C ILE A 172 4.35 11.82 1.98
N GLU A 173 5.31 12.19 2.79
CA GLU A 173 6.46 12.97 2.25
C GLU A 173 7.77 12.34 2.69
N CYS A 174 8.61 11.99 1.76
CA CYS A 174 9.92 11.38 2.13
C CYS A 174 10.93 12.49 2.43
N SER A 175 12.19 12.15 2.57
CA SER A 175 13.20 13.20 2.87
C SER A 175 14.57 12.55 3.06
N GLN A 176 14.61 11.36 3.60
CA GLN A 176 15.91 10.68 3.81
C GLN A 176 16.78 10.84 2.57
N ARG A 177 17.65 11.82 2.57
CA ARG A 177 18.53 12.04 1.38
C ARG A 177 19.62 13.04 1.74
N SER A 178 20.74 12.99 1.06
CA SER A 178 21.83 13.96 1.37
C SER A 178 21.47 15.33 0.80
N MET A 1 -22.37 -24.27 -3.93
CA MET A 1 -21.92 -23.51 -2.73
C MET A 1 -22.86 -23.82 -1.55
N LYS A 2 -24.11 -23.49 -1.68
CA LYS A 2 -25.07 -23.75 -0.57
C LYS A 2 -26.48 -23.93 -1.15
N ASP A 3 -26.58 -24.62 -2.26
CA ASP A 3 -27.93 -24.83 -2.87
C ASP A 3 -27.79 -25.76 -4.08
N TRP A 4 -28.72 -25.69 -5.00
CA TRP A 4 -28.64 -26.56 -6.20
C TRP A 4 -28.02 -25.77 -7.36
N GLN A 5 -28.50 -24.59 -7.62
CA GLN A 5 -27.95 -23.78 -8.74
C GLN A 5 -28.93 -22.66 -9.11
N LEU A 6 -28.80 -21.52 -8.49
CA LEU A 6 -29.72 -20.40 -8.81
C LEU A 6 -28.91 -19.13 -9.08
N PRO A 7 -29.49 -18.23 -9.85
CA PRO A 7 -28.84 -16.96 -10.20
C PRO A 7 -28.98 -15.95 -9.06
N SER A 8 -28.00 -15.86 -8.21
CA SER A 8 -28.08 -14.89 -7.07
C SER A 8 -26.71 -14.27 -6.82
N HIS A 9 -26.03 -13.88 -7.87
CA HIS A 9 -24.67 -13.27 -7.69
C HIS A 9 -24.71 -11.82 -8.17
N SER A 10 -25.08 -10.91 -7.32
CA SER A 10 -25.14 -9.47 -7.73
C SER A 10 -24.76 -8.57 -6.55
N GLY A 11 -23.54 -8.11 -6.51
CA GLY A 11 -23.11 -7.23 -5.39
C GLY A 11 -21.89 -6.42 -5.82
N PRO A 12 -21.84 -5.18 -5.38
CA PRO A 12 -20.73 -4.27 -5.71
C PRO A 12 -19.51 -4.56 -4.85
N TYR A 13 -18.46 -5.10 -5.44
CA TYR A 13 -17.24 -5.41 -4.64
C TYR A 13 -16.76 -4.13 -3.95
N GLU A 14 -16.04 -4.26 -2.86
CA GLU A 14 -15.57 -3.04 -2.16
C GLU A 14 -14.26 -3.33 -1.42
N LEU A 15 -13.15 -2.89 -1.96
CA LEU A 15 -11.86 -3.12 -1.28
C LEU A 15 -11.31 -1.77 -0.81
N ARG A 16 -11.84 -1.24 0.26
CA ARG A 16 -11.38 0.07 0.76
C ARG A 16 -10.71 -0.08 2.13
N ILE A 17 -10.18 0.99 2.65
CA ILE A 17 -9.52 0.92 3.98
C ILE A 17 -10.58 1.13 5.07
N GLU A 18 -10.42 0.50 6.20
CA GLU A 18 -11.42 0.66 7.29
C GLU A 18 -11.20 2.00 7.99
N VAL A 19 -10.05 2.20 8.56
CA VAL A 19 -9.76 3.48 9.26
C VAL A 19 -8.73 4.28 8.45
N GLN A 20 -8.94 5.54 8.28
CA GLN A 20 -7.98 6.36 7.50
C GLN A 20 -7.59 7.61 8.31
N PRO A 21 -6.90 7.38 9.42
CA PRO A 21 -6.46 8.47 10.30
C PRO A 21 -5.23 9.17 9.73
N LYS A 22 -4.68 10.11 10.44
CA LYS A 22 -3.48 10.82 9.93
C LYS A 22 -2.33 9.83 9.76
N SER A 23 -1.43 10.07 8.86
CA SER A 23 -0.31 9.13 8.65
C SER A 23 0.81 9.80 7.85
N HIS A 24 1.38 10.85 8.38
CA HIS A 24 2.48 11.54 7.64
C HIS A 24 3.81 11.08 8.22
N HIS A 25 4.88 11.34 7.54
CA HIS A 25 6.21 10.92 8.05
C HIS A 25 7.24 12.02 7.78
N ARG A 26 7.70 12.68 8.81
CA ARG A 26 8.72 13.75 8.62
C ARG A 26 10.10 13.10 8.65
N ALA A 27 10.38 12.28 7.68
CA ALA A 27 11.68 11.58 7.63
C ALA A 27 12.76 12.55 7.12
N HIS A 28 13.29 13.35 7.98
CA HIS A 28 14.35 14.32 7.56
C HIS A 28 14.71 15.23 8.72
N TYR A 29 15.91 15.11 9.23
CA TYR A 29 16.33 15.94 10.37
C TYR A 29 17.66 15.43 10.93
N GLU A 30 18.25 16.14 11.83
CA GLU A 30 19.55 15.69 12.41
C GLU A 30 19.81 16.41 13.73
N THR A 31 18.77 16.75 14.45
CA THR A 31 18.96 17.44 15.75
C THR A 31 17.90 16.97 16.75
N GLU A 32 17.65 15.69 16.80
CA GLU A 32 16.63 15.17 17.75
C GLU A 32 17.19 13.96 18.49
N GLY A 33 17.87 13.09 17.79
CA GLY A 33 18.44 11.89 18.44
C GLY A 33 18.19 10.66 17.57
N SER A 34 17.69 9.60 18.15
CA SER A 34 17.41 8.37 17.35
C SER A 34 15.97 7.91 17.58
N ARG A 35 15.16 7.91 16.55
CA ARG A 35 13.75 7.47 16.72
C ARG A 35 12.98 7.74 15.42
N GLY A 36 13.26 6.98 14.40
CA GLY A 36 12.54 7.19 13.10
C GLY A 36 11.80 5.91 12.71
N ALA A 37 10.55 5.80 13.09
CA ALA A 37 9.78 4.57 12.74
C ALA A 37 8.47 4.96 12.09
N VAL A 38 7.72 4.00 11.64
CA VAL A 38 6.42 4.30 11.00
C VAL A 38 5.29 4.07 11.99
N LYS A 39 4.76 5.13 12.56
CA LYS A 39 3.65 4.96 13.55
C LYS A 39 2.79 6.24 13.57
N ALA A 40 1.59 6.17 13.08
CA ALA A 40 0.71 7.37 13.07
C ALA A 40 -0.75 6.94 12.91
N SER A 41 -1.01 6.04 12.00
CA SER A 41 -2.42 5.58 11.80
C SER A 41 -2.63 4.23 12.49
N ALA A 42 -3.25 4.24 13.63
CA ALA A 42 -3.50 2.96 14.36
C ALA A 42 -2.15 2.31 14.71
N GLY A 43 -1.20 3.10 15.15
CA GLY A 43 0.13 2.52 15.51
C GLY A 43 1.06 2.59 14.30
N GLY A 44 0.51 2.69 13.12
CA GLY A 44 1.37 2.75 11.90
C GLY A 44 0.57 2.25 10.69
N HIS A 45 0.18 3.15 9.82
CA HIS A 45 -0.60 2.72 8.63
C HIS A 45 -2.02 2.35 9.03
N PRO A 46 -2.97 2.62 8.15
CA PRO A 46 -4.39 2.32 8.38
C PRO A 46 -4.67 0.83 8.16
N ILE A 47 -5.90 0.44 8.32
CA ILE A 47 -6.26 -1.00 8.12
C ILE A 47 -6.73 -1.20 6.68
N VAL A 48 -6.67 -2.41 6.20
CA VAL A 48 -7.13 -2.67 4.80
C VAL A 48 -7.89 -3.99 4.73
N GLN A 49 -9.17 -3.97 4.95
CA GLN A 49 -9.98 -5.22 4.88
C GLN A 49 -10.66 -5.29 3.51
N LEU A 50 -11.34 -6.37 3.22
CA LEU A 50 -12.02 -6.47 1.90
C LEU A 50 -13.45 -7.01 2.09
N HIS A 51 -14.40 -6.42 1.41
CA HIS A 51 -15.81 -6.89 1.53
C HIS A 51 -16.47 -6.85 0.15
N GLY A 52 -16.20 -7.83 -0.68
CA GLY A 52 -16.81 -7.82 -2.04
C GLY A 52 -16.48 -9.13 -2.77
N TYR A 53 -17.28 -10.14 -2.60
CA TYR A 53 -17.01 -11.43 -3.30
C TYR A 53 -18.05 -12.47 -2.88
N LEU A 54 -18.64 -13.15 -3.81
CA LEU A 54 -19.65 -14.19 -3.47
C LEU A 54 -19.08 -15.59 -3.72
N GLU A 55 -17.84 -15.66 -4.10
CA GLU A 55 -17.22 -16.99 -4.37
C GLU A 55 -16.49 -17.49 -3.12
N ASN A 56 -16.53 -18.76 -2.86
CA ASN A 56 -15.83 -19.30 -1.65
C ASN A 56 -14.41 -19.70 -2.04
N GLU A 57 -13.80 -18.96 -2.93
CA GLU A 57 -12.40 -19.31 -3.34
C GLU A 57 -11.44 -18.22 -2.82
N PRO A 58 -10.21 -18.62 -2.59
CA PRO A 58 -9.17 -17.70 -2.08
C PRO A 58 -8.63 -16.82 -3.22
N LEU A 59 -8.51 -15.54 -2.98
CA LEU A 59 -7.98 -14.64 -4.03
C LEU A 59 -6.68 -14.00 -3.54
N MET A 60 -5.94 -13.40 -4.42
CA MET A 60 -4.66 -12.76 -3.99
C MET A 60 -4.84 -11.24 -3.96
N LEU A 61 -4.36 -10.60 -2.94
CA LEU A 61 -4.49 -9.12 -2.85
C LEU A 61 -3.27 -8.47 -3.52
N GLN A 62 -3.49 -7.46 -4.31
CA GLN A 62 -2.35 -6.78 -4.99
C GLN A 62 -1.93 -5.55 -4.19
N LEU A 63 -1.09 -5.72 -3.21
CA LEU A 63 -0.64 -4.55 -2.40
C LEU A 63 0.73 -4.11 -2.90
N PHE A 64 0.90 -2.83 -3.13
CA PHE A 64 2.22 -2.35 -3.64
C PHE A 64 2.38 -0.87 -3.26
N ILE A 65 3.58 -0.47 -2.94
CA ILE A 65 3.82 0.95 -2.58
C ILE A 65 4.51 1.65 -3.76
N GLY A 66 3.94 2.72 -4.25
CA GLY A 66 4.56 3.44 -5.40
C GLY A 66 4.52 4.95 -5.17
N THR A 67 5.48 5.65 -5.68
CA THR A 67 5.50 7.13 -5.49
C THR A 67 4.60 7.78 -6.53
N ALA A 68 4.12 8.97 -6.26
CA ALA A 68 3.23 9.65 -7.25
C ALA A 68 3.20 11.15 -6.95
N ASP A 69 3.66 11.96 -7.87
CA ASP A 69 3.65 13.43 -7.64
C ASP A 69 2.29 13.99 -8.05
N ASP A 70 1.61 13.32 -8.93
CA ASP A 70 0.27 13.80 -9.39
C ASP A 70 -0.63 12.60 -9.68
N ARG A 71 -0.10 11.59 -10.31
CA ARG A 71 -0.94 10.40 -10.63
C ARG A 71 -0.05 9.32 -11.28
N LEU A 72 0.91 9.72 -12.05
CA LEU A 72 1.81 8.73 -12.70
C LEU A 72 2.29 7.70 -11.68
N LEU A 73 1.58 6.62 -11.53
CA LEU A 73 2.00 5.58 -10.55
C LEU A 73 3.40 5.09 -10.89
N ARG A 74 4.10 4.57 -9.92
CA ARG A 74 5.48 4.08 -10.18
C ARG A 74 6.02 3.41 -8.90
N PRO A 75 7.17 2.79 -9.00
CA PRO A 75 7.80 2.11 -7.85
C PRO A 75 8.46 3.14 -6.93
N HIS A 76 8.73 2.76 -5.70
CA HIS A 76 9.36 3.72 -4.76
C HIS A 76 10.76 4.09 -5.25
N ALA A 77 11.26 5.23 -4.85
CA ALA A 77 12.62 5.64 -5.31
C ALA A 77 13.65 5.35 -4.21
N PHE A 78 13.38 5.75 -3.00
CA PHE A 78 14.35 5.51 -1.90
C PHE A 78 13.69 4.66 -0.81
N TYR A 79 12.72 3.86 -1.16
CA TYR A 79 12.05 3.02 -0.14
C TYR A 79 11.74 1.64 -0.75
N GLN A 80 11.75 0.61 0.05
CA GLN A 80 11.47 -0.75 -0.50
C GLN A 80 11.17 -1.71 0.66
N VAL A 81 11.84 -1.56 1.78
CA VAL A 81 11.59 -2.49 2.92
C VAL A 81 10.10 -2.56 3.20
N HIS A 82 9.61 -3.72 3.56
CA HIS A 82 8.16 -3.86 3.86
C HIS A 82 7.89 -5.27 4.35
N ARG A 83 8.37 -5.62 5.52
CA ARG A 83 8.14 -6.98 6.05
C ARG A 83 7.71 -6.90 7.51
N ILE A 84 6.99 -7.89 7.98
CA ILE A 84 6.54 -7.87 9.40
C ILE A 84 7.45 -8.78 10.23
N THR A 85 7.73 -8.41 11.44
CA THR A 85 8.61 -9.24 12.30
C THR A 85 8.00 -9.36 13.70
N GLY A 86 8.76 -9.82 14.67
CA GLY A 86 8.24 -9.95 16.04
C GLY A 86 6.82 -10.49 16.02
N LYS A 87 5.85 -9.68 16.32
CA LYS A 87 4.44 -10.13 16.31
C LYS A 87 3.95 -10.28 14.87
N THR A 88 3.57 -11.48 14.48
CA THR A 88 3.10 -11.69 13.08
C THR A 88 1.59 -11.40 13.01
N VAL A 89 1.05 -11.34 11.83
CA VAL A 89 -0.41 -11.07 11.70
C VAL A 89 -1.14 -12.37 11.36
N SER A 90 -2.42 -12.42 11.58
CA SER A 90 -3.18 -13.67 11.27
C SER A 90 -3.46 -13.73 9.76
N THR A 91 -2.95 -12.78 9.01
CA THR A 91 -3.19 -12.79 7.54
C THR A 91 -1.91 -13.25 6.82
N THR A 92 -1.88 -14.49 6.40
CA THR A 92 -0.67 -14.99 5.69
C THR A 92 -0.22 -13.98 4.63
N SER A 93 0.94 -13.42 4.79
CA SER A 93 1.44 -12.42 3.80
C SER A 93 2.66 -12.98 3.08
N HIS A 94 3.14 -12.28 2.09
CA HIS A 94 4.34 -12.76 1.34
C HIS A 94 5.04 -11.57 0.69
N GLU A 95 6.27 -11.75 0.30
CA GLU A 95 7.03 -10.63 -0.33
C GLU A 95 7.54 -11.08 -1.71
N ALA A 96 7.37 -10.26 -2.71
CA ALA A 96 7.86 -10.64 -4.07
C ALA A 96 8.79 -9.55 -4.60
N ILE A 97 10.01 -9.91 -4.91
CA ILE A 97 10.97 -8.90 -5.44
C ILE A 97 11.27 -9.20 -6.91
N LEU A 98 11.37 -8.19 -7.72
CA LEU A 98 11.67 -8.43 -9.17
C LEU A 98 12.79 -7.50 -9.63
N SER A 99 13.87 -7.44 -8.88
CA SER A 99 15.00 -6.56 -9.28
C SER A 99 14.68 -5.10 -8.94
N ASN A 100 15.39 -4.54 -7.99
CA ASN A 100 15.17 -3.12 -7.60
C ASN A 100 13.67 -2.80 -7.50
N THR A 101 12.86 -3.75 -7.12
CA THR A 101 11.41 -3.46 -7.01
C THR A 101 10.72 -4.50 -6.11
N LYS A 102 10.56 -4.19 -4.86
CA LYS A 102 9.89 -5.15 -3.93
C LYS A 102 8.38 -4.92 -3.97
N VAL A 103 7.60 -5.91 -3.68
CA VAL A 103 6.11 -5.74 -3.70
C VAL A 103 5.49 -6.56 -2.59
N LEU A 104 4.21 -6.42 -2.38
CA LEU A 104 3.54 -7.21 -1.30
C LEU A 104 2.39 -8.02 -1.88
N GLU A 105 2.33 -9.29 -1.57
CA GLU A 105 1.22 -10.14 -2.09
C GLU A 105 0.65 -10.97 -0.93
N ILE A 106 -0.62 -10.85 -0.66
CA ILE A 106 -1.22 -11.63 0.46
C ILE A 106 -2.53 -12.29 0.01
N PRO A 107 -2.54 -13.60 -0.05
CA PRO A 107 -3.74 -14.36 -0.45
C PRO A 107 -4.73 -14.40 0.71
N LEU A 108 -5.92 -13.91 0.52
CA LEU A 108 -6.91 -13.91 1.64
C LEU A 108 -8.22 -14.56 1.19
N LEU A 109 -9.06 -14.89 2.14
CA LEU A 109 -10.37 -15.54 1.81
C LEU A 109 -11.28 -14.45 1.19
N PRO A 110 -12.54 -14.75 0.99
CA PRO A 110 -13.48 -13.78 0.39
C PRO A 110 -13.91 -12.73 1.41
N GLU A 111 -14.79 -13.07 2.31
CA GLU A 111 -15.24 -12.06 3.32
C GLU A 111 -16.08 -12.74 4.40
N ASN A 112 -15.58 -13.78 5.00
CA ASN A 112 -16.35 -14.47 6.05
C ASN A 112 -16.21 -13.69 7.37
N SER A 113 -15.02 -13.22 7.65
CA SER A 113 -14.80 -12.45 8.91
C SER A 113 -13.29 -12.35 9.18
N MET A 114 -12.65 -11.35 8.63
CA MET A 114 -11.18 -11.21 8.87
C MET A 114 -10.73 -9.79 8.53
N ARG A 115 -9.85 -9.24 9.32
CA ARG A 115 -9.36 -7.87 9.05
C ARG A 115 -7.84 -7.91 8.83
N ALA A 116 -7.34 -7.20 7.86
CA ALA A 116 -5.88 -7.22 7.60
C ALA A 116 -5.27 -5.85 7.94
N VAL A 117 -4.71 -5.72 9.10
CA VAL A 117 -4.10 -4.41 9.48
C VAL A 117 -2.60 -4.44 9.19
N ILE A 118 -2.10 -3.48 8.46
CA ILE A 118 -0.64 -3.47 8.15
C ILE A 118 0.06 -2.43 9.04
N ASP A 119 0.86 -2.88 9.95
CA ASP A 119 1.57 -1.92 10.86
C ASP A 119 2.95 -2.48 11.22
N CYS A 120 3.65 -3.04 10.28
CA CYS A 120 4.99 -3.61 10.58
C CYS A 120 5.92 -3.42 9.38
N ALA A 121 6.10 -2.20 8.95
CA ALA A 121 6.99 -1.94 7.79
C ALA A 121 8.00 -0.86 8.17
N GLY A 122 9.16 -0.86 7.56
CA GLY A 122 10.18 0.17 7.89
C GLY A 122 10.41 1.08 6.70
N ILE A 123 11.37 1.97 6.80
CA ILE A 123 11.65 2.90 5.67
C ILE A 123 13.13 2.79 5.28
N LEU A 124 13.52 3.40 4.21
CA LEU A 124 14.95 3.33 3.79
C LEU A 124 15.40 4.69 3.26
N LYS A 125 16.68 4.92 3.21
CA LYS A 125 17.18 6.22 2.69
C LYS A 125 18.36 5.98 1.75
N LEU A 126 18.28 6.48 0.55
CA LEU A 126 19.40 6.28 -0.42
C LEU A 126 20.40 7.43 -0.28
N ARG A 127 21.58 7.27 -0.85
CA ARG A 127 22.60 8.34 -0.75
C ARG A 127 23.65 8.15 -1.85
N ASN A 128 23.26 7.56 -2.96
CA ASN A 128 24.23 7.34 -4.06
C ASN A 128 23.60 7.77 -5.39
N SER A 129 22.49 8.46 -5.34
CA SER A 129 21.83 8.90 -6.59
C SER A 129 21.36 10.35 -6.43
N ASP A 130 20.18 10.54 -5.88
CA ASP A 130 19.63 11.92 -5.69
C ASP A 130 18.96 12.40 -6.98
N ILE A 131 17.98 11.68 -7.44
CA ILE A 131 17.28 12.08 -8.69
C ILE A 131 15.99 12.82 -8.34
N GLU A 132 15.85 14.04 -8.79
CA GLU A 132 14.61 14.81 -8.49
C GLU A 132 14.57 16.08 -9.33
N LEU A 133 13.67 16.16 -10.28
CA LEU A 133 13.59 17.37 -11.14
C LEU A 133 12.15 17.90 -11.13
N ARG A 134 11.98 19.18 -10.97
CA ARG A 134 10.60 19.75 -10.95
C ARG A 134 10.68 21.27 -10.77
N LYS A 135 9.57 21.90 -10.50
CA LYS A 135 9.59 23.38 -10.32
C LYS A 135 9.71 23.70 -8.84
N GLY A 136 10.35 24.79 -8.50
CA GLY A 136 10.50 25.16 -7.07
C GLY A 136 11.97 25.01 -6.65
N GLU A 137 12.29 25.39 -5.45
CA GLU A 137 13.71 25.27 -4.99
C GLU A 137 13.72 24.96 -3.49
N THR A 138 14.69 24.22 -3.04
CA THR A 138 14.76 23.89 -1.58
C THR A 138 16.13 24.29 -1.03
N ASP A 139 16.47 23.84 0.14
CA ASP A 139 17.79 24.20 0.73
C ASP A 139 18.89 23.37 0.06
N ILE A 140 19.13 22.18 0.54
CA ILE A 140 20.19 21.33 -0.07
C ILE A 140 19.66 19.90 -0.23
N GLY A 141 18.37 19.72 -0.14
CA GLY A 141 17.79 18.34 -0.29
C GLY A 141 16.32 18.36 0.12
N ARG A 142 15.83 17.27 0.65
CA ARG A 142 14.40 17.20 1.08
C ARG A 142 13.51 17.91 0.05
N LYS A 143 13.57 17.48 -1.19
CA LYS A 143 12.73 18.12 -2.24
C LYS A 143 11.46 17.29 -2.44
N ASN A 144 10.50 17.42 -1.56
CA ASN A 144 9.24 16.63 -1.71
C ASN A 144 9.55 15.14 -1.53
N THR A 145 8.72 14.44 -0.82
CA THR A 145 8.97 12.98 -0.62
C THR A 145 7.67 12.28 -0.23
N ARG A 146 6.63 12.45 -1.01
CA ARG A 146 5.34 11.79 -0.69
C ARG A 146 5.33 10.38 -1.29
N VAL A 147 4.30 9.64 -1.04
CA VAL A 147 4.23 8.26 -1.59
C VAL A 147 2.84 8.00 -2.19
N ARG A 148 2.59 6.80 -2.63
CA ARG A 148 1.26 6.48 -3.22
C ARG A 148 0.91 5.02 -2.94
N LEU A 149 0.16 4.75 -1.91
CA LEU A 149 -0.19 3.34 -1.60
C LEU A 149 -1.29 2.88 -2.54
N VAL A 150 -1.08 1.81 -3.26
CA VAL A 150 -2.12 1.34 -4.21
C VAL A 150 -2.73 0.03 -3.69
N PHE A 151 -3.99 0.06 -3.35
CA PHE A 151 -4.67 -1.17 -2.86
C PHE A 151 -5.66 -1.64 -3.91
N ARG A 152 -5.42 -2.77 -4.51
CA ARG A 152 -6.36 -3.27 -5.55
C ARG A 152 -6.37 -4.79 -5.56
N VAL A 153 -7.52 -5.40 -5.70
CA VAL A 153 -7.59 -6.88 -5.74
C VAL A 153 -8.02 -7.31 -7.14
N HIS A 154 -7.29 -8.20 -7.74
CA HIS A 154 -7.66 -8.63 -9.11
C HIS A 154 -7.72 -10.16 -9.18
N VAL A 155 -8.87 -10.70 -9.48
CA VAL A 155 -8.99 -12.18 -9.57
C VAL A 155 -8.90 -12.60 -11.03
N PRO A 156 -8.23 -13.69 -11.29
CA PRO A 156 -8.06 -14.21 -12.66
C PRO A 156 -9.35 -14.84 -13.16
N GLN A 157 -9.95 -14.26 -14.16
CA GLN A 157 -11.22 -14.81 -14.71
C GLN A 157 -11.14 -14.79 -16.24
N PRO A 158 -12.06 -15.50 -16.87
CA PRO A 158 -12.11 -15.58 -18.33
C PRO A 158 -12.71 -14.29 -18.91
N SER A 159 -13.96 -14.02 -18.63
CA SER A 159 -14.60 -12.78 -19.15
C SER A 159 -13.74 -11.57 -18.79
N GLY A 160 -13.83 -11.13 -17.56
CA GLY A 160 -13.01 -9.95 -17.13
C GLY A 160 -13.82 -9.10 -16.15
N ARG A 161 -15.08 -8.92 -16.42
CA ARG A 161 -15.93 -8.12 -15.50
C ARG A 161 -16.32 -9.02 -14.34
N THR A 162 -15.44 -9.17 -13.39
CA THR A 162 -15.72 -10.06 -12.23
C THR A 162 -15.30 -9.36 -10.94
N LEU A 163 -14.07 -9.51 -10.53
CA LEU A 163 -13.61 -8.86 -9.28
C LEU A 163 -12.28 -8.13 -9.55
N SER A 164 -12.32 -6.84 -9.69
CA SER A 164 -11.05 -6.10 -9.95
C SER A 164 -11.26 -4.62 -9.63
N LEU A 165 -10.58 -4.12 -8.63
CA LEU A 165 -10.75 -2.68 -8.27
C LEU A 165 -9.40 -1.98 -8.32
N GLN A 166 -9.38 -0.69 -8.11
CA GLN A 166 -8.10 0.06 -8.14
C GLN A 166 -8.18 1.24 -7.16
N VAL A 167 -7.52 1.14 -6.02
CA VAL A 167 -7.57 2.25 -5.04
C VAL A 167 -6.15 2.80 -4.83
N ALA A 168 -6.04 4.03 -4.44
CA ALA A 168 -4.68 4.62 -4.21
C ALA A 168 -4.79 5.72 -3.14
N SER A 169 -4.40 5.44 -1.94
CA SER A 169 -4.48 6.46 -0.86
C SER A 169 -3.15 6.56 -0.13
N ASN A 170 -2.92 7.64 0.58
CA ASN A 170 -1.64 7.79 1.32
C ASN A 170 -1.46 9.26 1.75
N PRO A 171 -1.80 9.55 2.98
CA PRO A 171 -1.69 10.91 3.52
C PRO A 171 -0.24 11.20 3.94
N ILE A 172 0.66 11.30 2.99
CA ILE A 172 2.08 11.58 3.34
C ILE A 172 2.64 12.62 2.36
N GLU A 173 3.16 13.70 2.89
CA GLU A 173 3.72 14.75 1.99
C GLU A 173 4.90 15.42 2.69
N CYS A 174 6.11 15.16 2.24
CA CYS A 174 7.30 15.78 2.88
C CYS A 174 7.54 17.16 2.28
N SER A 175 8.51 17.89 2.79
CA SER A 175 8.82 19.25 2.26
C SER A 175 7.86 20.29 2.88
N GLN A 176 6.60 19.97 2.99
CA GLN A 176 5.64 20.94 3.59
C GLN A 176 5.44 22.12 2.64
N ARG A 177 4.64 21.94 1.62
CA ARG A 177 4.39 23.05 0.66
C ARG A 177 3.24 22.69 -0.26
N SER A 178 3.21 21.49 -0.77
CA SER A 178 2.11 21.07 -1.66
C SER A 178 2.09 19.55 -1.80
N MET A 1 -42.50 2.39 -7.42
CA MET A 1 -41.07 2.04 -7.25
C MET A 1 -40.53 2.68 -5.97
N LYS A 2 -41.18 3.70 -5.48
CA LYS A 2 -40.71 4.36 -4.22
C LYS A 2 -40.94 3.42 -3.05
N ASP A 3 -41.98 2.63 -3.09
CA ASP A 3 -42.25 1.69 -1.97
C ASP A 3 -42.50 2.49 -0.69
N TRP A 4 -42.96 1.84 0.35
CA TRP A 4 -43.24 2.55 1.62
C TRP A 4 -41.92 2.82 2.36
N GLN A 5 -41.08 1.82 2.47
CA GLN A 5 -39.79 2.02 3.19
C GLN A 5 -39.02 0.69 3.25
N LEU A 6 -38.31 0.35 2.21
CA LEU A 6 -37.54 -0.93 2.21
C LEU A 6 -36.09 -0.65 2.63
N PRO A 7 -35.41 -1.69 3.04
CA PRO A 7 -34.00 -1.57 3.47
C PRO A 7 -33.08 -1.45 2.25
N SER A 8 -31.89 -0.96 2.44
CA SER A 8 -30.96 -0.81 1.28
C SER A 8 -29.60 -1.41 1.65
N HIS A 9 -29.59 -2.60 2.19
CA HIS A 9 -28.30 -3.24 2.56
C HIS A 9 -27.91 -4.26 1.49
N SER A 10 -26.69 -4.71 1.49
CA SER A 10 -26.25 -5.69 0.47
C SER A 10 -26.10 -4.98 -0.88
N GLY A 11 -25.17 -5.42 -1.68
CA GLY A 11 -24.97 -4.77 -3.02
C GLY A 11 -23.82 -5.45 -3.76
N PRO A 12 -23.08 -4.68 -4.51
CA PRO A 12 -21.93 -5.18 -5.29
C PRO A 12 -20.72 -5.41 -4.37
N TYR A 13 -19.54 -5.45 -4.92
CA TYR A 13 -18.33 -5.66 -4.08
C TYR A 13 -17.71 -4.31 -3.73
N GLU A 14 -16.85 -4.28 -2.73
CA GLU A 14 -16.22 -2.98 -2.35
C GLU A 14 -14.85 -3.24 -1.71
N LEU A 15 -13.91 -2.39 -1.98
CA LEU A 15 -12.54 -2.57 -1.40
C LEU A 15 -12.03 -1.21 -0.91
N ARG A 16 -12.17 -0.94 0.36
CA ARG A 16 -11.69 0.37 0.87
C ARG A 16 -10.98 0.18 2.22
N ILE A 17 -10.24 1.18 2.65
CA ILE A 17 -9.52 1.08 3.94
C ILE A 17 -10.42 1.67 5.04
N GLU A 18 -10.37 1.12 6.23
CA GLU A 18 -11.22 1.64 7.33
C GLU A 18 -10.66 2.97 7.86
N VAL A 19 -9.37 3.12 7.91
CA VAL A 19 -8.79 4.38 8.43
C VAL A 19 -7.41 4.61 7.84
N GLN A 20 -7.31 5.42 6.82
CA GLN A 20 -5.98 5.69 6.20
C GLN A 20 -5.00 6.12 7.30
N PRO A 21 -3.72 6.01 7.00
CA PRO A 21 -2.66 6.38 7.96
C PRO A 21 -2.48 7.90 8.01
N LYS A 22 -1.98 8.42 9.09
CA LYS A 22 -1.77 9.89 9.20
C LYS A 22 -1.12 10.40 7.91
N SER A 23 -1.14 11.68 7.71
CA SER A 23 -0.52 12.25 6.46
C SER A 23 0.92 12.68 6.75
N HIS A 24 1.55 12.11 7.73
CA HIS A 24 2.96 12.50 8.03
C HIS A 24 3.80 11.24 8.30
N HIS A 25 5.09 11.39 8.30
CA HIS A 25 5.98 10.23 8.55
C HIS A 25 7.38 10.75 8.94
N ARG A 26 7.73 10.64 10.19
CA ARG A 26 9.07 11.12 10.62
C ARG A 26 10.14 10.12 10.16
N ALA A 27 10.70 10.32 9.00
CA ALA A 27 11.74 9.39 8.49
C ALA A 27 12.82 10.19 7.74
N HIS A 28 13.82 10.65 8.44
CA HIS A 28 14.90 11.42 7.76
C HIS A 28 15.81 12.06 8.82
N TYR A 29 16.07 11.36 9.88
CA TYR A 29 16.96 11.92 10.93
C TYR A 29 18.06 10.92 11.28
N GLU A 30 17.71 9.83 11.92
CA GLU A 30 18.72 8.81 12.28
C GLU A 30 18.93 7.85 11.11
N THR A 31 20.11 7.79 10.57
CA THR A 31 20.37 6.87 9.44
C THR A 31 21.79 6.31 9.54
N GLU A 32 22.25 6.06 10.72
CA GLU A 32 23.64 5.53 10.89
C GLU A 32 23.64 4.45 11.99
N GLY A 33 22.78 3.49 11.90
CA GLY A 33 22.73 2.42 12.93
C GLY A 33 21.29 2.20 13.39
N SER A 34 20.96 1.00 13.78
CA SER A 34 19.57 0.71 14.23
C SER A 34 18.61 0.87 13.06
N ARG A 35 19.12 1.01 11.87
CA ARG A 35 18.22 1.17 10.69
C ARG A 35 17.23 2.29 10.95
N GLY A 36 16.09 1.97 11.51
CA GLY A 36 15.07 3.02 11.79
C GLY A 36 13.81 2.74 10.97
N ALA A 37 12.73 2.40 11.64
CA ALA A 37 11.46 2.11 10.91
C ALA A 37 10.38 3.08 11.37
N VAL A 38 9.24 3.04 10.74
CA VAL A 38 8.13 3.95 11.14
C VAL A 38 7.62 3.56 12.52
N LYS A 39 7.28 4.52 13.33
CA LYS A 39 6.77 4.19 14.69
C LYS A 39 5.68 5.19 15.09
N ALA A 40 4.45 4.76 15.06
CA ALA A 40 3.33 5.67 15.44
C ALA A 40 2.09 4.83 15.78
N SER A 41 1.77 4.71 17.04
CA SER A 41 0.59 3.89 17.43
C SER A 41 0.61 2.57 16.64
N ALA A 42 -0.23 2.42 15.65
CA ALA A 42 -0.20 1.16 14.86
C ALA A 42 0.79 1.34 13.71
N GLY A 43 1.97 1.84 14.00
CA GLY A 43 2.97 2.07 12.93
C GLY A 43 2.45 3.19 12.04
N GLY A 44 2.09 2.89 10.83
CA GLY A 44 1.54 3.95 9.93
C GLY A 44 0.03 4.01 10.12
N HIS A 45 -0.54 2.94 10.61
CA HIS A 45 -2.00 2.89 10.85
C HIS A 45 -2.82 2.62 9.56
N PRO A 46 -2.28 1.94 8.55
CA PRO A 46 -3.07 1.64 7.34
C PRO A 46 -3.99 0.45 7.63
N ILE A 47 -5.28 0.65 7.63
CA ILE A 47 -6.19 -0.50 7.92
C ILE A 47 -6.78 -0.99 6.60
N VAL A 48 -7.00 -2.27 6.45
CA VAL A 48 -7.57 -2.79 5.18
C VAL A 48 -8.65 -3.84 5.47
N GLN A 49 -9.82 -3.63 4.95
CA GLN A 49 -10.93 -4.61 5.16
C GLN A 49 -11.71 -4.75 3.85
N LEU A 50 -12.15 -5.93 3.53
CA LEU A 50 -12.91 -6.11 2.26
C LEU A 50 -14.33 -6.58 2.56
N HIS A 51 -15.29 -6.09 1.85
CA HIS A 51 -16.71 -6.52 2.09
C HIS A 51 -17.43 -6.67 0.76
N GLY A 52 -17.32 -7.81 0.12
CA GLY A 52 -18.03 -7.99 -1.18
C GLY A 52 -17.57 -9.28 -1.86
N TYR A 53 -18.39 -10.29 -1.85
CA TYR A 53 -18.01 -11.58 -2.52
C TYR A 53 -19.10 -12.62 -2.28
N LEU A 54 -19.17 -13.62 -3.13
CA LEU A 54 -20.19 -14.68 -2.95
C LEU A 54 -19.57 -16.04 -3.31
N GLU A 55 -18.28 -16.08 -3.48
CA GLU A 55 -17.62 -17.36 -3.84
C GLU A 55 -16.58 -17.73 -2.77
N ASN A 56 -16.41 -19.00 -2.50
CA ASN A 56 -15.42 -19.41 -1.47
C ASN A 56 -14.05 -19.63 -2.12
N GLU A 57 -13.70 -18.85 -3.10
CA GLU A 57 -12.38 -19.03 -3.77
C GLU A 57 -11.39 -17.99 -3.23
N PRO A 58 -10.17 -18.41 -2.98
CA PRO A 58 -9.11 -17.53 -2.45
C PRO A 58 -8.50 -16.70 -3.58
N LEU A 59 -7.97 -15.54 -3.27
CA LEU A 59 -7.34 -14.70 -4.32
C LEU A 59 -6.08 -14.06 -3.78
N MET A 60 -5.17 -13.69 -4.62
CA MET A 60 -3.91 -13.05 -4.15
C MET A 60 -4.14 -11.53 -4.03
N LEU A 61 -3.70 -10.95 -2.95
CA LEU A 61 -3.89 -9.48 -2.76
C LEU A 61 -2.73 -8.73 -3.40
N GLN A 62 -3.02 -7.73 -4.20
CA GLN A 62 -1.92 -6.96 -4.85
C GLN A 62 -1.65 -5.68 -4.06
N LEU A 63 -0.88 -5.77 -3.01
CA LEU A 63 -0.58 -4.54 -2.21
C LEU A 63 0.80 -4.02 -2.61
N PHE A 64 0.92 -2.74 -2.78
CA PHE A 64 2.23 -2.18 -3.18
C PHE A 64 2.38 -0.76 -2.59
N ILE A 65 3.57 -0.25 -2.57
CA ILE A 65 3.81 1.11 -2.02
C ILE A 65 4.60 1.92 -3.04
N GLY A 66 3.95 2.80 -3.75
CA GLY A 66 4.67 3.60 -4.77
C GLY A 66 4.46 5.09 -4.52
N THR A 67 5.38 5.91 -4.94
CA THR A 67 5.23 7.37 -4.74
C THR A 67 4.24 7.93 -5.75
N ALA A 68 3.53 8.97 -5.41
CA ALA A 68 2.55 9.55 -6.36
C ALA A 68 2.34 11.03 -6.05
N ASP A 69 2.71 11.90 -6.96
CA ASP A 69 2.53 13.36 -6.72
C ASP A 69 1.10 13.77 -7.12
N ASP A 70 0.36 12.88 -7.72
CA ASP A 70 -1.02 13.22 -8.14
C ASP A 70 -1.82 11.93 -8.36
N ARG A 71 -1.24 10.96 -9.02
CA ARG A 71 -1.97 9.68 -9.26
C ARG A 71 -1.04 8.68 -9.94
N LEU A 72 -0.15 9.16 -10.77
CA LEU A 72 0.79 8.23 -11.48
C LEU A 72 1.49 7.33 -10.45
N LEU A 73 0.91 6.21 -10.14
CA LEU A 73 1.54 5.29 -9.16
C LEU A 73 2.86 4.76 -9.72
N ARG A 74 3.91 4.86 -8.96
CA ARG A 74 5.23 4.35 -9.44
C ARG A 74 6.02 3.76 -8.26
N PRO A 75 6.99 2.94 -8.57
CA PRO A 75 7.82 2.29 -7.55
C PRO A 75 8.84 3.29 -6.98
N HIS A 76 9.10 3.22 -5.71
CA HIS A 76 10.08 4.17 -5.10
C HIS A 76 11.48 3.89 -5.64
N ALA A 77 12.37 4.84 -5.51
CA ALA A 77 13.75 4.64 -6.03
C ALA A 77 14.53 3.68 -5.12
N PHE A 78 14.78 4.07 -3.90
CA PHE A 78 15.55 3.18 -2.98
C PHE A 78 14.65 2.68 -1.85
N TYR A 79 13.42 3.14 -1.79
CA TYR A 79 12.51 2.67 -0.72
C TYR A 79 11.87 1.35 -1.16
N GLN A 80 12.29 0.25 -0.59
CA GLN A 80 11.69 -1.06 -0.99
C GLN A 80 11.59 -1.97 0.23
N VAL A 81 11.80 -1.47 1.41
CA VAL A 81 11.69 -2.33 2.61
C VAL A 81 10.22 -2.58 2.93
N HIS A 82 9.92 -3.74 3.46
CA HIS A 82 8.51 -4.06 3.79
C HIS A 82 8.44 -5.42 4.49
N ARG A 83 8.97 -5.51 5.68
CA ARG A 83 8.94 -6.81 6.40
C ARG A 83 8.25 -6.65 7.74
N ILE A 84 7.44 -7.60 8.12
CA ILE A 84 6.73 -7.50 9.43
C ILE A 84 7.46 -8.33 10.48
N THR A 85 7.66 -7.78 11.65
CA THR A 85 8.36 -8.55 12.72
C THR A 85 7.50 -8.53 13.99
N GLY A 86 8.08 -8.86 15.11
CA GLY A 86 7.32 -8.88 16.38
C GLY A 86 5.93 -9.49 16.15
N LYS A 87 4.89 -8.76 16.49
CA LYS A 87 3.52 -9.30 16.29
C LYS A 87 3.16 -9.24 14.81
N THR A 88 3.10 -10.37 14.16
CA THR A 88 2.75 -10.39 12.71
C THR A 88 1.25 -10.63 12.56
N VAL A 89 0.79 -10.73 11.34
CA VAL A 89 -0.67 -10.96 11.11
C VAL A 89 -0.93 -12.47 11.10
N SER A 90 -1.94 -12.91 11.82
CA SER A 90 -2.25 -14.36 11.84
C SER A 90 -2.91 -14.78 10.53
N THR A 91 -3.10 -13.86 9.63
CA THR A 91 -3.74 -14.21 8.33
C THR A 91 -2.70 -14.83 7.40
N THR A 92 -1.93 -14.01 6.73
CA THR A 92 -0.89 -14.55 5.80
C THR A 92 -0.16 -13.39 5.13
N SER A 93 1.00 -13.65 4.57
CA SER A 93 1.75 -12.56 3.89
C SER A 93 2.85 -13.15 3.01
N HIS A 94 3.28 -12.41 2.04
CA HIS A 94 4.37 -12.91 1.13
C HIS A 94 5.08 -11.72 0.51
N GLU A 95 6.34 -11.87 0.20
CA GLU A 95 7.10 -10.72 -0.40
C GLU A 95 7.64 -11.12 -1.78
N ALA A 96 7.73 -10.19 -2.68
CA ALA A 96 8.26 -10.52 -4.04
C ALA A 96 9.03 -9.32 -4.59
N ILE A 97 10.28 -9.50 -4.90
CA ILE A 97 11.09 -8.38 -5.45
C ILE A 97 11.40 -8.64 -6.93
N LEU A 98 10.76 -7.94 -7.82
CA LEU A 98 11.04 -8.16 -9.27
C LEU A 98 11.77 -6.93 -9.83
N SER A 99 12.85 -7.16 -10.52
CA SER A 99 13.63 -6.05 -11.14
C SER A 99 13.60 -4.80 -10.25
N ASN A 100 14.47 -4.73 -9.27
CA ASN A 100 14.54 -3.53 -8.38
C ASN A 100 13.15 -3.03 -7.96
N THR A 101 12.17 -3.88 -7.86
CA THR A 101 10.82 -3.38 -7.44
C THR A 101 10.26 -4.29 -6.35
N LYS A 102 10.19 -3.81 -5.14
CA LYS A 102 9.64 -4.65 -4.03
C LYS A 102 8.12 -4.51 -4.00
N VAL A 103 7.41 -5.58 -3.81
CA VAL A 103 5.93 -5.51 -3.75
C VAL A 103 5.41 -6.51 -2.72
N LEU A 104 4.14 -6.48 -2.44
CA LEU A 104 3.58 -7.42 -1.43
C LEU A 104 2.44 -8.23 -2.04
N GLU A 105 2.43 -9.51 -1.80
CA GLU A 105 1.34 -10.38 -2.35
C GLU A 105 0.94 -11.39 -1.28
N ILE A 106 -0.31 -11.46 -0.93
CA ILE A 106 -0.73 -12.43 0.12
C ILE A 106 -1.92 -13.26 -0.38
N PRO A 107 -1.73 -14.56 -0.52
CA PRO A 107 -2.80 -15.46 -0.98
C PRO A 107 -3.78 -15.72 0.16
N LEU A 108 -4.87 -15.00 0.20
CA LEU A 108 -5.86 -15.19 1.29
C LEU A 108 -7.27 -14.98 0.75
N LEU A 109 -8.27 -15.35 1.51
CA LEU A 109 -9.67 -15.16 1.04
C LEU A 109 -10.41 -14.14 1.93
N PRO A 110 -10.15 -12.88 1.71
CA PRO A 110 -10.79 -11.79 2.48
C PRO A 110 -12.16 -11.47 1.89
N GLU A 111 -12.90 -12.47 1.49
CA GLU A 111 -14.24 -12.20 0.88
C GLU A 111 -15.34 -12.89 1.69
N ASN A 112 -15.08 -13.19 2.94
CA ASN A 112 -16.11 -13.85 3.76
C ASN A 112 -16.41 -13.00 4.99
N SER A 113 -15.39 -12.63 5.72
CA SER A 113 -15.60 -11.79 6.93
C SER A 113 -14.34 -11.84 7.79
N MET A 114 -13.39 -10.98 7.51
CA MET A 114 -12.14 -10.98 8.31
C MET A 114 -11.49 -9.60 8.26
N ARG A 115 -10.88 -9.19 9.34
CA ARG A 115 -10.22 -7.87 9.36
C ARG A 115 -8.72 -8.08 9.19
N ALA A 116 -8.06 -7.20 8.49
CA ALA A 116 -6.59 -7.36 8.29
C ALA A 116 -5.88 -6.04 8.51
N VAL A 117 -5.37 -5.82 9.69
CA VAL A 117 -4.66 -4.53 9.96
C VAL A 117 -3.19 -4.67 9.54
N ILE A 118 -2.69 -3.73 8.80
CA ILE A 118 -1.27 -3.81 8.35
C ILE A 118 -0.49 -2.63 8.94
N ASP A 119 0.63 -2.90 9.54
CA ASP A 119 1.43 -1.79 10.15
C ASP A 119 2.78 -2.33 10.60
N CYS A 120 3.54 -2.91 9.71
CA CYS A 120 4.87 -3.46 10.11
C CYS A 120 5.86 -3.28 8.97
N ALA A 121 5.87 -2.14 8.34
CA ALA A 121 6.83 -1.90 7.22
C ALA A 121 7.60 -0.62 7.50
N GLY A 122 8.67 -0.39 6.79
CA GLY A 122 9.47 0.85 7.03
C GLY A 122 9.92 1.44 5.68
N ILE A 123 10.64 2.52 5.71
CA ILE A 123 11.13 3.14 4.45
C ILE A 123 12.66 3.16 4.45
N LEU A 124 13.26 3.25 3.30
CA LEU A 124 14.75 3.28 3.25
C LEU A 124 15.23 4.72 3.08
N LYS A 125 16.10 5.17 3.94
CA LYS A 125 16.60 6.57 3.83
C LYS A 125 17.98 6.57 3.16
N LEU A 126 18.00 6.65 1.84
CA LEU A 126 19.30 6.66 1.12
C LEU A 126 19.51 8.02 0.46
N ARG A 127 18.54 8.90 0.55
CA ARG A 127 18.70 10.24 -0.08
C ARG A 127 18.81 10.08 -1.60
N ASN A 128 18.56 11.12 -2.34
CA ASN A 128 18.65 11.03 -3.82
C ASN A 128 19.76 11.96 -4.32
N SER A 129 20.91 11.89 -3.71
CA SER A 129 22.04 12.76 -4.15
C SER A 129 22.49 12.35 -5.55
N ASP A 130 22.31 11.11 -5.90
CA ASP A 130 22.73 10.65 -7.26
C ASP A 130 22.71 9.11 -7.31
N ILE A 131 21.57 8.52 -7.14
CA ILE A 131 21.48 7.03 -7.18
C ILE A 131 21.67 6.54 -8.62
N GLU A 132 22.81 5.99 -8.92
CA GLU A 132 23.05 5.49 -10.31
C GLU A 132 22.41 4.12 -10.48
N LEU A 133 21.16 4.08 -10.87
CA LEU A 133 20.49 2.76 -11.06
C LEU A 133 20.99 2.09 -12.34
N ARG A 134 20.83 0.80 -12.46
CA ARG A 134 21.30 0.10 -13.68
C ARG A 134 20.48 0.56 -14.88
N LYS A 135 20.59 -0.12 -15.99
CA LYS A 135 19.82 0.28 -17.20
C LYS A 135 18.38 0.63 -16.80
N GLY A 136 18.04 1.88 -16.79
CA GLY A 136 16.65 2.26 -16.41
C GLY A 136 15.87 2.69 -17.66
N GLU A 137 14.98 3.62 -17.51
CA GLU A 137 14.18 4.08 -18.69
C GLU A 137 13.25 5.22 -18.26
N THR A 138 12.76 5.17 -17.05
CA THR A 138 11.85 6.25 -16.59
C THR A 138 12.10 6.50 -15.09
N ASP A 139 11.43 7.46 -14.52
CA ASP A 139 11.62 7.75 -13.07
C ASP A 139 13.04 8.27 -12.84
N ILE A 140 13.19 9.56 -12.72
CA ILE A 140 14.55 10.14 -12.50
C ILE A 140 14.44 11.66 -12.34
N GLY A 141 13.47 12.12 -11.61
CA GLY A 141 13.30 13.58 -11.42
C GLY A 141 13.90 14.00 -10.07
N ARG A 142 14.27 13.04 -9.26
CA ARG A 142 14.86 13.36 -7.93
C ARG A 142 14.15 14.56 -7.29
N LYS A 143 12.87 14.66 -7.47
CA LYS A 143 12.13 15.81 -6.90
C LYS A 143 10.94 15.28 -6.08
N ASN A 144 10.69 15.87 -4.94
CA ASN A 144 9.55 15.41 -4.10
C ASN A 144 9.84 14.00 -3.57
N THR A 145 9.12 13.57 -2.57
CA THR A 145 9.36 12.22 -2.01
C THR A 145 8.10 11.73 -1.29
N ARG A 146 6.97 11.77 -1.96
CA ARG A 146 5.71 11.32 -1.33
C ARG A 146 5.58 9.80 -1.48
N VAL A 147 4.67 9.21 -0.75
CA VAL A 147 4.49 7.73 -0.85
C VAL A 147 2.99 7.41 -0.79
N ARG A 148 2.59 6.32 -1.40
CA ARG A 148 1.15 5.95 -1.37
C ARG A 148 0.99 4.44 -1.55
N LEU A 149 0.32 3.79 -0.65
CA LEU A 149 0.14 2.31 -0.78
C LEU A 149 -0.98 2.01 -1.76
N VAL A 150 -0.65 1.50 -2.91
CA VAL A 150 -1.70 1.17 -3.92
C VAL A 150 -2.35 -0.18 -3.59
N PHE A 151 -3.64 -0.20 -3.43
CA PHE A 151 -4.34 -1.48 -3.12
C PHE A 151 -5.17 -1.89 -4.34
N ARG A 152 -4.92 -3.05 -4.89
CA ARG A 152 -5.71 -3.48 -6.08
C ARG A 152 -5.94 -4.99 -6.04
N VAL A 153 -7.18 -5.41 -6.08
CA VAL A 153 -7.47 -6.88 -6.07
C VAL A 153 -8.11 -7.24 -7.41
N HIS A 154 -7.61 -8.25 -8.06
CA HIS A 154 -8.19 -8.64 -9.36
C HIS A 154 -8.47 -10.14 -9.38
N VAL A 155 -9.71 -10.53 -9.43
CA VAL A 155 -10.04 -11.98 -9.44
C VAL A 155 -10.30 -12.42 -10.89
N PRO A 156 -9.84 -13.60 -11.23
CA PRO A 156 -10.01 -14.15 -12.59
C PRO A 156 -11.45 -14.63 -12.80
N GLN A 157 -12.15 -14.00 -13.72
CA GLN A 157 -13.56 -14.39 -13.98
C GLN A 157 -13.77 -14.53 -15.50
N PRO A 158 -14.85 -15.16 -15.88
CA PRO A 158 -15.19 -15.35 -17.30
C PRO A 158 -15.72 -14.05 -17.90
N SER A 159 -16.83 -13.56 -17.40
CA SER A 159 -17.39 -12.29 -17.93
C SER A 159 -16.41 -11.15 -17.62
N GLY A 160 -16.59 -10.51 -16.49
CA GLY A 160 -15.67 -9.39 -16.13
C GLY A 160 -16.28 -8.57 -14.99
N ARG A 161 -17.58 -8.55 -14.91
CA ARG A 161 -18.25 -7.78 -13.83
C ARG A 161 -18.19 -8.60 -12.55
N THR A 162 -17.07 -8.58 -11.89
CA THR A 162 -16.92 -9.37 -10.64
C THR A 162 -16.23 -8.50 -9.58
N LEU A 163 -14.94 -8.39 -9.61
CA LEU A 163 -14.24 -7.54 -8.60
C LEU A 163 -12.84 -7.17 -9.12
N SER A 164 -12.67 -5.96 -9.51
CA SER A 164 -11.35 -5.53 -10.02
C SER A 164 -11.29 -3.99 -10.05
N LEU A 165 -10.95 -3.38 -8.95
CA LEU A 165 -10.90 -1.88 -8.93
C LEU A 165 -9.57 -1.42 -8.31
N GLN A 166 -9.29 -0.15 -8.42
CA GLN A 166 -8.02 0.38 -7.84
C GLN A 166 -8.31 1.10 -6.51
N VAL A 167 -7.37 1.08 -5.60
CA VAL A 167 -7.60 1.75 -4.29
C VAL A 167 -6.28 2.38 -3.80
N ALA A 168 -5.86 3.44 -4.43
CA ALA A 168 -4.59 4.09 -3.99
C ALA A 168 -4.91 5.36 -3.19
N SER A 169 -4.23 5.55 -2.10
CA SER A 169 -4.51 6.77 -1.26
C SER A 169 -3.50 6.84 -0.11
N ASN A 170 -2.94 7.99 0.12
CA ASN A 170 -1.95 8.13 1.23
C ASN A 170 -1.27 9.49 1.13
N PRO A 171 -1.74 10.44 1.91
CA PRO A 171 -1.18 11.80 1.92
C PRO A 171 0.11 11.84 2.73
N ILE A 172 1.17 11.29 2.20
CA ILE A 172 2.47 11.31 2.94
C ILE A 172 3.43 12.28 2.25
N GLU A 173 3.98 13.20 3.00
CA GLU A 173 4.92 14.18 2.38
C GLU A 173 6.32 14.01 2.98
N CYS A 174 7.33 14.21 2.19
CA CYS A 174 8.73 14.06 2.71
C CYS A 174 9.43 15.42 2.72
N SER A 175 10.71 15.43 2.96
CA SER A 175 11.45 16.73 2.97
C SER A 175 10.95 17.59 4.14
N GLN A 176 11.79 17.82 5.11
CA GLN A 176 11.37 18.65 6.28
C GLN A 176 12.42 19.72 6.55
N ARG A 177 12.52 20.18 7.77
CA ARG A 177 13.53 21.21 8.10
C ARG A 177 14.94 20.63 7.97
N SER A 178 15.93 21.45 7.85
CA SER A 178 17.32 20.94 7.72
C SER A 178 17.39 19.93 6.57
#